data_1TCW
# 
_entry.id   1TCW 
# 
_audit_conform.dict_name       mmcif_pdbx.dic 
_audit_conform.dict_version    5.386 
_audit_conform.dict_location   http://mmcif.pdb.org/dictionaries/ascii/mmcif_pdbx.dic 
# 
loop_
_database_2.database_id 
_database_2.database_code 
_database_2.pdbx_database_accession 
_database_2.pdbx_DOI 
PDB   1TCW         pdb_00001tcw 10.2210/pdb1tcw/pdb 
WWPDB D_1000176624 ?            ?                   
# 
loop_
_pdbx_audit_revision_history.ordinal 
_pdbx_audit_revision_history.data_content_type 
_pdbx_audit_revision_history.major_revision 
_pdbx_audit_revision_history.minor_revision 
_pdbx_audit_revision_history.revision_date 
1 'Structure model' 1 0 1996-12-07 
2 'Structure model' 1 1 2008-03-24 
3 'Structure model' 1 2 2011-07-13 
4 'Structure model' 1 3 2024-02-14 
# 
_pdbx_audit_revision_details.ordinal             1 
_pdbx_audit_revision_details.revision_ordinal    1 
_pdbx_audit_revision_details.data_content_type   'Structure model' 
_pdbx_audit_revision_details.provider            repository 
_pdbx_audit_revision_details.type                'Initial release' 
_pdbx_audit_revision_details.description         ? 
_pdbx_audit_revision_details.details             ? 
# 
loop_
_pdbx_audit_revision_group.ordinal 
_pdbx_audit_revision_group.revision_ordinal 
_pdbx_audit_revision_group.data_content_type 
_pdbx_audit_revision_group.group 
1 2 'Structure model' 'Version format compliance' 
2 3 'Structure model' 'Version format compliance' 
3 4 'Structure model' 'Data collection'           
4 4 'Structure model' 'Database references'       
5 4 'Structure model' 'Derived calculations'      
6 4 'Structure model' Other                       
# 
loop_
_pdbx_audit_revision_category.ordinal 
_pdbx_audit_revision_category.revision_ordinal 
_pdbx_audit_revision_category.data_content_type 
_pdbx_audit_revision_category.category 
1 4 'Structure model' chem_comp_atom       
2 4 'Structure model' chem_comp_bond       
3 4 'Structure model' database_2           
4 4 'Structure model' pdbx_database_status 
5 4 'Structure model' struct_site          
# 
loop_
_pdbx_audit_revision_item.ordinal 
_pdbx_audit_revision_item.revision_ordinal 
_pdbx_audit_revision_item.data_content_type 
_pdbx_audit_revision_item.item 
1 4 'Structure model' '_database_2.pdbx_DOI'                
2 4 'Structure model' '_database_2.pdbx_database_accession' 
3 4 'Structure model' '_pdbx_database_status.process_site'  
4 4 'Structure model' '_struct_site.pdbx_auth_asym_id'      
5 4 'Structure model' '_struct_site.pdbx_auth_comp_id'      
6 4 'Structure model' '_struct_site.pdbx_auth_seq_id'       
# 
_pdbx_database_status.status_code                     REL 
_pdbx_database_status.entry_id                        1TCW 
_pdbx_database_status.recvd_initial_deposition_date   1996-06-05 
_pdbx_database_status.deposit_site                    ? 
_pdbx_database_status.process_site                    BNL 
_pdbx_database_status.SG_entry                        . 
_pdbx_database_status.pdb_format_compatible           Y 
_pdbx_database_status.status_code_mr                  ? 
_pdbx_database_status.status_code_sf                  ? 
_pdbx_database_status.status_code_cs                  ? 
_pdbx_database_status.status_code_nmr_data            ? 
_pdbx_database_status.methods_development_category    ? 
# 
loop_
_audit_author.name 
_audit_author.pdbx_ordinal 
'Hoog, S.S.'         1 
'Abdel-Meguid, S.S.' 2 
# 
loop_
_citation.id 
_citation.title 
_citation.journal_abbrev 
_citation.journal_volume 
_citation.page_first 
_citation.page_last 
_citation.year 
_citation.journal_id_ASTM 
_citation.country 
_citation.journal_id_ISSN 
_citation.journal_id_CSD 
_citation.book_publisher 
_citation.pdbx_database_id_PubMed 
_citation.pdbx_database_id_DOI 
primary 'Human immunodeficiency virus protease ligand specificity conferred by residues outside of the active site cavity.' 
Biochemistry 35 10279 10286 1996 BICHAW US 0006-2960 0033 ? 8756683 10.1021/bi960179j 
1       
;An Orally Bioavailable HIV-1 Protease Inhibitor Containing an Imidazole-Derived Peptide Bond Replacement: Crystallographic and Pharmacokinetic Analysis
;
Biochemistry 33 11671 ?     1994 BICHAW US 0006-2960 0033 ? ?       ?                 
# 
loop_
_citation_author.citation_id 
_citation_author.name 
_citation_author.ordinal 
_citation_author.identifier_ORCID 
primary 'Hoog, S.S.'         1  ? 
primary 'Towler, E.M.'       2  ? 
primary 'Zhao, B.'           3  ? 
primary 'Doyle, M.L.'        4  ? 
primary 'Debouck, C.'        5  ? 
primary 'Abdel-Meguid, S.S.' 6  ? 
1       'Abdel-Meguid, S.S.' 7  ? 
1       'Metcalf, B.W.'      8  ? 
1       'Carr, T.J.'         9  ? 
1       'Demarsh, P.'        10 ? 
1       'Desjarlais, R.L.'   11 ? 
1       'Fisher, S.'         12 ? 
1       'Green, D.W.'        13 ? 
1       'Ivanoff, L.'        14 ? 
1       'Lambert, D.M.'      15 ? 
1       'Murthy, K.H.'       16 ? 
# 
loop_
_entity.id 
_entity.type 
_entity.src_method 
_entity.pdbx_description 
_entity.formula_weight 
_entity.pdbx_number_of_molecules 
_entity.pdbx_ec 
_entity.pdbx_mutation 
_entity.pdbx_fragment 
_entity.details 
1 polymer     man 'SIV PROTEASE' 10725.448 2  3.4.23.16 ? ? ? 
2 non-polymer syn 
;(2R,4S,5S,1'S)-2-PHENYLMETHYL-4-HYDROXY-5-(TERT-BUTOXYCARBONYL)AMINO-6-PHENYL HEXANOYL-N-(1'-IMIDAZO-2-YL)-2'-METHYLPROPANAMIDE
;
534.690   2  ?         ? ? ? 
3 water       nat water 18.015    35 ?         ? ? ? 
# 
_entity_poly.entity_id                      1 
_entity_poly.type                           'polypeptide(L)' 
_entity_poly.nstd_linkage                   no 
_entity_poly.nstd_monomer                   no 
_entity_poly.pdbx_seq_one_letter_code       
;PQFSLWRRPVVTAHIEGQPVEVLLDTGADDSIVTGIELGPHYTPKIVGGIGGFINTKEYKNVKIEVLGKRIKGTIMTGDT
PINIFGRNLLTALGMSLNL
;
_entity_poly.pdbx_seq_one_letter_code_can   
;PQFSLWRRPVVTAHIEGQPVEVLLDTGADDSIVTGIELGPHYTPKIVGGIGGFINTKEYKNVKIEVLGKRIKGTIMTGDT
PINIFGRNLLTALGMSLNL
;
_entity_poly.pdbx_strand_id                 A,B 
_entity_poly.pdbx_target_identifier         ? 
# 
loop_
_pdbx_entity_nonpoly.entity_id 
_pdbx_entity_nonpoly.name 
_pdbx_entity_nonpoly.comp_id 
2 
;(2R,4S,5S,1'S)-2-PHENYLMETHYL-4-HYDROXY-5-(TERT-BUTOXYCARBONYL)AMINO-6-PHENYL HEXANOYL-N-(1'-IMIDAZO-2-YL)-2'-METHYLPROPANAMIDE
;
IM1 
3 water HOH 
# 
loop_
_entity_poly_seq.entity_id 
_entity_poly_seq.num 
_entity_poly_seq.mon_id 
_entity_poly_seq.hetero 
1 1  PRO n 
1 2  GLN n 
1 3  PHE n 
1 4  SER n 
1 5  LEU n 
1 6  TRP n 
1 7  ARG n 
1 8  ARG n 
1 9  PRO n 
1 10 VAL n 
1 11 VAL n 
1 12 THR n 
1 13 ALA n 
1 14 HIS n 
1 15 ILE n 
1 16 GLU n 
1 17 GLY n 
1 18 GLN n 
1 19 PRO n 
1 20 VAL n 
1 21 GLU n 
1 22 VAL n 
1 23 LEU n 
1 24 LEU n 
1 25 ASP n 
1 26 THR n 
1 27 GLY n 
1 28 ALA n 
1 29 ASP n 
1 30 ASP n 
1 31 SER n 
1 32 ILE n 
1 33 VAL n 
1 34 THR n 
1 35 GLY n 
1 36 ILE n 
1 37 GLU n 
1 38 LEU n 
1 39 GLY n 
1 40 PRO n 
1 41 HIS n 
1 42 TYR n 
1 43 THR n 
1 44 PRO n 
1 45 LYS n 
1 46 ILE n 
1 47 VAL n 
1 48 GLY n 
1 49 GLY n 
1 50 ILE n 
1 51 GLY n 
1 52 GLY n 
1 53 PHE n 
1 54 ILE n 
1 55 ASN n 
1 56 THR n 
1 57 LYS n 
1 58 GLU n 
1 59 TYR n 
1 60 LYS n 
1 61 ASN n 
1 62 VAL n 
1 63 LYS n 
1 64 ILE n 
1 65 GLU n 
1 66 VAL n 
1 67 LEU n 
1 68 GLY n 
1 69 LYS n 
1 70 ARG n 
1 71 ILE n 
1 72 LYS n 
1 73 GLY n 
1 74 THR n 
1 75 ILE n 
1 76 MET n 
1 77 THR n 
1 78 GLY n 
1 79 ASP n 
1 80 THR n 
1 81 PRO n 
1 82 ILE n 
1 83 ASN n 
1 84 ILE n 
1 85 PHE n 
1 86 GLY n 
1 87 ARG n 
1 88 ASN n 
1 89 LEU n 
1 90 LEU n 
1 91 THR n 
1 92 ALA n 
1 93 LEU n 
1 94 GLY n 
1 95 MET n 
1 96 SER n 
1 97 LEU n 
1 98 ASN n 
1 99 LEU n 
# 
_entity_src_gen.entity_id                          1 
_entity_src_gen.pdbx_src_id                        1 
_entity_src_gen.pdbx_alt_source_flag               sample 
_entity_src_gen.pdbx_seq_type                      ? 
_entity_src_gen.pdbx_beg_seq_num                   ? 
_entity_src_gen.pdbx_end_seq_num                   ? 
_entity_src_gen.gene_src_common_name               ? 
_entity_src_gen.gene_src_genus                     Lentivirus 
_entity_src_gen.pdbx_gene_src_gene                 'SIV PROTEASE' 
_entity_src_gen.gene_src_species                   ? 
_entity_src_gen.gene_src_strain                    ? 
_entity_src_gen.gene_src_tissue                    ? 
_entity_src_gen.gene_src_tissue_fraction           ? 
_entity_src_gen.gene_src_details                   ? 
_entity_src_gen.pdbx_gene_src_fragment             ? 
_entity_src_gen.pdbx_gene_src_scientific_name      'Simian immunodeficiency virus' 
_entity_src_gen.pdbx_gene_src_ncbi_taxonomy_id     11723 
_entity_src_gen.pdbx_gene_src_variant              ? 
_entity_src_gen.pdbx_gene_src_cell_line            ? 
_entity_src_gen.pdbx_gene_src_atcc                 ? 
_entity_src_gen.pdbx_gene_src_organ                ? 
_entity_src_gen.pdbx_gene_src_organelle            ? 
_entity_src_gen.pdbx_gene_src_cell                 ? 
_entity_src_gen.pdbx_gene_src_cellular_location    ? 
_entity_src_gen.host_org_common_name               ? 
_entity_src_gen.pdbx_host_org_scientific_name      'Escherichia coli' 
_entity_src_gen.pdbx_host_org_ncbi_taxonomy_id     562 
_entity_src_gen.host_org_genus                     Escherichia 
_entity_src_gen.pdbx_host_org_gene                 'SIV PROTEASE' 
_entity_src_gen.pdbx_host_org_organ                ? 
_entity_src_gen.host_org_species                   ? 
_entity_src_gen.pdbx_host_org_tissue               ? 
_entity_src_gen.pdbx_host_org_tissue_fraction      ? 
_entity_src_gen.pdbx_host_org_strain               'MAC251 ISOLATE' 
_entity_src_gen.pdbx_host_org_variant              ? 
_entity_src_gen.pdbx_host_org_cell_line            ? 
_entity_src_gen.pdbx_host_org_atcc                 ? 
_entity_src_gen.pdbx_host_org_culture_collection   ? 
_entity_src_gen.pdbx_host_org_cell                 ? 
_entity_src_gen.pdbx_host_org_organelle            ? 
_entity_src_gen.pdbx_host_org_cellular_location    ? 
_entity_src_gen.pdbx_host_org_vector_type          ? 
_entity_src_gen.pdbx_host_org_vector               ? 
_entity_src_gen.host_org_details                   ? 
_entity_src_gen.expression_system_id               ? 
_entity_src_gen.plasmid_name                       ? 
_entity_src_gen.plasmid_details                    ? 
_entity_src_gen.pdbx_description                   ? 
# 
loop_
_chem_comp.id 
_chem_comp.type 
_chem_comp.mon_nstd_flag 
_chem_comp.name 
_chem_comp.pdbx_synonyms 
_chem_comp.formula 
_chem_comp.formula_weight 
ALA 'L-peptide linking' y ALANINE ? 'C3 H7 N O2'     89.093  
ARG 'L-peptide linking' y ARGININE ? 'C6 H15 N4 O2 1' 175.209 
ASN 'L-peptide linking' y ASPARAGINE ? 'C4 H8 N2 O3'    132.118 
ASP 'L-peptide linking' y 'ASPARTIC ACID' ? 'C4 H7 N O4'     133.103 
GLN 'L-peptide linking' y GLUTAMINE ? 'C5 H10 N2 O3'   146.144 
GLU 'L-peptide linking' y 'GLUTAMIC ACID' ? 'C5 H9 N O4'     147.129 
GLY 'peptide linking'   y GLYCINE ? 'C2 H5 N O2'     75.067  
HIS 'L-peptide linking' y HISTIDINE ? 'C6 H10 N3 O2 1' 156.162 
HOH non-polymer         . WATER ? 'H2 O'           18.015  
ILE 'L-peptide linking' y ISOLEUCINE ? 'C6 H13 N O2'    131.173 
IM1 non-polymer         . 
;(2R,4S,5S,1'S)-2-PHENYLMETHYL-4-HYDROXY-5-(TERT-BUTOXYCARBONYL)AMINO-6-PHENYL HEXANOYL-N-(1'-IMIDAZO-2-YL)-2'-METHYLPROPANAMIDE
;
? 'C31 H42 N4 O4'  534.690 
LEU 'L-peptide linking' y LEUCINE ? 'C6 H13 N O2'    131.173 
LYS 'L-peptide linking' y LYSINE ? 'C6 H15 N2 O2 1' 147.195 
MET 'L-peptide linking' y METHIONINE ? 'C5 H11 N O2 S'  149.211 
PHE 'L-peptide linking' y PHENYLALANINE ? 'C9 H11 N O2'    165.189 
PRO 'L-peptide linking' y PROLINE ? 'C5 H9 N O2'     115.130 
SER 'L-peptide linking' y SERINE ? 'C3 H7 N O3'     105.093 
THR 'L-peptide linking' y THREONINE ? 'C4 H9 N O3'     119.119 
TRP 'L-peptide linking' y TRYPTOPHAN ? 'C11 H12 N2 O2'  204.225 
TYR 'L-peptide linking' y TYROSINE ? 'C9 H11 N O3'    181.189 
VAL 'L-peptide linking' y VALINE ? 'C5 H11 N O2'    117.146 
# 
loop_
_pdbx_poly_seq_scheme.asym_id 
_pdbx_poly_seq_scheme.entity_id 
_pdbx_poly_seq_scheme.seq_id 
_pdbx_poly_seq_scheme.mon_id 
_pdbx_poly_seq_scheme.ndb_seq_num 
_pdbx_poly_seq_scheme.pdb_seq_num 
_pdbx_poly_seq_scheme.auth_seq_num 
_pdbx_poly_seq_scheme.pdb_mon_id 
_pdbx_poly_seq_scheme.auth_mon_id 
_pdbx_poly_seq_scheme.pdb_strand_id 
_pdbx_poly_seq_scheme.pdb_ins_code 
_pdbx_poly_seq_scheme.hetero 
A 1 1  PRO 1  1  1  PRO PRO A . n 
A 1 2  GLN 2  2  2  GLN GLN A . n 
A 1 3  PHE 3  3  3  PHE PHE A . n 
A 1 4  SER 4  4  4  SER SER A . n 
A 1 5  LEU 5  5  5  LEU LEU A . n 
A 1 6  TRP 6  6  6  TRP TRP A . n 
A 1 7  ARG 7  7  7  ARG ARG A . n 
A 1 8  ARG 8  8  8  ARG ARG A . n 
A 1 9  PRO 9  9  9  PRO PRO A . n 
A 1 10 VAL 10 10 10 VAL VAL A . n 
A 1 11 VAL 11 11 11 VAL VAL A . n 
A 1 12 THR 12 12 12 THR THR A . n 
A 1 13 ALA 13 13 13 ALA ALA A . n 
A 1 14 HIS 14 14 14 HIS HIS A . n 
A 1 15 ILE 15 15 15 ILE ILE A . n 
A 1 16 GLU 16 16 16 GLU GLU A . n 
A 1 17 GLY 17 17 17 GLY GLY A . n 
A 1 18 GLN 18 18 18 GLN GLN A . n 
A 1 19 PRO 19 19 19 PRO PRO A . n 
A 1 20 VAL 20 20 20 VAL VAL A . n 
A 1 21 GLU 21 21 21 GLU GLU A . n 
A 1 22 VAL 22 22 22 VAL VAL A . n 
A 1 23 LEU 23 23 23 LEU LEU A . n 
A 1 24 LEU 24 24 24 LEU LEU A . n 
A 1 25 ASP 25 25 25 ASP ASP A . n 
A 1 26 THR 26 26 26 THR THR A . n 
A 1 27 GLY 27 27 27 GLY GLY A . n 
A 1 28 ALA 28 28 28 ALA ALA A . n 
A 1 29 ASP 29 29 29 ASP ASP A . n 
A 1 30 ASP 30 30 30 ASP ASP A . n 
A 1 31 SER 31 31 31 SER SER A . n 
A 1 32 ILE 32 32 32 ILE ILE A . n 
A 1 33 VAL 33 33 33 VAL VAL A . n 
A 1 34 THR 34 34 34 THR THR A . n 
A 1 35 GLY 35 35 35 GLY GLY A . n 
A 1 36 ILE 36 36 36 ILE ILE A . n 
A 1 37 GLU 37 37 37 GLU GLU A . n 
A 1 38 LEU 38 38 38 LEU LEU A . n 
A 1 39 GLY 39 39 39 GLY GLY A . n 
A 1 40 PRO 40 40 40 PRO PRO A . n 
A 1 41 HIS 41 41 41 HIS HIS A . n 
A 1 42 TYR 42 42 42 TYR TYR A . n 
A 1 43 THR 43 43 43 THR THR A . n 
A 1 44 PRO 44 44 44 PRO PRO A . n 
A 1 45 LYS 45 45 45 LYS LYS A . n 
A 1 46 ILE 46 46 46 ILE ILE A . n 
A 1 47 VAL 47 47 47 VAL VAL A . n 
A 1 48 GLY 48 48 48 GLY GLY A . n 
A 1 49 GLY 49 49 49 GLY GLY A . n 
A 1 50 ILE 50 50 50 ILE ILE A . n 
A 1 51 GLY 51 51 51 GLY GLY A . n 
A 1 52 GLY 52 52 52 GLY GLY A . n 
A 1 53 PHE 53 53 53 PHE PHE A . n 
A 1 54 ILE 54 54 54 ILE ILE A . n 
A 1 55 ASN 55 55 55 ASN ASN A . n 
A 1 56 THR 56 56 56 THR THR A . n 
A 1 57 LYS 57 57 57 LYS LYS A . n 
A 1 58 GLU 58 58 58 GLU GLU A . n 
A 1 59 TYR 59 59 59 TYR TYR A . n 
A 1 60 LYS 60 60 60 LYS LYS A . n 
A 1 61 ASN 61 61 61 ASN ASN A . n 
A 1 62 VAL 62 62 62 VAL VAL A . n 
A 1 63 LYS 63 63 63 LYS LYS A . n 
A 1 64 ILE 64 64 64 ILE ILE A . n 
A 1 65 GLU 65 65 65 GLU GLU A . n 
A 1 66 VAL 66 66 66 VAL VAL A . n 
A 1 67 LEU 67 67 67 LEU LEU A . n 
A 1 68 GLY 68 68 68 GLY GLY A . n 
A 1 69 LYS 69 69 69 LYS LYS A . n 
A 1 70 ARG 70 70 70 ARG ARG A . n 
A 1 71 ILE 71 71 71 ILE ILE A . n 
A 1 72 LYS 72 72 72 LYS LYS A . n 
A 1 73 GLY 73 73 73 GLY GLY A . n 
A 1 74 THR 74 74 74 THR THR A . n 
A 1 75 ILE 75 75 75 ILE ILE A . n 
A 1 76 MET 76 76 76 MET MET A . n 
A 1 77 THR 77 77 77 THR THR A . n 
A 1 78 GLY 78 78 78 GLY GLY A . n 
A 1 79 ASP 79 79 79 ASP ASP A . n 
A 1 80 THR 80 80 80 THR THR A . n 
A 1 81 PRO 81 81 81 PRO PRO A . n 
A 1 82 ILE 82 82 82 ILE ILE A . n 
A 1 83 ASN 83 83 83 ASN ASN A . n 
A 1 84 ILE 84 84 84 ILE ILE A . n 
A 1 85 PHE 85 85 85 PHE PHE A . n 
A 1 86 GLY 86 86 86 GLY GLY A . n 
A 1 87 ARG 87 87 87 ARG ARG A . n 
A 1 88 ASN 88 88 88 ASN ASN A . n 
A 1 89 LEU 89 89 89 LEU LEU A . n 
A 1 90 LEU 90 90 90 LEU LEU A . n 
A 1 91 THR 91 91 91 THR THR A . n 
A 1 92 ALA 92 92 92 ALA ALA A . n 
A 1 93 LEU 93 93 93 LEU LEU A . n 
A 1 94 GLY 94 94 94 GLY GLY A . n 
A 1 95 MET 95 95 95 MET MET A . n 
A 1 96 SER 96 96 96 SER SER A . n 
A 1 97 LEU 97 97 97 LEU LEU A . n 
A 1 98 ASN 98 98 98 ASN ASN A . n 
A 1 99 LEU 99 99 99 LEU LEU A . n 
B 1 1  PRO 1  1  1  PRO PRO B . n 
B 1 2  GLN 2  2  2  GLN GLN B . n 
B 1 3  PHE 3  3  3  PHE PHE B . n 
B 1 4  SER 4  4  4  SER SER B . n 
B 1 5  LEU 5  5  5  LEU LEU B . n 
B 1 6  TRP 6  6  6  TRP TRP B . n 
B 1 7  ARG 7  7  7  ARG ARG B . n 
B 1 8  ARG 8  8  8  ARG ARG B . n 
B 1 9  PRO 9  9  9  PRO PRO B . n 
B 1 10 VAL 10 10 10 VAL VAL B . n 
B 1 11 VAL 11 11 11 VAL VAL B . n 
B 1 12 THR 12 12 12 THR THR B . n 
B 1 13 ALA 13 13 13 ALA ALA B . n 
B 1 14 HIS 14 14 14 HIS HIS B . n 
B 1 15 ILE 15 15 15 ILE ILE B . n 
B 1 16 GLU 16 16 16 GLU GLU B . n 
B 1 17 GLY 17 17 17 GLY GLY B . n 
B 1 18 GLN 18 18 18 GLN GLN B . n 
B 1 19 PRO 19 19 19 PRO PRO B . n 
B 1 20 VAL 20 20 20 VAL VAL B . n 
B 1 21 GLU 21 21 21 GLU GLU B . n 
B 1 22 VAL 22 22 22 VAL VAL B . n 
B 1 23 LEU 23 23 23 LEU LEU B . n 
B 1 24 LEU 24 24 24 LEU LEU B . n 
B 1 25 ASP 25 25 25 ASP ASP B . n 
B 1 26 THR 26 26 26 THR THR B . n 
B 1 27 GLY 27 27 27 GLY GLY B . n 
B 1 28 ALA 28 28 28 ALA ALA B . n 
B 1 29 ASP 29 29 29 ASP ASP B . n 
B 1 30 ASP 30 30 30 ASP ASP B . n 
B 1 31 SER 31 31 31 SER SER B . n 
B 1 32 ILE 32 32 32 ILE ILE B . n 
B 1 33 VAL 33 33 33 VAL VAL B . n 
B 1 34 THR 34 34 34 THR THR B . n 
B 1 35 GLY 35 35 35 GLY GLY B . n 
B 1 36 ILE 36 36 36 ILE ILE B . n 
B 1 37 GLU 37 37 37 GLU GLU B . n 
B 1 38 LEU 38 38 38 LEU LEU B . n 
B 1 39 GLY 39 39 39 GLY GLY B . n 
B 1 40 PRO 40 40 40 PRO PRO B . n 
B 1 41 HIS 41 41 41 HIS HIS B . n 
B 1 42 TYR 42 42 42 TYR TYR B . n 
B 1 43 THR 43 43 43 THR THR B . n 
B 1 44 PRO 44 44 44 PRO PRO B . n 
B 1 45 LYS 45 45 45 LYS LYS B . n 
B 1 46 ILE 46 46 46 ILE ILE B . n 
B 1 47 VAL 47 47 47 VAL VAL B . n 
B 1 48 GLY 48 48 48 GLY GLY B . n 
B 1 49 GLY 49 49 49 GLY GLY B . n 
B 1 50 ILE 50 50 50 ILE ILE B . n 
B 1 51 GLY 51 51 51 GLY GLY B . n 
B 1 52 GLY 52 52 52 GLY GLY B . n 
B 1 53 PHE 53 53 53 PHE PHE B . n 
B 1 54 ILE 54 54 54 ILE ILE B . n 
B 1 55 ASN 55 55 55 ASN ASN B . n 
B 1 56 THR 56 56 56 THR THR B . n 
B 1 57 LYS 57 57 57 LYS LYS B . n 
B 1 58 GLU 58 58 58 GLU GLU B . n 
B 1 59 TYR 59 59 59 TYR TYR B . n 
B 1 60 LYS 60 60 60 LYS LYS B . n 
B 1 61 ASN 61 61 61 ASN ASN B . n 
B 1 62 VAL 62 62 62 VAL VAL B . n 
B 1 63 LYS 63 63 63 LYS LYS B . n 
B 1 64 ILE 64 64 64 ILE ILE B . n 
B 1 65 GLU 65 65 65 GLU GLU B . n 
B 1 66 VAL 66 66 66 VAL VAL B . n 
B 1 67 LEU 67 67 67 LEU LEU B . n 
B 1 68 GLY 68 68 68 GLY GLY B . n 
B 1 69 LYS 69 69 69 LYS LYS B . n 
B 1 70 ARG 70 70 70 ARG ARG B . n 
B 1 71 ILE 71 71 71 ILE ILE B . n 
B 1 72 LYS 72 72 72 LYS LYS B . n 
B 1 73 GLY 73 73 73 GLY GLY B . n 
B 1 74 THR 74 74 74 THR THR B . n 
B 1 75 ILE 75 75 75 ILE ILE B . n 
B 1 76 MET 76 76 76 MET MET B . n 
B 1 77 THR 77 77 77 THR THR B . n 
B 1 78 GLY 78 78 78 GLY GLY B . n 
B 1 79 ASP 79 79 79 ASP ASP B . n 
B 1 80 THR 80 80 80 THR THR B . n 
B 1 81 PRO 81 81 81 PRO PRO B . n 
B 1 82 ILE 82 82 82 ILE ILE B . n 
B 1 83 ASN 83 83 83 ASN ASN B . n 
B 1 84 ILE 84 84 84 ILE ILE B . n 
B 1 85 PHE 85 85 85 PHE PHE B . n 
B 1 86 GLY 86 86 86 GLY GLY B . n 
B 1 87 ARG 87 87 87 ARG ARG B . n 
B 1 88 ASN 88 88 88 ASN ASN B . n 
B 1 89 LEU 89 89 89 LEU LEU B . n 
B 1 90 LEU 90 90 90 LEU LEU B . n 
B 1 91 THR 91 91 91 THR THR B . n 
B 1 92 ALA 92 92 92 ALA ALA B . n 
B 1 93 LEU 93 93 93 LEU LEU B . n 
B 1 94 GLY 94 94 94 GLY GLY B . n 
B 1 95 MET 95 95 95 MET MET B . n 
B 1 96 SER 96 96 96 SER SER B . n 
B 1 97 LEU 97 97 97 LEU LEU B . n 
B 1 98 ASN 98 98 98 ASN ASN B . n 
B 1 99 LEU 99 99 99 LEU LEU B . n 
# 
loop_
_pdbx_nonpoly_scheme.asym_id 
_pdbx_nonpoly_scheme.entity_id 
_pdbx_nonpoly_scheme.mon_id 
_pdbx_nonpoly_scheme.ndb_seq_num 
_pdbx_nonpoly_scheme.pdb_seq_num 
_pdbx_nonpoly_scheme.auth_seq_num 
_pdbx_nonpoly_scheme.pdb_mon_id 
_pdbx_nonpoly_scheme.auth_mon_id 
_pdbx_nonpoly_scheme.pdb_strand_id 
_pdbx_nonpoly_scheme.pdb_ins_code 
C 2 IM1 1  400 400 IM1 IM1 A . 
D 2 IM1 1  600 600 IM1 IM1 B . 
E 3 HOH 1  501 501 HOH HOH A . 
E 3 HOH 2  502 502 HOH HOH A . 
E 3 HOH 3  503 503 HOH HOH A . 
E 3 HOH 4  504 504 HOH HOH A . 
E 3 HOH 5  505 505 HOH HOH A . 
E 3 HOH 6  506 506 HOH HOH A . 
E 3 HOH 7  507 507 HOH HOH A . 
E 3 HOH 8  508 508 HOH HOH A . 
E 3 HOH 9  515 515 HOH HOH A . 
E 3 HOH 10 516 516 HOH HOH A . 
E 3 HOH 11 517 517 HOH HOH A . 
E 3 HOH 12 518 518 HOH HOH A . 
E 3 HOH 13 519 519 HOH HOH A . 
E 3 HOH 14 524 524 HOH HOH A . 
E 3 HOH 15 527 527 HOH HOH A . 
E 3 HOH 16 528 528 HOH HOH A . 
E 3 HOH 17 529 529 HOH HOH A . 
E 3 HOH 18 530 530 HOH HOH A . 
E 3 HOH 19 531 531 HOH HOH A . 
F 3 HOH 1  509 509 HOH HOH B . 
F 3 HOH 2  510 510 HOH HOH B . 
F 3 HOH 3  511 511 HOH HOH B . 
F 3 HOH 4  512 512 HOH HOH B . 
F 3 HOH 5  513 513 HOH HOH B . 
F 3 HOH 6  514 514 HOH HOH B . 
F 3 HOH 7  520 520 HOH HOH B . 
F 3 HOH 8  521 521 HOH HOH B . 
F 3 HOH 9  522 522 HOH HOH B . 
F 3 HOH 10 523 523 HOH HOH B . 
F 3 HOH 11 525 525 HOH HOH B . 
F 3 HOH 12 526 526 HOH HOH B . 
F 3 HOH 13 532 532 HOH HOH B . 
F 3 HOH 14 533 533 HOH HOH B . 
F 3 HOH 15 534 534 HOH HOH B . 
F 3 HOH 16 535 535 HOH HOH B . 
# 
loop_
_software.name 
_software.classification 
_software.version 
_software.citation_id 
_software.pdbx_ordinal 
X-PLOR 'model building' 3.1 ? 1 
X-PLOR refinement       3.1 ? 2 
XENGEN 'data reduction' .   ? 3 
X-PLOR phasing          3.1 ? 4 
# 
_cell.entry_id           1TCW 
_cell.length_a           56.100 
_cell.length_b           41.500 
_cell.length_c           53.100 
_cell.angle_alpha        90.00 
_cell.angle_beta         99.60 
_cell.angle_gamma        90.00 
_cell.Z_PDB              4 
_cell.pdbx_unique_axis   ? 
# 
_symmetry.entry_id                         1TCW 
_symmetry.space_group_name_H-M             'P 1 21 1' 
_symmetry.pdbx_full_space_group_name_H-M   ? 
_symmetry.cell_setting                     ? 
_symmetry.Int_Tables_number                4 
# 
_exptl.entry_id          1TCW 
_exptl.method            'X-RAY DIFFRACTION' 
_exptl.crystals_number   ? 
# 
_exptl_crystal.id                    1 
_exptl_crystal.density_meas          ? 
_exptl_crystal.density_Matthews      2.84 
_exptl_crystal.density_percent_sol   56.68 
_exptl_crystal.description           ? 
# 
_diffrn.id                     1 
_diffrn.ambient_temp           ? 
_diffrn.ambient_temp_details   ? 
_diffrn.crystal_id             1 
# 
_diffrn_detector.diffrn_id              1 
_diffrn_detector.detector               ? 
_diffrn_detector.type                   SIEMENS 
_diffrn_detector.pdbx_collection_date   1993 
_diffrn_detector.details                ? 
# 
_diffrn_radiation.diffrn_id                        1 
_diffrn_radiation.wavelength_id                    1 
_diffrn_radiation.pdbx_monochromatic_or_laue_m_l   M 
_diffrn_radiation.monochromator                    ? 
_diffrn_radiation.pdbx_diffrn_protocol             ? 
_diffrn_radiation.pdbx_scattering_type             x-ray 
# 
_diffrn_radiation_wavelength.id           1 
_diffrn_radiation_wavelength.wavelength   1.5418 
_diffrn_radiation_wavelength.wt           1.0 
# 
_diffrn_source.diffrn_id                   1 
_diffrn_source.source                      ? 
_diffrn_source.type                        ? 
_diffrn_source.pdbx_synchrotron_site       ? 
_diffrn_source.pdbx_synchrotron_beamline   ? 
_diffrn_source.pdbx_wavelength             1.5418 
_diffrn_source.pdbx_wavelength_list        ? 
# 
_reflns.entry_id                     1TCW 
_reflns.observed_criterion_sigma_I   ? 
_reflns.observed_criterion_sigma_F   ? 
_reflns.d_resolution_low             ? 
_reflns.d_resolution_high            ? 
_reflns.number_obs                   10269 
_reflns.number_all                   ? 
_reflns.percent_possible_obs         93. 
_reflns.pdbx_Rmerge_I_obs            0.0740000 
_reflns.pdbx_Rsym_value              ? 
_reflns.pdbx_netI_over_sigmaI        ? 
_reflns.B_iso_Wilson_estimate        ? 
_reflns.pdbx_redundancy              ? 
_reflns.pdbx_diffrn_id               1 
_reflns.pdbx_ordinal                 1 
# 
_refine.entry_id                                 1TCW 
_refine.ls_number_reflns_obs                     9023 
_refine.ls_number_reflns_all                     ? 
_refine.pdbx_ls_sigma_I                          ? 
_refine.pdbx_ls_sigma_F                          3. 
_refine.pdbx_data_cutoff_high_absF               ? 
_refine.pdbx_data_cutoff_low_absF                ? 
_refine.pdbx_data_cutoff_high_rms_absF           ? 
_refine.ls_d_res_low                             7. 
_refine.ls_d_res_high                            2.4 
_refine.ls_percent_reflns_obs                    87.8 
_refine.ls_R_factor_obs                          0.1970000 
_refine.ls_R_factor_all                          ? 
_refine.ls_R_factor_R_work                       0.1970000 
_refine.ls_R_factor_R_free                       ? 
_refine.ls_R_factor_R_free_error                 ? 
_refine.ls_R_factor_R_free_error_details         ? 
_refine.ls_percent_reflns_R_free                 ? 
_refine.ls_number_reflns_R_free                  ? 
_refine.ls_number_parameters                     ? 
_refine.ls_number_restraints                     ? 
_refine.occupancy_min                            ? 
_refine.occupancy_max                            ? 
_refine.B_iso_mean                               12.5 
_refine.aniso_B[1][1]                            ? 
_refine.aniso_B[2][2]                            ? 
_refine.aniso_B[3][3]                            ? 
_refine.aniso_B[1][2]                            ? 
_refine.aniso_B[1][3]                            ? 
_refine.aniso_B[2][3]                            ? 
_refine.solvent_model_details                    ? 
_refine.solvent_model_param_ksol                 ? 
_refine.solvent_model_param_bsol                 ? 
_refine.pdbx_ls_cross_valid_method               ? 
_refine.details                                  ? 
_refine.pdbx_starting_model                      ? 
_refine.pdbx_method_to_determine_struct          ? 
_refine.pdbx_isotropic_thermal_model             ? 
_refine.pdbx_stereochemistry_target_values       ? 
_refine.pdbx_stereochem_target_val_spec_case     ? 
_refine.pdbx_R_Free_selection_details            ? 
_refine.pdbx_overall_ESU_R                       ? 
_refine.pdbx_overall_ESU_R_Free                  ? 
_refine.overall_SU_ML                            ? 
_refine.overall_SU_B                             ? 
_refine.pdbx_refine_id                           'X-RAY DIFFRACTION' 
_refine.pdbx_diffrn_id                           1 
_refine.pdbx_TLS_residual_ADP_flag               ? 
_refine.correlation_coeff_Fo_to_Fc               ? 
_refine.correlation_coeff_Fo_to_Fc_free          ? 
_refine.pdbx_solvent_vdw_probe_radii             ? 
_refine.pdbx_solvent_ion_probe_radii             ? 
_refine.pdbx_solvent_shrinkage_radii             ? 
_refine.pdbx_overall_phase_error                 ? 
_refine.overall_SU_R_Cruickshank_DPI             ? 
_refine.pdbx_overall_SU_R_free_Cruickshank_DPI   ? 
_refine.pdbx_overall_SU_R_Blow_DPI               ? 
_refine.pdbx_overall_SU_R_free_Blow_DPI          ? 
# 
_refine_analyze.entry_id                        1TCW 
_refine_analyze.Luzzati_coordinate_error_obs    0.25 
_refine_analyze.Luzzati_sigma_a_obs             ? 
_refine_analyze.Luzzati_d_res_low_obs           ? 
_refine_analyze.Luzzati_coordinate_error_free   ? 
_refine_analyze.Luzzati_sigma_a_free            ? 
_refine_analyze.Luzzati_d_res_low_free          ? 
_refine_analyze.number_disordered_residues      ? 
_refine_analyze.occupancy_sum_hydrogen          ? 
_refine_analyze.occupancy_sum_non_hydrogen      ? 
_refine_analyze.pdbx_refine_id                  'X-RAY DIFFRACTION' 
# 
_refine_hist.pdbx_refine_id                   'X-RAY DIFFRACTION' 
_refine_hist.cycle_id                         LAST 
_refine_hist.pdbx_number_atoms_protein        1510 
_refine_hist.pdbx_number_atoms_nucleic_acid   0 
_refine_hist.pdbx_number_atoms_ligand         78 
_refine_hist.number_atoms_solvent             35 
_refine_hist.number_atoms_total               1623 
_refine_hist.d_res_high                       2.4 
_refine_hist.d_res_low                        7. 
# 
loop_
_refine_ls_restr.type 
_refine_ls_restr.dev_ideal 
_refine_ls_restr.dev_ideal_target 
_refine_ls_restr.weight 
_refine_ls_restr.number 
_refine_ls_restr.pdbx_refine_id 
_refine_ls_restr.pdbx_restraint_function 
x_bond_d                0.018 ? ? ? 'X-RAY DIFFRACTION' ? 
x_bond_d_na             ?     ? ? ? 'X-RAY DIFFRACTION' ? 
x_bond_d_prot           ?     ? ? ? 'X-RAY DIFFRACTION' ? 
x_angle_d               ?     ? ? ? 'X-RAY DIFFRACTION' ? 
x_angle_d_na            ?     ? ? ? 'X-RAY DIFFRACTION' ? 
x_angle_d_prot          ?     ? ? ? 'X-RAY DIFFRACTION' ? 
x_angle_deg             3.7   ? ? ? 'X-RAY DIFFRACTION' ? 
x_angle_deg_na          ?     ? ? ? 'X-RAY DIFFRACTION' ? 
x_angle_deg_prot        ?     ? ? ? 'X-RAY DIFFRACTION' ? 
x_dihedral_angle_d      29.71 ? ? ? 'X-RAY DIFFRACTION' ? 
x_dihedral_angle_d_na   ?     ? ? ? 'X-RAY DIFFRACTION' ? 
x_dihedral_angle_d_prot ?     ? ? ? 'X-RAY DIFFRACTION' ? 
x_improper_angle_d      1.485 ? ? ? 'X-RAY DIFFRACTION' ? 
x_improper_angle_d_na   ?     ? ? ? 'X-RAY DIFFRACTION' ? 
x_improper_angle_d_prot ?     ? ? ? 'X-RAY DIFFRACTION' ? 
x_mcbond_it             ?     ? ? ? 'X-RAY DIFFRACTION' ? 
x_mcangle_it            ?     ? ? ? 'X-RAY DIFFRACTION' ? 
x_scbond_it             ?     ? ? ? 'X-RAY DIFFRACTION' ? 
x_scangle_it            ?     ? ? ? 'X-RAY DIFFRACTION' ? 
# 
_struct.entry_id                  1TCW 
_struct.title                     'SIV PROTEASE COMPLEXED WITH INHIBITOR SB203386' 
_struct.pdbx_model_details        ? 
_struct.pdbx_CASP_flag            ? 
_struct.pdbx_model_type_details   ? 
# 
_struct_keywords.entry_id        1TCW 
_struct_keywords.pdbx_keywords   'HYDROLASE (ACID PROTEASE)' 
_struct_keywords.text            
;AIDS, POLYPROTEIN, HYDROLASE, ASPARTYL PROTEASE, ENDONUCLEASE, RNA-DIRECTED DNA POLYMERASE, ACID PROTEASE, HYDROLASE (ACID PROTEASE)
;
# 
loop_
_struct_asym.id 
_struct_asym.pdbx_blank_PDB_chainid_flag 
_struct_asym.pdbx_modified 
_struct_asym.entity_id 
_struct_asym.details 
A N N 1 ? 
B N N 1 ? 
C N N 2 ? 
D N N 2 ? 
E N N 3 ? 
F N N 3 ? 
# 
_struct_ref.id                         1 
_struct_ref.db_name                    UNP 
_struct_ref.db_code                    Q07387_SIVCZ 
_struct_ref.entity_id                  1 
_struct_ref.pdbx_db_accession          Q07387 
_struct_ref.pdbx_align_begin           1 
_struct_ref.pdbx_seq_one_letter_code   
;VLELWEGGTLCKAMQSPKKTGMLEMWKNGPCYGQMPRQTGGFFRPWSMGKEAPQFPHGSSASGADANCSPRGPSCGSAKE
LHAVGQAAERKQREALQGGDRGFAAPQFSLWRRPVVTAHIEGQPVEVLLDTGADDSIVTGIELGPHYTPKIVGGIGGFIN
TKEYKNVKIEVLGKRIKGTIMTGDTPINIFGRNLLTALGMSLNLPIAKVEPVKVTLKPGKVGPKLKQWPLSKEKIVALRE
ICEKMEKDGQLEEAPPTNPYNTPTFAIKKKDKNKWRMLIDFRELNRVTQDFTEVQLGIPHPAGLAKRKRITVLDIGDAYF
SIPLDEEFRQYTAFTLPSVNNAEPGKRYIYKVLPQGWKGSPAIFQYTMRHVLEPFRKANPDVTLVQYMDDILIASDRTDL
EHDRVVLQLKELLNSIGFSTPEEKFQKDPPFQWMGYELWPTKWKLQKIELPQRETWTVNDIQKLVGVLNWAAQIYPGIKT
KHLCRLIRGKMTLTEEVQWTEMAEAEYEENKIILSQEQEGCYYQEGKPLEATVIKSQDNQWSYKIHQEDKILKVGKFAKI
KNTHTNGVRLLAHVIQKIGKEAIVIWGQVPKFHLPVERDVWEQWWTDYWQVTWIPEWDFISTPPLVRLVFNLVKDPIEGE
ETYYTDGSCNKQSKEGKAGYITDRGKDKVKVLEQTTNQQAELEAFLMALTDSGPKTNIIVDSQYVMGIITGCPTESESRL
VNQIIEEMIKKSEIYVAWVPAHKGIGGNQEIDHLVSQGIRQVLFLEKIEPAQEEHDKYHSNVKELVFKFGLPRIVARQIV
DTCDKCHQKGEAIHGQVNSDLGTWQMDCTHLEGKIVIVAVHVASGFIEAEVIPQETGRQTALFLLKLAGRWPITHLHTDN
GANFASQEVKMVAWWAGIEHTFGVPYNPQSQGVVEAMNHHLKNQIDRIREQANSVETIVLMAVHCMNFKRRGGIGDMTPA
ERLINMITTEQEIQFQQSKNSKFKNFRVYYREGRDQLWKGPGELLWKGEGAVILKVGTDIKVVPRRKAKIIKDYGGGKEV
DSSSHMEDTGEAREVA
;
_struct_ref.pdbx_db_isoform            ? 
# 
loop_
_struct_ref_seq.align_id 
_struct_ref_seq.ref_id 
_struct_ref_seq.pdbx_PDB_id_code 
_struct_ref_seq.pdbx_strand_id 
_struct_ref_seq.seq_align_beg 
_struct_ref_seq.pdbx_seq_align_beg_ins_code 
_struct_ref_seq.seq_align_end 
_struct_ref_seq.pdbx_seq_align_end_ins_code 
_struct_ref_seq.pdbx_db_accession 
_struct_ref_seq.db_align_beg 
_struct_ref_seq.pdbx_db_align_beg_ins_code 
_struct_ref_seq.db_align_end 
_struct_ref_seq.pdbx_db_align_end_ins_code 
_struct_ref_seq.pdbx_auth_seq_align_beg 
_struct_ref_seq.pdbx_auth_seq_align_end 
1 1 1TCW A 1 ? 99 ? Q07387 106 ? 204 ? 1 99 
2 1 1TCW B 1 ? 99 ? Q07387 106 ? 204 ? 1 99 
# 
_pdbx_struct_assembly.id                   1 
_pdbx_struct_assembly.details              author_and_software_defined_assembly 
_pdbx_struct_assembly.method_details       PISA 
_pdbx_struct_assembly.oligomeric_details   dimeric 
_pdbx_struct_assembly.oligomeric_count     2 
# 
loop_
_pdbx_struct_assembly_prop.biol_id 
_pdbx_struct_assembly_prop.type 
_pdbx_struct_assembly_prop.value 
_pdbx_struct_assembly_prop.details 
1 'ABSA (A^2)' 5580 ? 
1 MORE         -28  ? 
1 'SSA (A^2)'  9480 ? 
# 
_pdbx_struct_assembly_gen.assembly_id       1 
_pdbx_struct_assembly_gen.oper_expression   1 
_pdbx_struct_assembly_gen.asym_id_list      A,B,C,D,E,F 
# 
_pdbx_struct_oper_list.id                   1 
_pdbx_struct_oper_list.type                 'identity operation' 
_pdbx_struct_oper_list.name                 1_555 
_pdbx_struct_oper_list.symmetry_operation   x,y,z 
_pdbx_struct_oper_list.matrix[1][1]         1.0000000000 
_pdbx_struct_oper_list.matrix[1][2]         0.0000000000 
_pdbx_struct_oper_list.matrix[1][3]         0.0000000000 
_pdbx_struct_oper_list.vector[1]            0.0000000000 
_pdbx_struct_oper_list.matrix[2][1]         0.0000000000 
_pdbx_struct_oper_list.matrix[2][2]         1.0000000000 
_pdbx_struct_oper_list.matrix[2][3]         0.0000000000 
_pdbx_struct_oper_list.vector[2]            0.0000000000 
_pdbx_struct_oper_list.matrix[3][1]         0.0000000000 
_pdbx_struct_oper_list.matrix[3][2]         0.0000000000 
_pdbx_struct_oper_list.matrix[3][3]         1.0000000000 
_pdbx_struct_oper_list.vector[3]            0.0000000000 
# 
_struct_biol.id   1 
# 
loop_
_struct_conf.conf_type_id 
_struct_conf.id 
_struct_conf.pdbx_PDB_helix_id 
_struct_conf.beg_label_comp_id 
_struct_conf.beg_label_asym_id 
_struct_conf.beg_label_seq_id 
_struct_conf.pdbx_beg_PDB_ins_code 
_struct_conf.end_label_comp_id 
_struct_conf.end_label_asym_id 
_struct_conf.end_label_seq_id 
_struct_conf.pdbx_end_PDB_ins_code 
_struct_conf.beg_auth_comp_id 
_struct_conf.beg_auth_asym_id 
_struct_conf.beg_auth_seq_id 
_struct_conf.end_auth_comp_id 
_struct_conf.end_auth_asym_id 
_struct_conf.end_auth_seq_id 
_struct_conf.pdbx_PDB_helix_class 
_struct_conf.details 
_struct_conf.pdbx_PDB_helix_length 
HELX_P HELX_P1 1 ARG A 87 ? LEU A 93 ? ARG A 87 LEU A 93 1 ? 7 
HELX_P HELX_P2 2 ARG B 87 ? ALA B 92 ? ARG B 87 ALA B 92 1 ? 6 
# 
_struct_conf_type.id          HELX_P 
_struct_conf_type.criteria    ? 
_struct_conf_type.reference   ? 
# 
loop_
_struct_sheet.id 
_struct_sheet.type 
_struct_sheet.number_strands 
_struct_sheet.details 
A ? 4 ? 
B ? 3 ? 
C ? 2 ? 
D ? 4 ? 
E ? 3 ? 
# 
loop_
_struct_sheet_order.sheet_id 
_struct_sheet_order.range_id_1 
_struct_sheet_order.range_id_2 
_struct_sheet_order.offset 
_struct_sheet_order.sense 
A 1 2 ? anti-parallel 
A 2 3 ? anti-parallel 
A 3 4 ? anti-parallel 
B 1 2 ? anti-parallel 
B 2 3 ? anti-parallel 
C 1 2 ? anti-parallel 
D 1 2 ? anti-parallel 
D 2 3 ? anti-parallel 
D 3 4 ? anti-parallel 
E 1 2 ? anti-parallel 
E 2 3 ? anti-parallel 
# 
loop_
_struct_sheet_range.sheet_id 
_struct_sheet_range.id 
_struct_sheet_range.beg_label_comp_id 
_struct_sheet_range.beg_label_asym_id 
_struct_sheet_range.beg_label_seq_id 
_struct_sheet_range.pdbx_beg_PDB_ins_code 
_struct_sheet_range.end_label_comp_id 
_struct_sheet_range.end_label_asym_id 
_struct_sheet_range.end_label_seq_id 
_struct_sheet_range.pdbx_end_PDB_ins_code 
_struct_sheet_range.beg_auth_comp_id 
_struct_sheet_range.beg_auth_asym_id 
_struct_sheet_range.beg_auth_seq_id 
_struct_sheet_range.end_auth_comp_id 
_struct_sheet_range.end_auth_asym_id 
_struct_sheet_range.end_auth_seq_id 
A 1 GLN A 18 ? LEU A 23 ? GLN A 18 LEU A 23 
A 2 VAL A 10 ? ILE A 15 ? VAL A 10 ILE A 15 
A 3 VAL A 62 ? VAL A 66 ? VAL A 62 VAL A 66 
A 4 LYS A 69 ? GLY A 73 ? LYS A 69 GLY A 73 
B 1 THR A 43 ? GLY A 48 ? THR A 43 GLY A 48 
B 2 PHE A 53 ? TYR A 59 ? PHE A 53 TYR A 59 
B 3 ILE A 75 ? THR A 77 ? ILE A 75 THR A 77 
C 1 SER A 96 ? ASN A 98 ? SER A 96 ASN A 98 
C 2 SER B 96 ? ASN B 98 ? SER B 96 ASN B 98 
D 1 GLN B 18 ? LEU B 23 ? GLN B 18 LEU B 23 
D 2 VAL B 10 ? ILE B 15 ? VAL B 10 ILE B 15 
D 3 VAL B 62 ? VAL B 66 ? VAL B 62 VAL B 66 
D 4 LYS B 69 ? GLY B 73 ? LYS B 69 GLY B 73 
E 1 THR B 43 ? VAL B 47 ? THR B 43 VAL B 47 
E 2 ILE B 54 ? TYR B 59 ? ILE B 54 TYR B 59 
E 3 ILE B 75 ? GLY B 78 ? ILE B 75 GLY B 78 
# 
loop_
_pdbx_struct_sheet_hbond.sheet_id 
_pdbx_struct_sheet_hbond.range_id_1 
_pdbx_struct_sheet_hbond.range_id_2 
_pdbx_struct_sheet_hbond.range_1_label_atom_id 
_pdbx_struct_sheet_hbond.range_1_label_comp_id 
_pdbx_struct_sheet_hbond.range_1_label_asym_id 
_pdbx_struct_sheet_hbond.range_1_label_seq_id 
_pdbx_struct_sheet_hbond.range_1_PDB_ins_code 
_pdbx_struct_sheet_hbond.range_1_auth_atom_id 
_pdbx_struct_sheet_hbond.range_1_auth_comp_id 
_pdbx_struct_sheet_hbond.range_1_auth_asym_id 
_pdbx_struct_sheet_hbond.range_1_auth_seq_id 
_pdbx_struct_sheet_hbond.range_2_label_atom_id 
_pdbx_struct_sheet_hbond.range_2_label_comp_id 
_pdbx_struct_sheet_hbond.range_2_label_asym_id 
_pdbx_struct_sheet_hbond.range_2_label_seq_id 
_pdbx_struct_sheet_hbond.range_2_PDB_ins_code 
_pdbx_struct_sheet_hbond.range_2_auth_atom_id 
_pdbx_struct_sheet_hbond.range_2_auth_comp_id 
_pdbx_struct_sheet_hbond.range_2_auth_asym_id 
_pdbx_struct_sheet_hbond.range_2_auth_seq_id 
A 1 2 O GLN A 18 ? O GLN A 18 N ILE A 15 ? N ILE A 15 
A 2 3 O HIS A 14 ? O HIS A 14 N GLU A 65 ? N GLU A 65 
A 3 4 O VAL A 62 ? O VAL A 62 N GLY A 73 ? N GLY A 73 
B 1 2 O THR A 43 ? O THR A 43 N GLU A 58 ? N GLU A 58 
B 2 3 O LYS A 57 ? O LYS A 57 N THR A 77 ? N THR A 77 
C 1 2 O SER A 96 ? O SER A 96 N ASN B 98 ? N ASN B 98 
D 1 2 O GLN B 18 ? O GLN B 18 N ILE B 15 ? N ILE B 15 
D 2 3 O HIS B 14 ? O HIS B 14 N GLU B 65 ? N GLU B 65 
D 3 4 O VAL B 62 ? O VAL B 62 N GLY B 73 ? N GLY B 73 
E 1 2 O THR B 43 ? O THR B 43 N GLU B 58 ? N GLU B 58 
E 2 3 O LYS B 57 ? O LYS B 57 N THR B 77 ? N THR B 77 
# 
loop_
_struct_site.id 
_struct_site.pdbx_evidence_code 
_struct_site.pdbx_auth_asym_id 
_struct_site.pdbx_auth_comp_id 
_struct_site.pdbx_auth_seq_id 
_struct_site.pdbx_auth_ins_code 
_struct_site.pdbx_num_residues 
_struct_site.details 
AC1 Software A IM1 400 ? 14 'BINDING SITE FOR RESIDUE IM1 A 400' 
AC2 Software B IM1 600 ? 13 'BINDING SITE FOR RESIDUE IM1 B 600' 
# 
loop_
_struct_site_gen.id 
_struct_site_gen.site_id 
_struct_site_gen.pdbx_num_res 
_struct_site_gen.label_comp_id 
_struct_site_gen.label_asym_id 
_struct_site_gen.label_seq_id 
_struct_site_gen.pdbx_auth_ins_code 
_struct_site_gen.auth_comp_id 
_struct_site_gen.auth_asym_id 
_struct_site_gen.auth_seq_id 
_struct_site_gen.label_atom_id 
_struct_site_gen.label_alt_id 
_struct_site_gen.symmetry 
_struct_site_gen.details 
1  AC1 14 ALA A 28 ? ALA A 28  . ? 1_555 ? 
2  AC1 14 ASP A 29 ? ASP A 29  . ? 1_555 ? 
3  AC1 14 ASP A 30 ? ASP A 30  . ? 1_555 ? 
4  AC1 14 ILE A 32 ? ILE A 32  . ? 1_555 ? 
5  AC1 14 ILE A 46 ? ILE A 46  . ? 1_555 ? 
6  AC1 14 VAL A 47 ? VAL A 47  . ? 1_555 ? 
7  AC1 14 GLY A 48 ? GLY A 48  . ? 1_555 ? 
8  AC1 14 GLY A 49 ? GLY A 49  . ? 1_555 ? 
9  AC1 14 ILE A 84 ? ILE A 84  . ? 1_555 ? 
10 AC1 14 HOH E .  ? HOH A 505 . ? 1_555 ? 
11 AC1 14 HOH E .  ? HOH A 507 . ? 1_555 ? 
12 AC1 14 ARG B 8  ? ARG B 8   . ? 1_555 ? 
13 AC1 14 LEU B 23 ? LEU B 23  . ? 1_555 ? 
14 AC1 14 ILE B 50 ? ILE B 50  . ? 1_555 ? 
15 AC2 13 ARG A 8  ? ARG A 8   . ? 1_555 ? 
16 AC2 13 ILE A 50 ? ILE A 50  . ? 1_555 ? 
17 AC2 13 PRO A 81 ? PRO A 81  . ? 1_555 ? 
18 AC2 13 HOH E .  ? HOH A 507 . ? 1_555 ? 
19 AC2 13 HOH E .  ? HOH A 515 . ? 1_555 ? 
20 AC2 13 GLY B 27 ? GLY B 27  . ? 1_555 ? 
21 AC2 13 ALA B 28 ? ALA B 28  . ? 1_555 ? 
22 AC2 13 ASP B 29 ? ASP B 29  . ? 1_555 ? 
23 AC2 13 ASP B 30 ? ASP B 30  . ? 1_555 ? 
24 AC2 13 VAL B 47 ? VAL B 47  . ? 1_555 ? 
25 AC2 13 GLY B 48 ? GLY B 48  . ? 1_555 ? 
26 AC2 13 HOH F .  ? HOH B 522 . ? 1_555 ? 
27 AC2 13 HOH F .  ? HOH B 535 . ? 1_555 ? 
# 
loop_
_pdbx_validate_rmsd_angle.id 
_pdbx_validate_rmsd_angle.PDB_model_num 
_pdbx_validate_rmsd_angle.auth_atom_id_1 
_pdbx_validate_rmsd_angle.auth_asym_id_1 
_pdbx_validate_rmsd_angle.auth_comp_id_1 
_pdbx_validate_rmsd_angle.auth_seq_id_1 
_pdbx_validate_rmsd_angle.PDB_ins_code_1 
_pdbx_validate_rmsd_angle.label_alt_id_1 
_pdbx_validate_rmsd_angle.auth_atom_id_2 
_pdbx_validate_rmsd_angle.auth_asym_id_2 
_pdbx_validate_rmsd_angle.auth_comp_id_2 
_pdbx_validate_rmsd_angle.auth_seq_id_2 
_pdbx_validate_rmsd_angle.PDB_ins_code_2 
_pdbx_validate_rmsd_angle.label_alt_id_2 
_pdbx_validate_rmsd_angle.auth_atom_id_3 
_pdbx_validate_rmsd_angle.auth_asym_id_3 
_pdbx_validate_rmsd_angle.auth_comp_id_3 
_pdbx_validate_rmsd_angle.auth_seq_id_3 
_pdbx_validate_rmsd_angle.PDB_ins_code_3 
_pdbx_validate_rmsd_angle.label_alt_id_3 
_pdbx_validate_rmsd_angle.angle_value 
_pdbx_validate_rmsd_angle.angle_target_value 
_pdbx_validate_rmsd_angle.angle_deviation 
_pdbx_validate_rmsd_angle.angle_standard_deviation 
_pdbx_validate_rmsd_angle.linker_flag 
1  1 NE  A ARG 7  ? ? CZ A ARG 7  ? ? NH1 A ARG 7  ? ? 123.47 120.30 3.17   0.50 N 
2  1 NE  A ARG 8  ? ? CZ A ARG 8  ? ? NH1 A ARG 8  ? ? 125.53 120.30 5.23   0.50 N 
3  1 NE  A ARG 8  ? ? CZ A ARG 8  ? ? NH2 A ARG 8  ? ? 117.16 120.30 -3.14  0.50 N 
4  1 CG  A MET 76 ? ? SD A MET 76 ? ? CE  A MET 76 ? ? 113.41 100.20 13.21  1.60 N 
5  1 CA  B GLN 18 ? ? CB B GLN 18 ? ? CG  B GLN 18 ? ? 128.37 113.40 14.97  2.20 N 
6  1 CB  B VAL 22 ? ? CA B VAL 22 ? ? C   B VAL 22 ? ? 123.45 111.40 12.05  1.90 N 
7  1 N   B VAL 22 ? ? CA B VAL 22 ? ? CB  B VAL 22 ? ? 94.59  111.50 -16.91 2.20 N 
8  1 CG1 B VAL 33 ? ? CB B VAL 33 ? ? CG2 B VAL 33 ? ? 99.79  110.90 -11.11 1.60 N 
9  1 CB  B LEU 38 ? ? CG B LEU 38 ? ? CD2 B LEU 38 ? ? 98.00  111.00 -13.00 1.70 N 
10 1 N   B THR 56 ? ? CA B THR 56 ? ? CB  B THR 56 ? ? 95.11  110.30 -15.19 1.90 N 
# 
loop_
_pdbx_validate_torsion.id 
_pdbx_validate_torsion.PDB_model_num 
_pdbx_validate_torsion.auth_comp_id 
_pdbx_validate_torsion.auth_asym_id 
_pdbx_validate_torsion.auth_seq_id 
_pdbx_validate_torsion.PDB_ins_code 
_pdbx_validate_torsion.label_alt_id 
_pdbx_validate_torsion.phi 
_pdbx_validate_torsion.psi 
1 1 LEU A 5  ? ? 56.90  10.00   
2 1 PRO A 9  ? ? -59.48 70.70   
3 1 GLU A 16 ? ? 36.67  53.86   
4 1 LEU A 67 ? ? 56.76  -136.50 
5 1 PRO B 9  ? ? -68.54 82.58   
# 
_pdbx_validate_planes.id              1 
_pdbx_validate_planes.PDB_model_num   1 
_pdbx_validate_planes.auth_comp_id    TYR 
_pdbx_validate_planes.auth_asym_id    A 
_pdbx_validate_planes.auth_seq_id     42 
_pdbx_validate_planes.PDB_ins_code    ? 
_pdbx_validate_planes.label_alt_id    ? 
_pdbx_validate_planes.rmsd            0.065 
_pdbx_validate_planes.type            'SIDE CHAIN' 
# 
_pdbx_entry_details.entry_id                 1TCW 
_pdbx_entry_details.compound_details         ? 
_pdbx_entry_details.source_details           ? 
_pdbx_entry_details.nonpolymer_details       
;SB203386 BINDS IN THE ACTIVE SITE CAVITY IN AN UNEXPECTED
MODE SHOWING TWO INHIBITOR MOLECULES EACH BINDING TO HALF
OF THE ACTIVE SITE.
;
_pdbx_entry_details.sequence_details         ? 
_pdbx_entry_details.has_ligand_of_interest   ? 
# 
loop_
_chem_comp_atom.comp_id 
_chem_comp_atom.atom_id 
_chem_comp_atom.type_symbol 
_chem_comp_atom.pdbx_aromatic_flag 
_chem_comp_atom.pdbx_stereo_config 
_chem_comp_atom.pdbx_ordinal 
ALA N    N N N 1   
ALA CA   C N S 2   
ALA C    C N N 3   
ALA O    O N N 4   
ALA CB   C N N 5   
ALA OXT  O N N 6   
ALA H    H N N 7   
ALA H2   H N N 8   
ALA HA   H N N 9   
ALA HB1  H N N 10  
ALA HB2  H N N 11  
ALA HB3  H N N 12  
ALA HXT  H N N 13  
ARG N    N N N 14  
ARG CA   C N S 15  
ARG C    C N N 16  
ARG O    O N N 17  
ARG CB   C N N 18  
ARG CG   C N N 19  
ARG CD   C N N 20  
ARG NE   N N N 21  
ARG CZ   C N N 22  
ARG NH1  N N N 23  
ARG NH2  N N N 24  
ARG OXT  O N N 25  
ARG H    H N N 26  
ARG H2   H N N 27  
ARG HA   H N N 28  
ARG HB2  H N N 29  
ARG HB3  H N N 30  
ARG HG2  H N N 31  
ARG HG3  H N N 32  
ARG HD2  H N N 33  
ARG HD3  H N N 34  
ARG HE   H N N 35  
ARG HH11 H N N 36  
ARG HH12 H N N 37  
ARG HH21 H N N 38  
ARG HH22 H N N 39  
ARG HXT  H N N 40  
ASN N    N N N 41  
ASN CA   C N S 42  
ASN C    C N N 43  
ASN O    O N N 44  
ASN CB   C N N 45  
ASN CG   C N N 46  
ASN OD1  O N N 47  
ASN ND2  N N N 48  
ASN OXT  O N N 49  
ASN H    H N N 50  
ASN H2   H N N 51  
ASN HA   H N N 52  
ASN HB2  H N N 53  
ASN HB3  H N N 54  
ASN HD21 H N N 55  
ASN HD22 H N N 56  
ASN HXT  H N N 57  
ASP N    N N N 58  
ASP CA   C N S 59  
ASP C    C N N 60  
ASP O    O N N 61  
ASP CB   C N N 62  
ASP CG   C N N 63  
ASP OD1  O N N 64  
ASP OD2  O N N 65  
ASP OXT  O N N 66  
ASP H    H N N 67  
ASP H2   H N N 68  
ASP HA   H N N 69  
ASP HB2  H N N 70  
ASP HB3  H N N 71  
ASP HD2  H N N 72  
ASP HXT  H N N 73  
GLN N    N N N 74  
GLN CA   C N S 75  
GLN C    C N N 76  
GLN O    O N N 77  
GLN CB   C N N 78  
GLN CG   C N N 79  
GLN CD   C N N 80  
GLN OE1  O N N 81  
GLN NE2  N N N 82  
GLN OXT  O N N 83  
GLN H    H N N 84  
GLN H2   H N N 85  
GLN HA   H N N 86  
GLN HB2  H N N 87  
GLN HB3  H N N 88  
GLN HG2  H N N 89  
GLN HG3  H N N 90  
GLN HE21 H N N 91  
GLN HE22 H N N 92  
GLN HXT  H N N 93  
GLU N    N N N 94  
GLU CA   C N S 95  
GLU C    C N N 96  
GLU O    O N N 97  
GLU CB   C N N 98  
GLU CG   C N N 99  
GLU CD   C N N 100 
GLU OE1  O N N 101 
GLU OE2  O N N 102 
GLU OXT  O N N 103 
GLU H    H N N 104 
GLU H2   H N N 105 
GLU HA   H N N 106 
GLU HB2  H N N 107 
GLU HB3  H N N 108 
GLU HG2  H N N 109 
GLU HG3  H N N 110 
GLU HE2  H N N 111 
GLU HXT  H N N 112 
GLY N    N N N 113 
GLY CA   C N N 114 
GLY C    C N N 115 
GLY O    O N N 116 
GLY OXT  O N N 117 
GLY H    H N N 118 
GLY H2   H N N 119 
GLY HA2  H N N 120 
GLY HA3  H N N 121 
GLY HXT  H N N 122 
HIS N    N N N 123 
HIS CA   C N S 124 
HIS C    C N N 125 
HIS O    O N N 126 
HIS CB   C N N 127 
HIS CG   C Y N 128 
HIS ND1  N Y N 129 
HIS CD2  C Y N 130 
HIS CE1  C Y N 131 
HIS NE2  N Y N 132 
HIS OXT  O N N 133 
HIS H    H N N 134 
HIS H2   H N N 135 
HIS HA   H N N 136 
HIS HB2  H N N 137 
HIS HB3  H N N 138 
HIS HD1  H N N 139 
HIS HD2  H N N 140 
HIS HE1  H N N 141 
HIS HE2  H N N 142 
HIS HXT  H N N 143 
HOH O    O N N 144 
HOH H1   H N N 145 
HOH H2   H N N 146 
ILE N    N N N 147 
ILE CA   C N S 148 
ILE C    C N N 149 
ILE O    O N N 150 
ILE CB   C N S 151 
ILE CG1  C N N 152 
ILE CG2  C N N 153 
ILE CD1  C N N 154 
ILE OXT  O N N 155 
ILE H    H N N 156 
ILE H2   H N N 157 
ILE HA   H N N 158 
ILE HB   H N N 159 
ILE HG12 H N N 160 
ILE HG13 H N N 161 
ILE HG21 H N N 162 
ILE HG22 H N N 163 
ILE HG23 H N N 164 
ILE HD11 H N N 165 
ILE HD12 H N N 166 
ILE HD13 H N N 167 
ILE HXT  H N N 168 
IM1 C1   C N N 169 
IM1 C2   C N N 170 
IM1 C3   C N N 171 
IM1 C4   C N N 172 
IM1 O5   O N N 173 
IM1 C6   C N N 174 
IM1 O7   O N N 175 
IM1 N8   N N N 176 
IM1 C9   C N S 177 
IM1 C10  C N N 178 
IM1 C11  C Y N 179 
IM1 C12  C Y N 180 
IM1 C13  C Y N 181 
IM1 C14  C Y N 182 
IM1 C15  C Y N 183 
IM1 C16  C Y N 184 
IM1 C17  C N S 185 
IM1 O18  O N N 186 
IM1 C19  C N N 187 
IM1 C20  C N R 188 
IM1 C21  C N N 189 
IM1 C22  C Y N 190 
IM1 C23  C Y N 191 
IM1 C24  C Y N 192 
IM1 C25  C Y N 193 
IM1 C26  C Y N 194 
IM1 C27  C Y N 195 
IM1 C28  C N N 196 
IM1 O29  O N N 197 
IM1 N30  N N N 198 
IM1 C31  C N S 199 
IM1 C32  C N N 200 
IM1 C33  C N N 201 
IM1 C34  C N N 202 
IM1 C35  C Y N 203 
IM1 N36  N Y N 204 
IM1 C37  C Y N 205 
IM1 C38  C Y N 206 
IM1 N39  N Y N 207 
IM1 H1   H N N 208 
IM1 H2   H N N 209 
IM1 H3   H N N 210 
IM1 H4   H N N 211 
IM1 H5   H N N 212 
IM1 H6   H N N 213 
IM1 H7   H N N 214 
IM1 H8   H N N 215 
IM1 H9   H N N 216 
IM1 H10  H N N 217 
IM1 H11  H N N 218 
IM1 H12  H N N 219 
IM1 H13  H N N 220 
IM1 H14  H N N 221 
IM1 H15  H N N 222 
IM1 H16  H N N 223 
IM1 H17  H N N 224 
IM1 H18  H N N 225 
IM1 H19  H N N 226 
IM1 H20  H N N 227 
IM1 H21  H N N 228 
IM1 H22  H N N 229 
IM1 H23  H N N 230 
IM1 H24  H N N 231 
IM1 H25  H N N 232 
IM1 H26  H N N 233 
IM1 H27  H N N 234 
IM1 H28  H N N 235 
IM1 H29  H N N 236 
IM1 H30  H N N 237 
IM1 H31  H N N 238 
IM1 H32  H N N 239 
IM1 H33  H N N 240 
IM1 H34  H N N 241 
IM1 H35  H N N 242 
IM1 H36  H N N 243 
IM1 H37  H N N 244 
IM1 H38  H N N 245 
IM1 H39  H N N 246 
IM1 H40  H N N 247 
IM1 H41  H N N 248 
IM1 H42  H N N 249 
LEU N    N N N 250 
LEU CA   C N S 251 
LEU C    C N N 252 
LEU O    O N N 253 
LEU CB   C N N 254 
LEU CG   C N N 255 
LEU CD1  C N N 256 
LEU CD2  C N N 257 
LEU OXT  O N N 258 
LEU H    H N N 259 
LEU H2   H N N 260 
LEU HA   H N N 261 
LEU HB2  H N N 262 
LEU HB3  H N N 263 
LEU HG   H N N 264 
LEU HD11 H N N 265 
LEU HD12 H N N 266 
LEU HD13 H N N 267 
LEU HD21 H N N 268 
LEU HD22 H N N 269 
LEU HD23 H N N 270 
LEU HXT  H N N 271 
LYS N    N N N 272 
LYS CA   C N S 273 
LYS C    C N N 274 
LYS O    O N N 275 
LYS CB   C N N 276 
LYS CG   C N N 277 
LYS CD   C N N 278 
LYS CE   C N N 279 
LYS NZ   N N N 280 
LYS OXT  O N N 281 
LYS H    H N N 282 
LYS H2   H N N 283 
LYS HA   H N N 284 
LYS HB2  H N N 285 
LYS HB3  H N N 286 
LYS HG2  H N N 287 
LYS HG3  H N N 288 
LYS HD2  H N N 289 
LYS HD3  H N N 290 
LYS HE2  H N N 291 
LYS HE3  H N N 292 
LYS HZ1  H N N 293 
LYS HZ2  H N N 294 
LYS HZ3  H N N 295 
LYS HXT  H N N 296 
MET N    N N N 297 
MET CA   C N S 298 
MET C    C N N 299 
MET O    O N N 300 
MET CB   C N N 301 
MET CG   C N N 302 
MET SD   S N N 303 
MET CE   C N N 304 
MET OXT  O N N 305 
MET H    H N N 306 
MET H2   H N N 307 
MET HA   H N N 308 
MET HB2  H N N 309 
MET HB3  H N N 310 
MET HG2  H N N 311 
MET HG3  H N N 312 
MET HE1  H N N 313 
MET HE2  H N N 314 
MET HE3  H N N 315 
MET HXT  H N N 316 
PHE N    N N N 317 
PHE CA   C N S 318 
PHE C    C N N 319 
PHE O    O N N 320 
PHE CB   C N N 321 
PHE CG   C Y N 322 
PHE CD1  C Y N 323 
PHE CD2  C Y N 324 
PHE CE1  C Y N 325 
PHE CE2  C Y N 326 
PHE CZ   C Y N 327 
PHE OXT  O N N 328 
PHE H    H N N 329 
PHE H2   H N N 330 
PHE HA   H N N 331 
PHE HB2  H N N 332 
PHE HB3  H N N 333 
PHE HD1  H N N 334 
PHE HD2  H N N 335 
PHE HE1  H N N 336 
PHE HE2  H N N 337 
PHE HZ   H N N 338 
PHE HXT  H N N 339 
PRO N    N N N 340 
PRO CA   C N S 341 
PRO C    C N N 342 
PRO O    O N N 343 
PRO CB   C N N 344 
PRO CG   C N N 345 
PRO CD   C N N 346 
PRO OXT  O N N 347 
PRO H    H N N 348 
PRO HA   H N N 349 
PRO HB2  H N N 350 
PRO HB3  H N N 351 
PRO HG2  H N N 352 
PRO HG3  H N N 353 
PRO HD2  H N N 354 
PRO HD3  H N N 355 
PRO HXT  H N N 356 
SER N    N N N 357 
SER CA   C N S 358 
SER C    C N N 359 
SER O    O N N 360 
SER CB   C N N 361 
SER OG   O N N 362 
SER OXT  O N N 363 
SER H    H N N 364 
SER H2   H N N 365 
SER HA   H N N 366 
SER HB2  H N N 367 
SER HB3  H N N 368 
SER HG   H N N 369 
SER HXT  H N N 370 
THR N    N N N 371 
THR CA   C N S 372 
THR C    C N N 373 
THR O    O N N 374 
THR CB   C N R 375 
THR OG1  O N N 376 
THR CG2  C N N 377 
THR OXT  O N N 378 
THR H    H N N 379 
THR H2   H N N 380 
THR HA   H N N 381 
THR HB   H N N 382 
THR HG1  H N N 383 
THR HG21 H N N 384 
THR HG22 H N N 385 
THR HG23 H N N 386 
THR HXT  H N N 387 
TRP N    N N N 388 
TRP CA   C N S 389 
TRP C    C N N 390 
TRP O    O N N 391 
TRP CB   C N N 392 
TRP CG   C Y N 393 
TRP CD1  C Y N 394 
TRP CD2  C Y N 395 
TRP NE1  N Y N 396 
TRP CE2  C Y N 397 
TRP CE3  C Y N 398 
TRP CZ2  C Y N 399 
TRP CZ3  C Y N 400 
TRP CH2  C Y N 401 
TRP OXT  O N N 402 
TRP H    H N N 403 
TRP H2   H N N 404 
TRP HA   H N N 405 
TRP HB2  H N N 406 
TRP HB3  H N N 407 
TRP HD1  H N N 408 
TRP HE1  H N N 409 
TRP HE3  H N N 410 
TRP HZ2  H N N 411 
TRP HZ3  H N N 412 
TRP HH2  H N N 413 
TRP HXT  H N N 414 
TYR N    N N N 415 
TYR CA   C N S 416 
TYR C    C N N 417 
TYR O    O N N 418 
TYR CB   C N N 419 
TYR CG   C Y N 420 
TYR CD1  C Y N 421 
TYR CD2  C Y N 422 
TYR CE1  C Y N 423 
TYR CE2  C Y N 424 
TYR CZ   C Y N 425 
TYR OH   O N N 426 
TYR OXT  O N N 427 
TYR H    H N N 428 
TYR H2   H N N 429 
TYR HA   H N N 430 
TYR HB2  H N N 431 
TYR HB3  H N N 432 
TYR HD1  H N N 433 
TYR HD2  H N N 434 
TYR HE1  H N N 435 
TYR HE2  H N N 436 
TYR HH   H N N 437 
TYR HXT  H N N 438 
VAL N    N N N 439 
VAL CA   C N S 440 
VAL C    C N N 441 
VAL O    O N N 442 
VAL CB   C N N 443 
VAL CG1  C N N 444 
VAL CG2  C N N 445 
VAL OXT  O N N 446 
VAL H    H N N 447 
VAL H2   H N N 448 
VAL HA   H N N 449 
VAL HB   H N N 450 
VAL HG11 H N N 451 
VAL HG12 H N N 452 
VAL HG13 H N N 453 
VAL HG21 H N N 454 
VAL HG22 H N N 455 
VAL HG23 H N N 456 
VAL HXT  H N N 457 
# 
loop_
_chem_comp_bond.comp_id 
_chem_comp_bond.atom_id_1 
_chem_comp_bond.atom_id_2 
_chem_comp_bond.value_order 
_chem_comp_bond.pdbx_aromatic_flag 
_chem_comp_bond.pdbx_stereo_config 
_chem_comp_bond.pdbx_ordinal 
ALA N   CA   sing N N 1   
ALA N   H    sing N N 2   
ALA N   H2   sing N N 3   
ALA CA  C    sing N N 4   
ALA CA  CB   sing N N 5   
ALA CA  HA   sing N N 6   
ALA C   O    doub N N 7   
ALA C   OXT  sing N N 8   
ALA CB  HB1  sing N N 9   
ALA CB  HB2  sing N N 10  
ALA CB  HB3  sing N N 11  
ALA OXT HXT  sing N N 12  
ARG N   CA   sing N N 13  
ARG N   H    sing N N 14  
ARG N   H2   sing N N 15  
ARG CA  C    sing N N 16  
ARG CA  CB   sing N N 17  
ARG CA  HA   sing N N 18  
ARG C   O    doub N N 19  
ARG C   OXT  sing N N 20  
ARG CB  CG   sing N N 21  
ARG CB  HB2  sing N N 22  
ARG CB  HB3  sing N N 23  
ARG CG  CD   sing N N 24  
ARG CG  HG2  sing N N 25  
ARG CG  HG3  sing N N 26  
ARG CD  NE   sing N N 27  
ARG CD  HD2  sing N N 28  
ARG CD  HD3  sing N N 29  
ARG NE  CZ   sing N N 30  
ARG NE  HE   sing N N 31  
ARG CZ  NH1  sing N N 32  
ARG CZ  NH2  doub N N 33  
ARG NH1 HH11 sing N N 34  
ARG NH1 HH12 sing N N 35  
ARG NH2 HH21 sing N N 36  
ARG NH2 HH22 sing N N 37  
ARG OXT HXT  sing N N 38  
ASN N   CA   sing N N 39  
ASN N   H    sing N N 40  
ASN N   H2   sing N N 41  
ASN CA  C    sing N N 42  
ASN CA  CB   sing N N 43  
ASN CA  HA   sing N N 44  
ASN C   O    doub N N 45  
ASN C   OXT  sing N N 46  
ASN CB  CG   sing N N 47  
ASN CB  HB2  sing N N 48  
ASN CB  HB3  sing N N 49  
ASN CG  OD1  doub N N 50  
ASN CG  ND2  sing N N 51  
ASN ND2 HD21 sing N N 52  
ASN ND2 HD22 sing N N 53  
ASN OXT HXT  sing N N 54  
ASP N   CA   sing N N 55  
ASP N   H    sing N N 56  
ASP N   H2   sing N N 57  
ASP CA  C    sing N N 58  
ASP CA  CB   sing N N 59  
ASP CA  HA   sing N N 60  
ASP C   O    doub N N 61  
ASP C   OXT  sing N N 62  
ASP CB  CG   sing N N 63  
ASP CB  HB2  sing N N 64  
ASP CB  HB3  sing N N 65  
ASP CG  OD1  doub N N 66  
ASP CG  OD2  sing N N 67  
ASP OD2 HD2  sing N N 68  
ASP OXT HXT  sing N N 69  
GLN N   CA   sing N N 70  
GLN N   H    sing N N 71  
GLN N   H2   sing N N 72  
GLN CA  C    sing N N 73  
GLN CA  CB   sing N N 74  
GLN CA  HA   sing N N 75  
GLN C   O    doub N N 76  
GLN C   OXT  sing N N 77  
GLN CB  CG   sing N N 78  
GLN CB  HB2  sing N N 79  
GLN CB  HB3  sing N N 80  
GLN CG  CD   sing N N 81  
GLN CG  HG2  sing N N 82  
GLN CG  HG3  sing N N 83  
GLN CD  OE1  doub N N 84  
GLN CD  NE2  sing N N 85  
GLN NE2 HE21 sing N N 86  
GLN NE2 HE22 sing N N 87  
GLN OXT HXT  sing N N 88  
GLU N   CA   sing N N 89  
GLU N   H    sing N N 90  
GLU N   H2   sing N N 91  
GLU CA  C    sing N N 92  
GLU CA  CB   sing N N 93  
GLU CA  HA   sing N N 94  
GLU C   O    doub N N 95  
GLU C   OXT  sing N N 96  
GLU CB  CG   sing N N 97  
GLU CB  HB2  sing N N 98  
GLU CB  HB3  sing N N 99  
GLU CG  CD   sing N N 100 
GLU CG  HG2  sing N N 101 
GLU CG  HG3  sing N N 102 
GLU CD  OE1  doub N N 103 
GLU CD  OE2  sing N N 104 
GLU OE2 HE2  sing N N 105 
GLU OXT HXT  sing N N 106 
GLY N   CA   sing N N 107 
GLY N   H    sing N N 108 
GLY N   H2   sing N N 109 
GLY CA  C    sing N N 110 
GLY CA  HA2  sing N N 111 
GLY CA  HA3  sing N N 112 
GLY C   O    doub N N 113 
GLY C   OXT  sing N N 114 
GLY OXT HXT  sing N N 115 
HIS N   CA   sing N N 116 
HIS N   H    sing N N 117 
HIS N   H2   sing N N 118 
HIS CA  C    sing N N 119 
HIS CA  CB   sing N N 120 
HIS CA  HA   sing N N 121 
HIS C   O    doub N N 122 
HIS C   OXT  sing N N 123 
HIS CB  CG   sing N N 124 
HIS CB  HB2  sing N N 125 
HIS CB  HB3  sing N N 126 
HIS CG  ND1  sing Y N 127 
HIS CG  CD2  doub Y N 128 
HIS ND1 CE1  doub Y N 129 
HIS ND1 HD1  sing N N 130 
HIS CD2 NE2  sing Y N 131 
HIS CD2 HD2  sing N N 132 
HIS CE1 NE2  sing Y N 133 
HIS CE1 HE1  sing N N 134 
HIS NE2 HE2  sing N N 135 
HIS OXT HXT  sing N N 136 
HOH O   H1   sing N N 137 
HOH O   H2   sing N N 138 
ILE N   CA   sing N N 139 
ILE N   H    sing N N 140 
ILE N   H2   sing N N 141 
ILE CA  C    sing N N 142 
ILE CA  CB   sing N N 143 
ILE CA  HA   sing N N 144 
ILE C   O    doub N N 145 
ILE C   OXT  sing N N 146 
ILE CB  CG1  sing N N 147 
ILE CB  CG2  sing N N 148 
ILE CB  HB   sing N N 149 
ILE CG1 CD1  sing N N 150 
ILE CG1 HG12 sing N N 151 
ILE CG1 HG13 sing N N 152 
ILE CG2 HG21 sing N N 153 
ILE CG2 HG22 sing N N 154 
ILE CG2 HG23 sing N N 155 
ILE CD1 HD11 sing N N 156 
ILE CD1 HD12 sing N N 157 
ILE CD1 HD13 sing N N 158 
ILE OXT HXT  sing N N 159 
IM1 C1  C2   sing N N 160 
IM1 C1  C3   sing N N 161 
IM1 C1  C4   sing N N 162 
IM1 C1  O5   sing N N 163 
IM1 C2  H1   sing N N 164 
IM1 C2  H2   sing N N 165 
IM1 C2  H3   sing N N 166 
IM1 C3  H4   sing N N 167 
IM1 C3  H5   sing N N 168 
IM1 C3  H6   sing N N 169 
IM1 C4  H7   sing N N 170 
IM1 C4  H8   sing N N 171 
IM1 C4  H9   sing N N 172 
IM1 O5  C6   sing N N 173 
IM1 C6  O7   doub N N 174 
IM1 C6  N8   sing N N 175 
IM1 N8  C9   sing N N 176 
IM1 N8  H10  sing N N 177 
IM1 C9  C10  sing N N 178 
IM1 C9  C17  sing N N 179 
IM1 C9  H11  sing N N 180 
IM1 C10 C11  sing N N 181 
IM1 C10 H12  sing N N 182 
IM1 C10 H13  sing N N 183 
IM1 C11 C12  doub Y N 184 
IM1 C11 C16  sing Y N 185 
IM1 C12 C13  sing Y N 186 
IM1 C12 H14  sing N N 187 
IM1 C13 C14  doub Y N 188 
IM1 C13 H15  sing N N 189 
IM1 C14 C15  sing Y N 190 
IM1 C14 H16  sing N N 191 
IM1 C15 C16  doub Y N 192 
IM1 C15 H17  sing N N 193 
IM1 C16 H18  sing N N 194 
IM1 C17 O18  sing N N 195 
IM1 C17 C19  sing N N 196 
IM1 C17 H19  sing N N 197 
IM1 O18 H20  sing N N 198 
IM1 C19 C20  sing N N 199 
IM1 C19 H21  sing N N 200 
IM1 C19 H22  sing N N 201 
IM1 C20 C21  sing N N 202 
IM1 C20 C28  sing N N 203 
IM1 C20 H23  sing N N 204 
IM1 C21 C22  sing N N 205 
IM1 C21 H24  sing N N 206 
IM1 C21 H25  sing N N 207 
IM1 C22 C23  doub Y N 208 
IM1 C22 C27  sing Y N 209 
IM1 C23 C24  sing Y N 210 
IM1 C23 H26  sing N N 211 
IM1 C24 C25  doub Y N 212 
IM1 C24 H27  sing N N 213 
IM1 C25 C26  sing Y N 214 
IM1 C25 H28  sing N N 215 
IM1 C26 C27  doub Y N 216 
IM1 C26 H29  sing N N 217 
IM1 C27 H30  sing N N 218 
IM1 C28 O29  doub N N 219 
IM1 C28 N30  sing N N 220 
IM1 N30 C31  sing N N 221 
IM1 N30 H31  sing N N 222 
IM1 C31 C32  sing N N 223 
IM1 C31 C35  sing N N 224 
IM1 C31 H32  sing N N 225 
IM1 C32 C33  sing N N 226 
IM1 C32 C34  sing N N 227 
IM1 C32 H33  sing N N 228 
IM1 C33 H34  sing N N 229 
IM1 C33 H35  sing N N 230 
IM1 C33 H36  sing N N 231 
IM1 C34 H37  sing N N 232 
IM1 C34 H38  sing N N 233 
IM1 C34 H39  sing N N 234 
IM1 C35 N36  sing Y N 235 
IM1 C35 N39  doub Y N 236 
IM1 N36 C37  sing Y N 237 
IM1 N36 H40  sing N N 238 
IM1 C37 C38  doub Y N 239 
IM1 C37 H41  sing N N 240 
IM1 C38 N39  sing Y N 241 
IM1 C38 H42  sing N N 242 
LEU N   CA   sing N N 243 
LEU N   H    sing N N 244 
LEU N   H2   sing N N 245 
LEU CA  C    sing N N 246 
LEU CA  CB   sing N N 247 
LEU CA  HA   sing N N 248 
LEU C   O    doub N N 249 
LEU C   OXT  sing N N 250 
LEU CB  CG   sing N N 251 
LEU CB  HB2  sing N N 252 
LEU CB  HB3  sing N N 253 
LEU CG  CD1  sing N N 254 
LEU CG  CD2  sing N N 255 
LEU CG  HG   sing N N 256 
LEU CD1 HD11 sing N N 257 
LEU CD1 HD12 sing N N 258 
LEU CD1 HD13 sing N N 259 
LEU CD2 HD21 sing N N 260 
LEU CD2 HD22 sing N N 261 
LEU CD2 HD23 sing N N 262 
LEU OXT HXT  sing N N 263 
LYS N   CA   sing N N 264 
LYS N   H    sing N N 265 
LYS N   H2   sing N N 266 
LYS CA  C    sing N N 267 
LYS CA  CB   sing N N 268 
LYS CA  HA   sing N N 269 
LYS C   O    doub N N 270 
LYS C   OXT  sing N N 271 
LYS CB  CG   sing N N 272 
LYS CB  HB2  sing N N 273 
LYS CB  HB3  sing N N 274 
LYS CG  CD   sing N N 275 
LYS CG  HG2  sing N N 276 
LYS CG  HG3  sing N N 277 
LYS CD  CE   sing N N 278 
LYS CD  HD2  sing N N 279 
LYS CD  HD3  sing N N 280 
LYS CE  NZ   sing N N 281 
LYS CE  HE2  sing N N 282 
LYS CE  HE3  sing N N 283 
LYS NZ  HZ1  sing N N 284 
LYS NZ  HZ2  sing N N 285 
LYS NZ  HZ3  sing N N 286 
LYS OXT HXT  sing N N 287 
MET N   CA   sing N N 288 
MET N   H    sing N N 289 
MET N   H2   sing N N 290 
MET CA  C    sing N N 291 
MET CA  CB   sing N N 292 
MET CA  HA   sing N N 293 
MET C   O    doub N N 294 
MET C   OXT  sing N N 295 
MET CB  CG   sing N N 296 
MET CB  HB2  sing N N 297 
MET CB  HB3  sing N N 298 
MET CG  SD   sing N N 299 
MET CG  HG2  sing N N 300 
MET CG  HG3  sing N N 301 
MET SD  CE   sing N N 302 
MET CE  HE1  sing N N 303 
MET CE  HE2  sing N N 304 
MET CE  HE3  sing N N 305 
MET OXT HXT  sing N N 306 
PHE N   CA   sing N N 307 
PHE N   H    sing N N 308 
PHE N   H2   sing N N 309 
PHE CA  C    sing N N 310 
PHE CA  CB   sing N N 311 
PHE CA  HA   sing N N 312 
PHE C   O    doub N N 313 
PHE C   OXT  sing N N 314 
PHE CB  CG   sing N N 315 
PHE CB  HB2  sing N N 316 
PHE CB  HB3  sing N N 317 
PHE CG  CD1  doub Y N 318 
PHE CG  CD2  sing Y N 319 
PHE CD1 CE1  sing Y N 320 
PHE CD1 HD1  sing N N 321 
PHE CD2 CE2  doub Y N 322 
PHE CD2 HD2  sing N N 323 
PHE CE1 CZ   doub Y N 324 
PHE CE1 HE1  sing N N 325 
PHE CE2 CZ   sing Y N 326 
PHE CE2 HE2  sing N N 327 
PHE CZ  HZ   sing N N 328 
PHE OXT HXT  sing N N 329 
PRO N   CA   sing N N 330 
PRO N   CD   sing N N 331 
PRO N   H    sing N N 332 
PRO CA  C    sing N N 333 
PRO CA  CB   sing N N 334 
PRO CA  HA   sing N N 335 
PRO C   O    doub N N 336 
PRO C   OXT  sing N N 337 
PRO CB  CG   sing N N 338 
PRO CB  HB2  sing N N 339 
PRO CB  HB3  sing N N 340 
PRO CG  CD   sing N N 341 
PRO CG  HG2  sing N N 342 
PRO CG  HG3  sing N N 343 
PRO CD  HD2  sing N N 344 
PRO CD  HD3  sing N N 345 
PRO OXT HXT  sing N N 346 
SER N   CA   sing N N 347 
SER N   H    sing N N 348 
SER N   H2   sing N N 349 
SER CA  C    sing N N 350 
SER CA  CB   sing N N 351 
SER CA  HA   sing N N 352 
SER C   O    doub N N 353 
SER C   OXT  sing N N 354 
SER CB  OG   sing N N 355 
SER CB  HB2  sing N N 356 
SER CB  HB3  sing N N 357 
SER OG  HG   sing N N 358 
SER OXT HXT  sing N N 359 
THR N   CA   sing N N 360 
THR N   H    sing N N 361 
THR N   H2   sing N N 362 
THR CA  C    sing N N 363 
THR CA  CB   sing N N 364 
THR CA  HA   sing N N 365 
THR C   O    doub N N 366 
THR C   OXT  sing N N 367 
THR CB  OG1  sing N N 368 
THR CB  CG2  sing N N 369 
THR CB  HB   sing N N 370 
THR OG1 HG1  sing N N 371 
THR CG2 HG21 sing N N 372 
THR CG2 HG22 sing N N 373 
THR CG2 HG23 sing N N 374 
THR OXT HXT  sing N N 375 
TRP N   CA   sing N N 376 
TRP N   H    sing N N 377 
TRP N   H2   sing N N 378 
TRP CA  C    sing N N 379 
TRP CA  CB   sing N N 380 
TRP CA  HA   sing N N 381 
TRP C   O    doub N N 382 
TRP C   OXT  sing N N 383 
TRP CB  CG   sing N N 384 
TRP CB  HB2  sing N N 385 
TRP CB  HB3  sing N N 386 
TRP CG  CD1  doub Y N 387 
TRP CG  CD2  sing Y N 388 
TRP CD1 NE1  sing Y N 389 
TRP CD1 HD1  sing N N 390 
TRP CD2 CE2  doub Y N 391 
TRP CD2 CE3  sing Y N 392 
TRP NE1 CE2  sing Y N 393 
TRP NE1 HE1  sing N N 394 
TRP CE2 CZ2  sing Y N 395 
TRP CE3 CZ3  doub Y N 396 
TRP CE3 HE3  sing N N 397 
TRP CZ2 CH2  doub Y N 398 
TRP CZ2 HZ2  sing N N 399 
TRP CZ3 CH2  sing Y N 400 
TRP CZ3 HZ3  sing N N 401 
TRP CH2 HH2  sing N N 402 
TRP OXT HXT  sing N N 403 
TYR N   CA   sing N N 404 
TYR N   H    sing N N 405 
TYR N   H2   sing N N 406 
TYR CA  C    sing N N 407 
TYR CA  CB   sing N N 408 
TYR CA  HA   sing N N 409 
TYR C   O    doub N N 410 
TYR C   OXT  sing N N 411 
TYR CB  CG   sing N N 412 
TYR CB  HB2  sing N N 413 
TYR CB  HB3  sing N N 414 
TYR CG  CD1  doub Y N 415 
TYR CG  CD2  sing Y N 416 
TYR CD1 CE1  sing Y N 417 
TYR CD1 HD1  sing N N 418 
TYR CD2 CE2  doub Y N 419 
TYR CD2 HD2  sing N N 420 
TYR CE1 CZ   doub Y N 421 
TYR CE1 HE1  sing N N 422 
TYR CE2 CZ   sing Y N 423 
TYR CE2 HE2  sing N N 424 
TYR CZ  OH   sing N N 425 
TYR OH  HH   sing N N 426 
TYR OXT HXT  sing N N 427 
VAL N   CA   sing N N 428 
VAL N   H    sing N N 429 
VAL N   H2   sing N N 430 
VAL CA  C    sing N N 431 
VAL CA  CB   sing N N 432 
VAL CA  HA   sing N N 433 
VAL C   O    doub N N 434 
VAL C   OXT  sing N N 435 
VAL CB  CG1  sing N N 436 
VAL CB  CG2  sing N N 437 
VAL CB  HB   sing N N 438 
VAL CG1 HG11 sing N N 439 
VAL CG1 HG12 sing N N 440 
VAL CG1 HG13 sing N N 441 
VAL CG2 HG21 sing N N 442 
VAL CG2 HG22 sing N N 443 
VAL CG2 HG23 sing N N 444 
VAL OXT HXT  sing N N 445 
# 
_atom_sites.entry_id                    1TCW 
_atom_sites.fract_transf_matrix[1][1]   0.00240893 
_atom_sites.fract_transf_matrix[1][2]   0.00676887 
_atom_sites.fract_transf_matrix[1][3]   0.01658916 
_atom_sites.fract_transf_matrix[2][1]   -0.01496725 
_atom_sites.fract_transf_matrix[2][2]   0.01814504 
_atom_sites.fract_transf_matrix[2][3]   -0.00523031 
_atom_sites.fract_transf_matrix[3][1]   -0.01411950 
_atom_sites.fract_transf_matrix[3][2]   -0.00899693 
_atom_sites.fract_transf_matrix[3][3]   0.00919265 
_atom_sites.fract_transf_vector[1]      1.229121 
_atom_sites.fract_transf_vector[2]      0.233773 
_atom_sites.fract_transf_vector[3]      0.382694 
# 
loop_
_atom_type.symbol 
C 
N 
O 
S 
# 
loop_
_atom_site.group_PDB 
_atom_site.id 
_atom_site.type_symbol 
_atom_site.label_atom_id 
_atom_site.label_alt_id 
_atom_site.label_comp_id 
_atom_site.label_asym_id 
_atom_site.label_entity_id 
_atom_site.label_seq_id 
_atom_site.pdbx_PDB_ins_code 
_atom_site.Cartn_x 
_atom_site.Cartn_y 
_atom_site.Cartn_z 
_atom_site.occupancy 
_atom_site.B_iso_or_equiv 
_atom_site.pdbx_formal_charge 
_atom_site.auth_seq_id 
_atom_site.auth_comp_id 
_atom_site.auth_asym_id 
_atom_site.auth_atom_id 
_atom_site.pdbx_PDB_model_num 
ATOM   1    N N   . PRO A 1 1  ? 7.346   1.635   18.101  1.00 20.86 ? 1   PRO A N   1 
ATOM   2    C CA  . PRO A 1 1  ? 8.134   0.634   17.326  1.00 21.38 ? 1   PRO A CA  1 
ATOM   3    C C   . PRO A 1 1  ? 8.494   1.204   15.959  1.00 21.70 ? 1   PRO A C   1 
ATOM   4    O O   . PRO A 1 1  ? 8.070   2.322   15.694  1.00 24.09 ? 1   PRO A O   1 
ATOM   5    C CB  . PRO A 1 1  ? 7.245   -0.623  17.251  1.00 21.20 ? 1   PRO A CB  1 
ATOM   6    C CG  . PRO A 1 1  ? 5.990   -0.171  17.992  1.00 22.40 ? 1   PRO A CG  1 
ATOM   7    C CD  . PRO A 1 1  ? 6.429   0.892   18.968  1.00 19.00 ? 1   PRO A CD  1 
ATOM   8    N N   . GLN A 1 2  ? 9.195   0.480   15.096  1.00 22.14 ? 2   GLN A N   1 
ATOM   9    C CA  . GLN A 1 2  ? 9.595   0.940   13.769  1.00 21.76 ? 2   GLN A CA  1 
ATOM   10   C C   . GLN A 1 2  ? 9.644   -0.309  12.924  1.00 21.18 ? 2   GLN A C   1 
ATOM   11   O O   . GLN A 1 2  ? 10.127  -1.344  13.397  1.00 23.21 ? 2   GLN A O   1 
ATOM   12   C CB  . GLN A 1 2  ? 10.966  1.567   13.797  1.00 21.10 ? 2   GLN A CB  1 
ATOM   13   C CG  . GLN A 1 2  ? 11.305  2.188   12.462  1.00 26.39 ? 2   GLN A CG  1 
ATOM   14   C CD  . GLN A 1 2  ? 12.494  3.133   12.547  1.00 28.81 ? 2   GLN A CD  1 
ATOM   15   O OE1 . GLN A 1 2  ? 13.440  3.045   11.759  1.00 31.40 ? 2   GLN A OE1 1 
ATOM   16   N NE2 . GLN A 1 2  ? 12.477  4.088   13.467  1.00 28.39 ? 2   GLN A NE2 1 
ATOM   17   N N   . PHE A 1 3  ? 9.142   -0.219  11.713  1.00 17.27 ? 3   PHE A N   1 
ATOM   18   C CA  . PHE A 1 3  ? 9.115   -1.356  10.807  1.00 16.90 ? 3   PHE A CA  1 
ATOM   19   C C   . PHE A 1 3  ? 9.925   -0.783  9.636   1.00 15.12 ? 3   PHE A C   1 
ATOM   20   O O   . PHE A 1 3  ? 9.590   0.283   9.117   1.00 15.57 ? 3   PHE A O   1 
ATOM   21   C CB  . PHE A 1 3  ? 7.614   -1.678  10.496  1.00 12.08 ? 3   PHE A CB  1 
ATOM   22   C CG  . PHE A 1 3  ? 6.778   -1.946  11.737  1.00 13.03 ? 3   PHE A CG  1 
ATOM   23   C CD1 . PHE A 1 3  ? 6.278   -0.903  12.527  1.00 10.28 ? 3   PHE A CD1 1 
ATOM   24   C CD2 . PHE A 1 3  ? 6.500   -3.257  12.153  1.00 12.83 ? 3   PHE A CD2 1 
ATOM   25   C CE1 . PHE A 1 3  ? 5.544   -1.151  13.684  1.00 8.37  ? 3   PHE A CE1 1 
ATOM   26   C CE2 . PHE A 1 3  ? 5.756   -3.513  13.312  1.00 10.25 ? 3   PHE A CE2 1 
ATOM   27   C CZ  . PHE A 1 3  ? 5.281   -2.457  14.079  1.00 10.93 ? 3   PHE A CZ  1 
ATOM   28   N N   . SER A 1 4  ? 10.994  -1.449  9.247   1.00 14.79 ? 4   SER A N   1 
ATOM   29   C CA  . SER A 1 4  ? 11.884  -0.999  8.157   1.00 17.12 ? 4   SER A CA  1 
ATOM   30   C C   . SER A 1 4  ? 11.571  -1.347  6.704   1.00 12.45 ? 4   SER A C   1 
ATOM   31   O O   . SER A 1 4  ? 12.400  -1.185  5.822   1.00 16.13 ? 4   SER A O   1 
ATOM   32   C CB  . SER A 1 4  ? 13.322  -1.466  8.501   1.00 16.06 ? 4   SER A CB  1 
ATOM   33   O OG  . SER A 1 4  ? 13.399  -1.771  9.883   1.00 21.93 ? 4   SER A OG  1 
ATOM   34   N N   . LEU A 1 5  ? 10.425  -1.908  6.430   1.00 9.40  ? 5   LEU A N   1 
ATOM   35   C CA  . LEU A 1 5  ? 10.001  -2.257  5.081   1.00 6.42  ? 5   LEU A CA  1 
ATOM   36   C C   . LEU A 1 5  ? 10.892  -3.187  4.258   1.00 6.18  ? 5   LEU A C   1 
ATOM   37   O O   . LEU A 1 5  ? 10.707  -3.274  3.058   1.00 5.35  ? 5   LEU A O   1 
ATOM   38   C CB  . LEU A 1 5  ? 9.716   -0.918  4.294   1.00 7.38  ? 5   LEU A CB  1 
ATOM   39   C CG  . LEU A 1 5  ? 9.181   0.425   4.981   1.00 5.15  ? 5   LEU A CG  1 
ATOM   40   C CD1 . LEU A 1 5  ? 8.960   1.493   3.930   1.00 3.79  ? 5   LEU A CD1 1 
ATOM   41   C CD2 . LEU A 1 5  ? 7.867   0.203   5.664   1.00 8.18  ? 5   LEU A CD2 1 
ATOM   42   N N   . TRP A 1 6  ? 11.917  -3.832  4.780   1.00 6.00  ? 6   TRP A N   1 
ATOM   43   C CA  . TRP A 1 6  ? 12.706  -4.746  3.970   1.00 5.85  ? 6   TRP A CA  1 
ATOM   44   C C   . TRP A 1 6  ? 11.834  -5.974  3.827   1.00 7.39  ? 6   TRP A C   1 
ATOM   45   O O   . TRP A 1 6  ? 11.935  -6.564  2.779   1.00 10.81 ? 6   TRP A O   1 
ATOM   46   C CB  . TRP A 1 6  ? 13.951  -5.262  4.617   1.00 8.02  ? 6   TRP A CB  1 
ATOM   47   C CG  . TRP A 1 6  ? 14.867  -4.158  4.875   1.00 7.47  ? 6   TRP A CG  1 
ATOM   48   C CD1 . TRP A 1 6  ? 14.914  -3.433  6.005   1.00 6.94  ? 6   TRP A CD1 1 
ATOM   49   C CD2 . TRP A 1 6  ? 15.763  -3.589  3.903   1.00 10.97 ? 6   TRP A CD2 1 
ATOM   50   N NE1 . TRP A 1 6  ? 15.778  -2.405  5.779   1.00 9.59  ? 6   TRP A NE1 1 
ATOM   51   C CE2 . TRP A 1 6  ? 16.329  -2.456  4.521   1.00 9.27  ? 6   TRP A CE2 1 
ATOM   52   C CE3 . TRP A 1 6  ? 16.123  -3.921  2.573   1.00 12.32 ? 6   TRP A CE3 1 
ATOM   53   C CZ2 . TRP A 1 6  ? 17.243  -1.631  3.856   1.00 12.16 ? 6   TRP A CZ2 1 
ATOM   54   C CZ3 . TRP A 1 6  ? 17.028  -3.104  1.901   1.00 15.85 ? 6   TRP A CZ3 1 
ATOM   55   C CH2 . TRP A 1 6  ? 17.573  -1.972  2.549   1.00 17.02 ? 6   TRP A CH2 1 
ATOM   56   N N   . ARG A 1 7  ? 11.095  -6.383  4.874   1.00 9.64  ? 7   ARG A N   1 
ATOM   57   C CA  . ARG A 1 7  ? 10.161  -7.528  4.977   1.00 12.41 ? 7   ARG A CA  1 
ATOM   58   C C   . ARG A 1 7  ? 8.774   -6.876  4.924   1.00 11.75 ? 7   ARG A C   1 
ATOM   59   O O   . ARG A 1 7  ? 8.680   -5.740  5.409   1.00 11.61 ? 7   ARG A O   1 
ATOM   60   C CB  . ARG A 1 7  ? 10.233  -8.256  6.314   1.00 11.52 ? 7   ARG A CB  1 
ATOM   61   C CG  . ARG A 1 7  ? 10.946  -9.599  6.282   1.00 23.93 ? 7   ARG A CG  1 
ATOM   62   C CD  . ARG A 1 7  ? 10.277  -10.717 5.413   1.00 31.90 ? 7   ARG A CD  1 
ATOM   63   N NE  . ARG A 1 7  ? 9.673   -11.823 6.167   1.00 35.72 ? 7   ARG A NE  1 
ATOM   64   C CZ  . ARG A 1 7  ? 8.482   -11.816 6.805   1.00 39.71 ? 7   ARG A CZ  1 
ATOM   65   N NH1 . ARG A 1 7  ? 7.663   -10.754 6.832   1.00 43.37 ? 7   ARG A NH1 1 
ATOM   66   N NH2 . ARG A 1 7  ? 8.090   -12.909 7.456   1.00 41.00 ? 7   ARG A NH2 1 
ATOM   67   N N   . ARG A 1 8  ? 7.716   -7.479  4.387   1.00 10.52 ? 8   ARG A N   1 
ATOM   68   C CA  . ARG A 1 8  ? 6.387   -6.825  4.346   1.00 8.85  ? 8   ARG A CA  1 
ATOM   69   C C   . ARG A 1 8  ? 5.902   -6.570  5.778   1.00 9.00  ? 8   ARG A C   1 
ATOM   70   O O   . ARG A 1 8  ? 5.900   -7.554  6.545   1.00 10.01 ? 8   ARG A O   1 
ATOM   71   C CB  . ARG A 1 8  ? 5.347   -7.697  3.633   1.00 8.09  ? 8   ARG A CB  1 
ATOM   72   C CG  . ARG A 1 8  ? 5.791   -8.099  2.242   1.00 10.85 ? 8   ARG A CG  1 
ATOM   73   C CD  . ARG A 1 8  ? 4.734   -8.081  1.179   1.00 10.86 ? 8   ARG A CD  1 
ATOM   74   N NE  . ARG A 1 8  ? 4.035   -9.337  1.140   1.00 15.43 ? 8   ARG A NE  1 
ATOM   75   C CZ  . ARG A 1 8  ? 3.893   -10.151 0.082   1.00 17.19 ? 8   ARG A CZ  1 
ATOM   76   N NH1 . ARG A 1 8  ? 4.381   -9.931  -1.129  1.00 15.19 ? 8   ARG A NH1 1 
ATOM   77   N NH2 . ARG A 1 8  ? 3.208   -11.265 0.266   1.00 18.60 ? 8   ARG A NH2 1 
ATOM   78   N N   . PRO A 1 9  ? 5.567   -5.302  6.213   1.00 6.58  ? 9   PRO A N   1 
ATOM   79   C CA  . PRO A 1 9  ? 5.083   -4.984  7.584   1.00 4.40  ? 9   PRO A CA  1 
ATOM   80   C C   . PRO A 1 9  ? 3.779   -5.725  7.976   1.00 4.70  ? 9   PRO A C   1 
ATOM   81   O O   . PRO A 1 9  ? 2.709   -5.110  7.996   1.00 7.54  ? 9   PRO A O   1 
ATOM   82   C CB  . PRO A 1 9  ? 4.996   -3.461  7.529   1.00 3.09  ? 9   PRO A CB  1 
ATOM   83   C CG  . PRO A 1 9  ? 4.603   -3.233  6.116   1.00 2.70  ? 9   PRO A CG  1 
ATOM   84   C CD  . PRO A 1 9  ? 5.602   -4.062  5.416   1.00 2.00  ? 9   PRO A CD  1 
ATOM   85   N N   . VAL A 1 10 ? 3.789   -7.035  8.204   1.00 5.29  ? 10  VAL A N   1 
ATOM   86   C CA  . VAL A 1 10 ? 2.567   -7.743  8.563   1.00 9.58  ? 10  VAL A CA  1 
ATOM   87   C C   . VAL A 1 10 ? 2.539   -7.991  10.071  1.00 9.27  ? 10  VAL A C   1 
ATOM   88   O O   . VAL A 1 10 ? 3.563   -8.298  10.693  1.00 10.09 ? 10  VAL A O   1 
ATOM   89   C CB  . VAL A 1 10 ? 2.414   -9.110  7.737   1.00 10.52 ? 10  VAL A CB  1 
ATOM   90   C CG1 . VAL A 1 10 ? 3.598   -10.034 7.952   1.00 18.06 ? 10  VAL A CG1 1 
ATOM   91   C CG2 . VAL A 1 10 ? 1.192   -9.887  8.231   1.00 11.15 ? 10  VAL A CG2 1 
ATOM   92   N N   . VAL A 1 11 ? 1.401   -7.761  10.694  1.00 6.47  ? 11  VAL A N   1 
ATOM   93   C CA  . VAL A 1 11 ? 1.341   -7.977  12.116  1.00 7.98  ? 11  VAL A CA  1 
ATOM   94   C C   . VAL A 1 11 ? 0.088   -8.771  12.393  1.00 8.89  ? 11  VAL A C   1 
ATOM   95   O O   . VAL A 1 11 ? -0.605  -9.156  11.443  1.00 12.20 ? 11  VAL A O   1 
ATOM   96   C CB  . VAL A 1 11 ? 1.323   -6.598  12.889  1.00 6.73  ? 11  VAL A CB  1 
ATOM   97   C CG1 . VAL A 1 11 ? 2.601   -5.801  12.661  1.00 8.58  ? 11  VAL A CG1 1 
ATOM   98   C CG2 . VAL A 1 11 ? 0.173   -5.771  12.400  1.00 6.71  ? 11  VAL A CG2 1 
ATOM   99   N N   . THR A 1 12 ? -0.165  -9.025  13.660  1.00 7.95  ? 12  THR A N   1 
ATOM   100  C CA  . THR A 1 12 ? -1.337  -9.740  14.072  1.00 7.14  ? 12  THR A CA  1 
ATOM   101  C C   . THR A 1 12 ? -2.326  -8.743  14.702  1.00 9.60  ? 12  THR A C   1 
ATOM   102  O O   . THR A 1 12 ? -1.928  -7.984  15.595  1.00 7.49  ? 12  THR A O   1 
ATOM   103  C CB  . THR A 1 12 ? -0.966  -10.780 15.112  1.00 6.53  ? 12  THR A CB  1 
ATOM   104  O OG1 . THR A 1 12 ? 0.024   -11.568 14.486  1.00 12.45 ? 12  THR A OG1 1 
ATOM   105  C CG2 . THR A 1 12 ? -2.114  -11.703 15.552  1.00 6.05  ? 12  THR A CG2 1 
ATOM   106  N N   . ALA A 1 13 ? -3.591  -8.859  14.312  1.00 8.20  ? 13  ALA A N   1 
ATOM   107  C CA  . ALA A 1 13 ? -4.731  -8.073  14.762  1.00 8.40  ? 13  ALA A CA  1 
ATOM   108  C C   . ALA A 1 13 ? -5.719  -9.109  15.313  1.00 8.79  ? 13  ALA A C   1 
ATOM   109  O O   . ALA A 1 13 ? -5.555  -10.321 15.096  1.00 9.84  ? 13  ALA A O   1 
ATOM   110  C CB  . ALA A 1 13 ? -5.427  -7.344  13.602  1.00 8.72  ? 13  ALA A CB  1 
ATOM   111  N N   . HIS A 1 14 ? -6.683  -8.730  16.125  1.00 7.16  ? 14  HIS A N   1 
ATOM   112  C CA  . HIS A 1 14 ? -7.658  -9.673  16.637  1.00 8.69  ? 14  HIS A CA  1 
ATOM   113  C C   . HIS A 1 14 ? -8.829  -8.830  16.370  1.00 9.12  ? 14  HIS A C   1 
ATOM   114  O O   . HIS A 1 14 ? -8.949  -7.807  17.011  1.00 13.45 ? 14  HIS A O   1 
ATOM   115  C CB  . HIS A 1 14 ? -7.654  -9.882  18.086  1.00 12.25 ? 14  HIS A CB  1 
ATOM   116  C CG  . HIS A 1 14 ? -6.691  -10.935 18.448  1.00 16.58 ? 14  HIS A CG  1 
ATOM   117  N ND1 . HIS A 1 14 ? -5.317  -10.761 18.361  1.00 14.74 ? 14  HIS A ND1 1 
ATOM   118  C CD2 . HIS A 1 14 ? -6.919  -12.178 18.906  1.00 16.75 ? 14  HIS A CD2 1 
ATOM   119  C CE1 . HIS A 1 14 ? -4.715  -11.857 18.750  1.00 16.18 ? 14  HIS A CE1 1 
ATOM   120  N NE2 . HIS A 1 14 ? -5.666  -12.716 19.081  1.00 18.91 ? 14  HIS A NE2 1 
ATOM   121  N N   . ILE A 1 15 ? -9.555  -9.185  15.352  1.00 9.85  ? 15  ILE A N   1 
ATOM   122  C CA  . ILE A 1 15 ? -10.729 -8.474  14.939  1.00 11.76 ? 15  ILE A CA  1 
ATOM   123  C C   . ILE A 1 15 ? -11.833 -9.231  15.624  1.00 14.12 ? 15  ILE A C   1 
ATOM   124  O O   . ILE A 1 15 ? -11.929 -10.445 15.508  1.00 13.56 ? 15  ILE A O   1 
ATOM   125  C CB  . ILE A 1 15 ? -10.894 -8.510  13.417  1.00 9.59  ? 15  ILE A CB  1 
ATOM   126  C CG1 . ILE A 1 15 ? -9.579  -7.888  12.803  1.00 9.12  ? 15  ILE A CG1 1 
ATOM   127  C CG2 . ILE A 1 15 ? -12.170 -7.744  12.994  1.00 10.59 ? 15  ILE A CG2 1 
ATOM   128  C CD1 . ILE A 1 15 ? -9.495  -7.544  11.350  1.00 2.01  ? 15  ILE A CD1 1 
ATOM   129  N N   . GLU A 1 16 ? -12.478 -8.426  16.465  1.00 18.37 ? 16  GLU A N   1 
ATOM   130  C CA  . GLU A 1 16 ? -13.601 -8.801  17.302  1.00 18.63 ? 16  GLU A CA  1 
ATOM   131  C C   . GLU A 1 16 ? -13.443 -10.219 17.823  1.00 18.58 ? 16  GLU A C   1 
ATOM   132  O O   . GLU A 1 16 ? -14.281 -11.081 17.603  1.00 17.97 ? 16  GLU A O   1 
ATOM   133  C CB  . GLU A 1 16 ? -14.792 -8.615  16.443  1.00 21.40 ? 16  GLU A CB  1 
ATOM   134  C CG  . GLU A 1 16 ? -15.902 -8.120  17.271  1.00 25.18 ? 16  GLU A CG  1 
ATOM   135  C CD  . GLU A 1 16 ? -16.793 -7.302  16.372  1.00 30.39 ? 16  GLU A CD  1 
ATOM   136  O OE1 . GLU A 1 16 ? -17.321 -7.860  15.367  1.00 30.86 ? 16  GLU A OE1 1 
ATOM   137  O OE2 . GLU A 1 16 ? -16.939 -6.094  16.679  1.00 30.57 ? 16  GLU A OE2 1 
ATOM   138  N N   . GLY A 1 17 ? -12.294 -10.457 18.451  1.00 19.52 ? 17  GLY A N   1 
ATOM   139  C CA  . GLY A 1 17 ? -11.969 -11.772 18.962  1.00 19.10 ? 17  GLY A CA  1 
ATOM   140  C C   . GLY A 1 17 ? -11.043 -12.558 18.054  1.00 19.34 ? 17  GLY A C   1 
ATOM   141  O O   . GLY A 1 17 ? -10.005 -13.022 18.524  1.00 24.33 ? 17  GLY A O   1 
ATOM   142  N N   . GLN A 1 18 ? -11.343 -12.662 16.774  1.00 17.24 ? 18  GLN A N   1 
ATOM   143  C CA  . GLN A 1 18 ? -10.612 -13.434 15.794  1.00 16.65 ? 18  GLN A CA  1 
ATOM   144  C C   . GLN A 1 18 ? -9.227  -12.871 15.337  1.00 15.95 ? 18  GLN A C   1 
ATOM   145  O O   . GLN A 1 18 ? -9.122  -11.792 14.727  1.00 8.19  ? 18  GLN A O   1 
ATOM   146  C CB  . GLN A 1 18 ? -11.538 -13.604 14.587  1.00 18.73 ? 18  GLN A CB  1 
ATOM   147  C CG  . GLN A 1 18 ? -12.912 -14.212 14.815  1.00 24.07 ? 18  GLN A CG  1 
ATOM   148  C CD  . GLN A 1 18 ? -13.888 -13.866 13.677  1.00 31.69 ? 18  GLN A CD  1 
ATOM   149  O OE1 . GLN A 1 18 ? -14.560 -12.826 13.662  1.00 31.66 ? 18  GLN A OE1 1 
ATOM   150  N NE2 . GLN A 1 18 ? -14.009 -14.692 12.635  1.00 37.81 ? 18  GLN A NE2 1 
ATOM   151  N N   . PRO A 1 19 ? -8.139  -13.650 15.565  1.00 13.05 ? 19  PRO A N   1 
ATOM   152  C CA  . PRO A 1 19 ? -6.759  -13.405 15.043  1.00 14.27 ? 19  PRO A CA  1 
ATOM   153  C C   . PRO A 1 19 ? -6.487  -13.321 13.531  1.00 12.21 ? 19  PRO A C   1 
ATOM   154  O O   . PRO A 1 19 ? -6.763  -14.271 12.804  1.00 14.54 ? 19  PRO A O   1 
ATOM   155  C CB  . PRO A 1 19 ? -5.902  -14.512 15.685  1.00 13.37 ? 19  PRO A CB  1 
ATOM   156  C CG  . PRO A 1 19 ? -6.763  -14.908 16.859  1.00 16.75 ? 19  PRO A CG  1 
ATOM   157  C CD  . PRO A 1 19 ? -8.163  -14.899 16.326  1.00 10.73 ? 19  PRO A CD  1 
ATOM   158  N N   . VAL A 1 20 ? -5.835  -12.292 13.018  1.00 11.78 ? 20  VAL A N   1 
ATOM   159  C CA  . VAL A 1 20 ? -5.563  -12.171 11.586  1.00 11.54 ? 20  VAL A CA  1 
ATOM   160  C C   . VAL A 1 20 ? -4.245  -11.430 11.329  1.00 11.12 ? 20  VAL A C   1 
ATOM   161  O O   . VAL A 1 20 ? -3.933  -10.479 12.032  1.00 9.91  ? 20  VAL A O   1 
ATOM   162  C CB  . VAL A 1 20 ? -6.680  -11.375 10.852  1.00 12.85 ? 20  VAL A CB  1 
ATOM   163  C CG1 . VAL A 1 20 ? -8.009  -12.092 10.706  1.00 15.47 ? 20  VAL A CG1 1 
ATOM   164  C CG2 . VAL A 1 20 ? -7.019  -10.212 11.751  1.00 16.69 ? 20  VAL A CG2 1 
ATOM   165  N N   . GLU A 1 21 ? -3.472  -11.893 10.345  1.00 13.36 ? 21  GLU A N   1 
ATOM   166  C CA  . GLU A 1 21 ? -2.197  -11.336 9.911   1.00 14.88 ? 21  GLU A CA  1 
ATOM   167  C C   . GLU A 1 21 ? -2.635  -10.223 8.974   1.00 15.11 ? 21  GLU A C   1 
ATOM   168  O O   . GLU A 1 21 ? -3.322  -10.489 7.972   1.00 15.26 ? 21  GLU A O   1 
ATOM   169  C CB  . GLU A 1 21 ? -1.359  -12.350 9.112   1.00 16.17 ? 21  GLU A CB  1 
ATOM   170  C CG  . GLU A 1 21 ? -0.687  -13.440 9.941   1.00 23.28 ? 21  GLU A CG  1 
ATOM   171  C CD  . GLU A 1 21 ? 0.131   -12.913 11.133  1.00 26.88 ? 21  GLU A CD  1 
ATOM   172  O OE1 . GLU A 1 21 ? -0.462  -12.774 12.230  1.00 24.95 ? 21  GLU A OE1 1 
ATOM   173  O OE2 . GLU A 1 21 ? 1.351   -12.659 10.982  1.00 25.97 ? 21  GLU A OE2 1 
ATOM   174  N N   . VAL A 1 22 ? -2.268  -8.995  9.237   1.00 10.78 ? 22  VAL A N   1 
ATOM   175  C CA  . VAL A 1 22 ? -2.691  -7.932  8.373   1.00 10.35 ? 22  VAL A CA  1 
ATOM   176  C C   . VAL A 1 22 ? -1.439  -7.210  7.951   1.00 9.95  ? 22  VAL A C   1 
ATOM   177  O O   . VAL A 1 22 ? -0.451  -7.280  8.652   1.00 12.43 ? 22  VAL A O   1 
ATOM   178  C CB  . VAL A 1 22 ? -3.691  -7.006  9.140   1.00 8.93  ? 22  VAL A CB  1 
ATOM   179  C CG1 . VAL A 1 22 ? -5.019  -7.710  9.295   1.00 8.08  ? 22  VAL A CG1 1 
ATOM   180  C CG2 . VAL A 1 22 ? -3.235  -6.744  10.581  1.00 11.81 ? 22  VAL A CG2 1 
ATOM   181  N N   . LEU A 1 23 ? -1.456  -6.535  6.826   1.00 12.17 ? 23  LEU A N   1 
ATOM   182  C CA  . LEU A 1 23 ? -0.346  -5.781  6.264   1.00 8.42  ? 23  LEU A CA  1 
ATOM   183  C C   . LEU A 1 23 ? -0.623  -4.290  6.558   1.00 9.88  ? 23  LEU A C   1 
ATOM   184  O O   . LEU A 1 23 ? -1.725  -3.799  6.240   1.00 8.41  ? 23  LEU A O   1 
ATOM   185  C CB  . LEU A 1 23 ? -0.329  -6.027  4.776   1.00 2.00  ? 23  LEU A CB  1 
ATOM   186  C CG  . LEU A 1 23 ? 0.649   -5.374  3.894   1.00 2.00  ? 23  LEU A CG  1 
ATOM   187  C CD1 . LEU A 1 23 ? 2.060   -5.832  4.216   1.00 2.00  ? 23  LEU A CD1 1 
ATOM   188  C CD2 . LEU A 1 23 ? 0.306   -5.796  2.457   1.00 4.32  ? 23  LEU A CD2 1 
ATOM   189  N N   . LEU A 1 24 ? 0.377   -3.628  7.146   1.00 5.81  ? 24  LEU A N   1 
ATOM   190  C CA  . LEU A 1 24 ? 0.352   -2.223  7.493   1.00 5.10  ? 24  LEU A CA  1 
ATOM   191  C C   . LEU A 1 24 ? 0.512   -1.522  6.109   1.00 6.13  ? 24  LEU A C   1 
ATOM   192  O O   . LEU A 1 24 ? 1.632   -1.440  5.547   1.00 2.90  ? 24  LEU A O   1 
ATOM   193  C CB  . LEU A 1 24 ? 1.530   -2.051  8.472   1.00 4.62  ? 24  LEU A CB  1 
ATOM   194  C CG  . LEU A 1 24 ? 1.277   -1.899  9.993   1.00 3.60  ? 24  LEU A CG  1 
ATOM   195  C CD1 . LEU A 1 24 ? 0.074   -2.646  10.493  1.00 2.00  ? 24  LEU A CD1 1 
ATOM   196  C CD2 . LEU A 1 24 ? 2.539   -2.351  10.659  1.00 2.00  ? 24  LEU A CD2 1 
ATOM   197  N N   . ASP A 1 25 ? -0.592  -0.999  5.547   1.00 2.99  ? 25  ASP A N   1 
ATOM   198  C CA  . ASP A 1 25 ? -0.550  -0.362  4.246   1.00 4.35  ? 25  ASP A CA  1 
ATOM   199  C C   . ASP A 1 25 ? -0.840  1.156   4.124   1.00 7.81  ? 25  ASP A C   1 
ATOM   200  O O   . ASP A 1 25 ? -1.983  1.612   4.258   1.00 5.22  ? 25  ASP A O   1 
ATOM   201  C CB  . ASP A 1 25 ? -1.494  -1.287  3.436   1.00 3.93  ? 25  ASP A CB  1 
ATOM   202  C CG  . ASP A 1 25 ? -1.618  -1.035  1.957   1.00 7.17  ? 25  ASP A CG  1 
ATOM   203  O OD1 . ASP A 1 25 ? -0.752  -0.321  1.426   1.00 7.37  ? 25  ASP A OD1 1 
ATOM   204  O OD2 . ASP A 1 25 ? -2.571  -1.534  1.302   1.00 8.28  ? 25  ASP A OD2 1 
ATOM   205  N N   . THR A 1 26 ? 0.173   1.955   3.724   1.00 6.14  ? 26  THR A N   1 
ATOM   206  C CA  . THR A 1 26 ? -0.019  3.402   3.590   1.00 6.09  ? 26  THR A CA  1 
ATOM   207  C C   . THR A 1 26 ? -0.675  3.810   2.273   1.00 7.28  ? 26  THR A C   1 
ATOM   208  O O   . THR A 1 26 ? -1.140  4.963   2.157   1.00 7.13  ? 26  THR A O   1 
ATOM   209  C CB  . THR A 1 26 ? 1.310   4.169   3.697   1.00 4.40  ? 26  THR A CB  1 
ATOM   210  O OG1 . THR A 1 26 ? 2.285   3.708   2.731   1.00 2.00  ? 26  THR A OG1 1 
ATOM   211  C CG2 . THR A 1 26 ? 1.804   3.992   5.120   1.00 3.62  ? 26  THR A CG2 1 
ATOM   212  N N   . GLY A 1 27 ? -0.696  2.846   1.331   1.00 5.08  ? 27  GLY A N   1 
ATOM   213  C CA  . GLY A 1 27 ? -1.294  3.049   0.025   1.00 2.00  ? 27  GLY A CA  1 
ATOM   214  C C   . GLY A 1 27 ? -2.791  2.840   0.040   1.00 2.00  ? 27  GLY A C   1 
ATOM   215  O O   . GLY A 1 27 ? -3.501  3.107   -0.941  1.00 2.00  ? 27  GLY A O   1 
ATOM   216  N N   . ALA A 1 28 ? -3.309  2.378   1.170   1.00 3.05  ? 28  ALA A N   1 
ATOM   217  C CA  . ALA A 1 28 ? -4.713  2.038   1.274   1.00 3.27  ? 28  ALA A CA  1 
ATOM   218  C C   . ALA A 1 28 ? -5.540  3.059   2.011   1.00 2.00  ? 28  ALA A C   1 
ATOM   219  O O   . ALA A 1 28 ? -5.146  3.503   3.053   1.00 4.32  ? 28  ALA A O   1 
ATOM   220  C CB  . ALA A 1 28 ? -4.865  0.685   1.964   1.00 2.00  ? 28  ALA A CB  1 
ATOM   221  N N   . ASP A 1 29 ? -6.640  3.538   1.510   1.00 2.00  ? 29  ASP A N   1 
ATOM   222  C CA  . ASP A 1 29 ? -7.488  4.488   2.217   1.00 2.46  ? 29  ASP A CA  1 
ATOM   223  C C   . ASP A 1 29 ? -8.244  3.704   3.281   1.00 2.00  ? 29  ASP A C   1 
ATOM   224  O O   . ASP A 1 29 ? -8.401  4.219   4.364   1.00 2.84  ? 29  ASP A O   1 
ATOM   225  C CB  . ASP A 1 29 ? -8.587  5.099   1.382   1.00 2.00  ? 29  ASP A CB  1 
ATOM   226  C CG  . ASP A 1 29 ? -8.214  6.038   0.249   1.00 5.05  ? 29  ASP A CG  1 
ATOM   227  O OD1 . ASP A 1 29 ? -7.026  6.253   -0.064  1.00 6.60  ? 29  ASP A OD1 1 
ATOM   228  O OD2 . ASP A 1 29 ? -9.156  6.600   -0.337  1.00 11.04 ? 29  ASP A OD2 1 
ATOM   229  N N   . ASP A 1 30 ? -8.648  2.452   3.101   1.00 3.95  ? 30  ASP A N   1 
ATOM   230  C CA  . ASP A 1 30 ? -9.418  1.638   4.065   1.00 2.00  ? 30  ASP A CA  1 
ATOM   231  C C   . ASP A 1 30 ? -8.756  0.299   4.458   1.00 3.29  ? 30  ASP A C   1 
ATOM   232  O O   . ASP A 1 30 ? -7.624  0.019   4.037   1.00 2.00  ? 30  ASP A O   1 
ATOM   233  C CB  . ASP A 1 30 ? -10.817 1.373   3.463   1.00 2.65  ? 30  ASP A CB  1 
ATOM   234  C CG  . ASP A 1 30 ? -11.528 2.586   2.819   1.00 4.38  ? 30  ASP A CG  1 
ATOM   235  O OD1 . ASP A 1 30 ? -12.219 3.358   3.525   1.00 2.65  ? 30  ASP A OD1 1 
ATOM   236  O OD2 . ASP A 1 30 ? -11.369 2.775   1.589   1.00 2.86  ? 30  ASP A OD2 1 
ATOM   237  N N   . SER A 1 31 ? -9.397  -0.448  5.360   1.00 2.44  ? 31  SER A N   1 
ATOM   238  C CA  . SER A 1 31 ? -8.883  -1.716  5.808   1.00 5.93  ? 31  SER A CA  1 
ATOM   239  C C   . SER A 1 31 ? -9.793  -2.829  5.263   1.00 5.64  ? 31  SER A C   1 
ATOM   240  O O   . SER A 1 31 ? -10.998 -2.742  5.469   1.00 6.59  ? 31  SER A O   1 
ATOM   241  C CB  . SER A 1 31 ? -8.822  -1.618  7.320   1.00 6.47  ? 31  SER A CB  1 
ATOM   242  O OG  . SER A 1 31 ? -7.846  -0.603  7.607   1.00 13.34 ? 31  SER A OG  1 
ATOM   243  N N   . ILE A 1 32 ? -9.275  -3.843  4.551   1.00 7.26  ? 32  ILE A N   1 
ATOM   244  C CA  . ILE A 1 32 ? -10.035 -4.933  3.944   1.00 5.36  ? 32  ILE A CA  1 
ATOM   245  C C   . ILE A 1 32 ? -9.347  -6.227  4.306   1.00 8.74  ? 32  ILE A C   1 
ATOM   246  O O   . ILE A 1 32 ? -8.132  -6.375  4.068   1.00 6.22  ? 32  ILE A O   1 
ATOM   247  C CB  . ILE A 1 32 ? -10.076 -4.844  2.385   1.00 7.55  ? 32  ILE A CB  1 
ATOM   248  C CG1 . ILE A 1 32 ? -10.324 -3.350  2.026   1.00 4.15  ? 32  ILE A CG1 1 
ATOM   249  C CG2 . ILE A 1 32 ? -11.167 -5.812  1.776   1.00 5.17  ? 32  ILE A CG2 1 
ATOM   250  C CD1 . ILE A 1 32 ? -10.626 -2.930  0.626   1.00 2.85  ? 32  ILE A CD1 1 
ATOM   251  N N   . VAL A 1 33 ? -10.161 -7.093  4.920   1.00 10.21 ? 33  VAL A N   1 
ATOM   252  C CA  . VAL A 1 33 ? -9.760  -8.416  5.376   1.00 12.84 ? 33  VAL A CA  1 
ATOM   253  C C   . VAL A 1 33 ? -10.650 -9.505  4.737   1.00 16.73 ? 33  VAL A C   1 
ATOM   254  O O   . VAL A 1 33 ? -11.834 -9.295  4.416   1.00 20.55 ? 33  VAL A O   1 
ATOM   255  C CB  . VAL A 1 33 ? -9.875  -8.566  6.914   1.00 12.58 ? 33  VAL A CB  1 
ATOM   256  C CG1 . VAL A 1 33 ? -8.902  -7.707  7.701   1.00 8.48  ? 33  VAL A CG1 1 
ATOM   257  C CG2 . VAL A 1 33 ? -11.255 -8.111  7.276   1.00 14.58 ? 33  VAL A CG2 1 
ATOM   258  N N   . THR A 1 34 ? -10.122 -10.692 4.536   1.00 15.18 ? 34  THR A N   1 
ATOM   259  C CA  . THR A 1 34 ? -10.867 -11.783 3.956   1.00 10.92 ? 34  THR A CA  1 
ATOM   260  C C   . THR A 1 34 ? -10.698 -12.896 4.980   1.00 12.36 ? 34  THR A C   1 
ATOM   261  O O   . THR A 1 34 ? -9.825  -12.820 5.852   1.00 12.84 ? 34  THR A O   1 
ATOM   262  C CB  . THR A 1 34 ? -10.202 -12.033 2.599   1.00 13.19 ? 34  THR A CB  1 
ATOM   263  O OG1 . THR A 1 34 ? -11.209 -12.670 1.830   1.00 13.44 ? 34  THR A OG1 1 
ATOM   264  C CG2 . THR A 1 34 ? -8.890  -12.810 2.636   1.00 5.83  ? 34  THR A CG2 1 
ATOM   265  N N   . GLY A 1 35 ? -11.587 -13.874 4.945   1.00 13.96 ? 35  GLY A N   1 
ATOM   266  C CA  . GLY A 1 35 ? -11.440 -15.068 5.777   1.00 13.67 ? 35  GLY A CA  1 
ATOM   267  C C   . GLY A 1 35 ? -11.963 -14.964 7.179   1.00 14.15 ? 35  GLY A C   1 
ATOM   268  O O   . GLY A 1 35 ? -11.677 -15.754 8.075   1.00 17.05 ? 35  GLY A O   1 
ATOM   269  N N   . ILE A 1 36 ? -12.801 -13.995 7.329   1.00 16.19 ? 36  ILE A N   1 
ATOM   270  C CA  . ILE A 1 36 ? -13.456 -13.658 8.596   1.00 20.21 ? 36  ILE A CA  1 
ATOM   271  C C   . ILE A 1 36 ? -14.802 -13.265 7.993   1.00 21.82 ? 36  ILE A C   1 
ATOM   272  O O   . ILE A 1 36 ? -14.887 -12.881 6.815   1.00 22.76 ? 36  ILE A O   1 
ATOM   273  C CB  . ILE A 1 36 ? -12.646 -12.444 9.286   1.00 18.61 ? 36  ILE A CB  1 
ATOM   274  C CG1 . ILE A 1 36 ? -13.160 -12.146 10.667  1.00 18.75 ? 36  ILE A CG1 1 
ATOM   275  C CG2 . ILE A 1 36 ? -12.773 -11.163 8.448   1.00 18.83 ? 36  ILE A CG2 1 
ATOM   276  C CD1 . ILE A 1 36 ? -12.391 -11.037 11.353  1.00 13.83 ? 36  ILE A CD1 1 
ATOM   277  N N   . GLU A 1 37 ? -15.858 -13.376 8.743   1.00 25.91 ? 37  GLU A N   1 
ATOM   278  C CA  . GLU A 1 37 ? -17.176 -13.023 8.247   1.00 29.27 ? 37  GLU A CA  1 
ATOM   279  C C   . GLU A 1 37 ? -17.671 -12.320 9.495   1.00 28.99 ? 37  GLU A C   1 
ATOM   280  O O   . GLU A 1 37 ? -17.580 -12.846 10.613  1.00 29.10 ? 37  GLU A O   1 
ATOM   281  C CB  . GLU A 1 37 ? -18.015 -14.305 7.913   1.00 34.25 ? 37  GLU A CB  1 
ATOM   282  C CG  . GLU A 1 37 ? -18.309 -14.721 6.445   1.00 40.40 ? 37  GLU A CG  1 
ATOM   283  C CD  . GLU A 1 37 ? -17.232 -15.431 5.605   1.00 45.86 ? 37  GLU A CD  1 
ATOM   284  O OE1 . GLU A 1 37 ? -16.354 -14.744 5.015   1.00 47.11 ? 37  GLU A OE1 1 
ATOM   285  O OE2 . GLU A 1 37 ? -17.289 -16.685 5.490   1.00 48.95 ? 37  GLU A OE2 1 
ATOM   286  N N   . LEU A 1 38 ? -18.129 -11.104 9.274   1.00 29.94 ? 38  LEU A N   1 
ATOM   287  C CA  . LEU A 1 38 ? -18.632 -10.262 10.358  1.00 26.97 ? 38  LEU A CA  1 
ATOM   288  C C   . LEU A 1 38 ? -20.137 -10.047 10.356  1.00 28.60 ? 38  LEU A C   1 
ATOM   289  O O   . LEU A 1 38 ? -20.586 -9.252  11.207  1.00 28.59 ? 38  LEU A O   1 
ATOM   290  C CB  . LEU A 1 38 ? -17.920 -8.921  10.291  1.00 23.32 ? 38  LEU A CB  1 
ATOM   291  C CG  . LEU A 1 38 ? -16.408 -9.016  10.169  1.00 24.82 ? 38  LEU A CG  1 
ATOM   292  C CD1 . LEU A 1 38 ? -15.773 -7.621  10.045  1.00 23.60 ? 38  LEU A CD1 1 
ATOM   293  C CD2 . LEU A 1 38 ? -15.911 -9.802  11.383  1.00 23.22 ? 38  LEU A CD2 1 
ATOM   294  N N   . GLY A 1 39 ? -20.909 -10.627 9.402   1.00 26.78 ? 39  GLY A N   1 
ATOM   295  C CA  . GLY A 1 39 ? -22.359 -10.578 9.598   1.00 26.07 ? 39  GLY A CA  1 
ATOM   296  C C   . GLY A 1 39 ? -23.247 -9.811  8.642   1.00 25.44 ? 39  GLY A C   1 
ATOM   297  O O   . GLY A 1 39 ? -22.765 -9.169  7.710   1.00 27.02 ? 39  GLY A O   1 
ATOM   298  N N   . PRO A 1 40 ? -24.584 -9.878  8.775   1.00 24.73 ? 40  PRO A N   1 
ATOM   299  C CA  . PRO A 1 40 ? -25.499 -9.367  7.743   1.00 22.88 ? 40  PRO A CA  1 
ATOM   300  C C   . PRO A 1 40 ? -25.705 -7.860  7.736   1.00 22.08 ? 40  PRO A C   1 
ATOM   301  O O   . PRO A 1 40 ? -26.160 -7.255  6.765   1.00 21.67 ? 40  PRO A O   1 
ATOM   302  C CB  . PRO A 1 40 ? -26.772 -10.148 8.014   1.00 21.32 ? 40  PRO A CB  1 
ATOM   303  C CG  . PRO A 1 40 ? -26.749 -10.240 9.510   1.00 21.30 ? 40  PRO A CG  1 
ATOM   304  C CD  . PRO A 1 40 ? -25.347 -10.703 9.750   1.00 21.97 ? 40  PRO A CD  1 
ATOM   305  N N   . HIS A 1 41 ? -25.375 -7.247  8.856   1.00 22.05 ? 41  HIS A N   1 
ATOM   306  C CA  . HIS A 1 41 ? -25.567 -5.810  8.965   1.00 23.15 ? 41  HIS A CA  1 
ATOM   307  C C   . HIS A 1 41 ? -24.348 -5.095  8.466   1.00 20.76 ? 41  HIS A C   1 
ATOM   308  O O   . HIS A 1 41 ? -23.432 -4.846  9.242   1.00 23.94 ? 41  HIS A O   1 
ATOM   309  C CB  . HIS A 1 41 ? -25.894 -5.484  10.442  1.00 25.27 ? 41  HIS A CB  1 
ATOM   310  C CG  . HIS A 1 41 ? -27.089 -6.272  10.901  1.00 31.02 ? 41  HIS A CG  1 
ATOM   311  N ND1 . HIS A 1 41 ? -28.278 -6.340  10.187  1.00 30.87 ? 41  HIS A ND1 1 
ATOM   312  C CD2 . HIS A 1 41 ? -27.247 -7.106  11.966  1.00 32.48 ? 41  HIS A CD2 1 
ATOM   313  C CE1 . HIS A 1 41 ? -29.114 -7.181  10.773  1.00 33.92 ? 41  HIS A CE1 1 
ATOM   314  N NE2 . HIS A 1 41 ? -28.503 -7.652  11.851  1.00 33.71 ? 41  HIS A NE2 1 
ATOM   315  N N   . TYR A 1 42 ? -24.334 -4.795  7.177   1.00 20.07 ? 42  TYR A N   1 
ATOM   316  C CA  . TYR A 1 42 ? -23.199 -4.104  6.574   1.00 14.76 ? 42  TYR A CA  1 
ATOM   317  C C   . TYR A 1 42 ? -23.792 -3.235  5.473   1.00 14.91 ? 42  TYR A C   1 
ATOM   318  O O   . TYR A 1 42 ? -24.971 -3.404  5.105   1.00 13.18 ? 42  TYR A O   1 
ATOM   319  C CB  . TYR A 1 42 ? -22.184 -5.153  5.990   1.00 11.37 ? 42  TYR A CB  1 
ATOM   320  C CG  . TYR A 1 42 ? -22.727 -6.025  4.891   1.00 10.73 ? 42  TYR A CG  1 
ATOM   321  C CD1 . TYR A 1 42 ? -22.731 -5.543  3.559   1.00 13.16 ? 42  TYR A CD1 1 
ATOM   322  C CD2 . TYR A 1 42 ? -23.378 -7.255  5.145   1.00 9.78  ? 42  TYR A CD2 1 
ATOM   323  C CE1 . TYR A 1 42 ? -23.369 -6.219  2.517   1.00 9.73  ? 42  TYR A CE1 1 
ATOM   324  C CE2 . TYR A 1 42 ? -24.024 -7.946  4.104   1.00 10.20 ? 42  TYR A CE2 1 
ATOM   325  C CZ  . TYR A 1 42 ? -24.024 -7.416  2.791   1.00 13.03 ? 42  TYR A CZ  1 
ATOM   326  O OH  . TYR A 1 42 ? -24.722 -8.019  1.755   1.00 15.09 ? 42  TYR A OH  1 
ATOM   327  N N   . THR A 1 43 ? -22.945 -2.330  4.987   1.00 12.66 ? 43  THR A N   1 
ATOM   328  C CA  . THR A 1 43 ? -23.267 -1.406  3.908   1.00 12.63 ? 43  THR A CA  1 
ATOM   329  C C   . THR A 1 43 ? -22.290 -1.832  2.778   1.00 13.37 ? 43  THR A C   1 
ATOM   330  O O   . THR A 1 43 ? -21.071 -2.005  3.001   1.00 14.25 ? 43  THR A O   1 
ATOM   331  C CB  . THR A 1 43 ? -23.006 0.046   4.335   1.00 12.99 ? 43  THR A CB  1 
ATOM   332  O OG1 . THR A 1 43 ? -23.655 0.305   5.590   1.00 17.04 ? 43  THR A OG1 1 
ATOM   333  C CG2 . THR A 1 43 ? -23.606 0.995   3.345   1.00 13.11 ? 43  THR A CG2 1 
ATOM   334  N N   . PRO A 1 44 ? -22.842 -2.168  1.601   1.00 11.19 ? 44  PRO A N   1 
ATOM   335  C CA  . PRO A 1 44 ? -22.090 -2.509  0.386   1.00 11.67 ? 44  PRO A CA  1 
ATOM   336  C C   . PRO A 1 44 ? -21.264 -1.330  -0.114  1.00 10.85 ? 44  PRO A C   1 
ATOM   337  O O   . PRO A 1 44 ? -21.782 -0.210  -0.071  1.00 9.79  ? 44  PRO A O   1 
ATOM   338  C CB  . PRO A 1 44 ? -23.159 -2.931  -0.644  1.00 12.59 ? 44  PRO A CB  1 
ATOM   339  C CG  . PRO A 1 44 ? -24.261 -3.414  0.225   1.00 15.38 ? 44  PRO A CG  1 
ATOM   340  C CD  . PRO A 1 44 ? -24.279 -2.364  1.325   1.00 12.18 ? 44  PRO A CD  1 
ATOM   341  N N   . LYS A 1 45 ? -20.053 -1.560  -0.627  1.00 11.44 ? 45  LYS A N   1 
ATOM   342  C CA  . LYS A 1 45 ? -19.148 -0.516  -1.164  1.00 11.73 ? 45  LYS A CA  1 
ATOM   343  C C   . LYS A 1 45 ? -18.384 -1.096  -2.352  1.00 9.85  ? 45  LYS A C   1 
ATOM   344  O O   . LYS A 1 45 ? -18.364 -2.308  -2.583  1.00 11.06 ? 45  LYS A O   1 
ATOM   345  C CB  . LYS A 1 45 ? -18.031 0.009   -0.161  1.00 9.12  ? 45  LYS A CB  1 
ATOM   346  C CG  . LYS A 1 45 ? -18.472 0.681   1.122   1.00 10.78 ? 45  LYS A CG  1 
ATOM   347  C CD  . LYS A 1 45 ? -19.017 2.060   0.871   1.00 13.05 ? 45  LYS A CD  1 
ATOM   348  C CE  . LYS A 1 45 ? -19.704 2.448   2.153   1.00 19.49 ? 45  LYS A CE  1 
ATOM   349  N NZ  . LYS A 1 45 ? -20.548 3.675   2.042   1.00 23.39 ? 45  LYS A NZ  1 
ATOM   350  N N   . ILE A 1 46 ? -17.795 -0.212  -3.139  1.00 9.77  ? 46  ILE A N   1 
ATOM   351  C CA  . ILE A 1 46 ? -17.015 -0.586  -4.294  1.00 9.74  ? 46  ILE A CA  1 
ATOM   352  C C   . ILE A 1 46 ? -15.679 0.105   -4.018  1.00 8.59  ? 46  ILE A C   1 
ATOM   353  O O   . ILE A 1 46 ? -15.723 1.274   -3.634  1.00 11.45 ? 46  ILE A O   1 
ATOM   354  C CB  . ILE A 1 46 ? -17.593 0.000   -5.611  1.00 13.68 ? 46  ILE A CB  1 
ATOM   355  C CG1 . ILE A 1 46 ? -18.948 -0.635  -5.915  1.00 14.74 ? 46  ILE A CG1 1 
ATOM   356  C CG2 . ILE A 1 46 ? -16.608 -0.232  -6.769  1.00 8.64  ? 46  ILE A CG2 1 
ATOM   357  C CD1 . ILE A 1 46 ? -18.860 -2.058  -6.450  1.00 19.76 ? 46  ILE A CD1 1 
ATOM   358  N N   . VAL A 1 47 ? -14.513 -0.489  -4.098  1.00 7.92  ? 47  VAL A N   1 
ATOM   359  C CA  . VAL A 1 47 ? -13.256 0.247   -3.878  1.00 6.60  ? 47  VAL A CA  1 
ATOM   360  C C   . VAL A 1 47 ? -12.421 -0.153  -5.116  1.00 5.33  ? 47  VAL A C   1 
ATOM   361  O O   . VAL A 1 47 ? -12.736 -1.140  -5.782  1.00 3.62  ? 47  VAL A O   1 
ATOM   362  C CB  . VAL A 1 47 ? -12.410 -0.140  -2.582  1.00 9.29  ? 47  VAL A CB  1 
ATOM   363  C CG1 . VAL A 1 47 ? -13.332 -0.075  -1.356  1.00 11.58 ? 47  VAL A CG1 1 
ATOM   364  C CG2 . VAL A 1 47 ? -11.817 -1.530  -2.652  1.00 6.81  ? 47  VAL A CG2 1 
ATOM   365  N N   . GLY A 1 48 ? -11.345 0.545   -5.450  1.00 5.90  ? 48  GLY A N   1 
ATOM   366  C CA  . GLY A 1 48 ? -10.547 0.250   -6.609  1.00 2.59  ? 48  GLY A CA  1 
ATOM   367  C C   . GLY A 1 48 ? -9.157  -0.157  -6.174  1.00 2.99  ? 48  GLY A C   1 
ATOM   368  O O   . GLY A 1 48 ? -8.607  0.372   -5.206  1.00 3.40  ? 48  GLY A O   1 
ATOM   369  N N   . GLY A 1 49 ? -8.668  -1.213  -6.777  1.00 3.62  ? 49  GLY A N   1 
ATOM   370  C CA  . GLY A 1 49 ? -7.329  -1.656  -6.541  1.00 4.78  ? 49  GLY A CA  1 
ATOM   371  C C   . GLY A 1 49 ? -6.534  -1.523  -7.831  1.00 7.40  ? 49  GLY A C   1 
ATOM   372  O O   . GLY A 1 49 ? -6.910  -0.820  -8.783  1.00 9.37  ? 49  GLY A O   1 
ATOM   373  N N   . ILE A 1 50 ? -5.540  -2.375  -7.950  1.00 7.43  ? 50  ILE A N   1 
ATOM   374  C CA  . ILE A 1 50 ? -4.649  -2.212  -9.084  1.00 7.07  ? 50  ILE A CA  1 
ATOM   375  C C   . ILE A 1 50 ? -5.223  -2.963  -10.275 1.00 5.04  ? 50  ILE A C   1 
ATOM   376  O O   . ILE A 1 50 ? -5.030  -2.534  -11.398 1.00 7.21  ? 50  ILE A O   1 
ATOM   377  C CB  . ILE A 1 50 ? -3.242  -2.712  -8.701  1.00 5.48  ? 50  ILE A CB  1 
ATOM   378  C CG1 . ILE A 1 50 ? -2.307  -1.919  -9.601  1.00 3.88  ? 50  ILE A CG1 1 
ATOM   379  C CG2 . ILE A 1 50 ? -3.103  -4.249  -8.791  1.00 2.85  ? 50  ILE A CG2 1 
ATOM   380  C CD1 . ILE A 1 50 ? -0.963  -1.571  -9.062  1.00 4.90  ? 50  ILE A CD1 1 
ATOM   381  N N   . GLY A 1 51 ? -5.956  -4.033  -10.060 1.00 5.93  ? 51  GLY A N   1 
ATOM   382  C CA  . GLY A 1 51 ? -6.489  -4.757  -11.192 1.00 4.59  ? 51  GLY A CA  1 
ATOM   383  C C   . GLY A 1 51 ? -7.901  -4.304  -11.498 1.00 7.32  ? 51  GLY A C   1 
ATOM   384  O O   . GLY A 1 51 ? -8.488  -4.730  -12.485 1.00 10.06 ? 51  GLY A O   1 
ATOM   385  N N   . GLY A 1 52 ? -8.496  -3.452  -10.661 1.00 9.53  ? 52  GLY A N   1 
ATOM   386  C CA  . GLY A 1 52 ? -9.814  -2.917  -10.912 1.00 6.06  ? 52  GLY A CA  1 
ATOM   387  C C   . GLY A 1 52 ? -10.684 -2.992  -9.682  1.00 7.37  ? 52  GLY A C   1 
ATOM   388  O O   . GLY A 1 52 ? -10.237 -3.359  -8.584  1.00 9.02  ? 52  GLY A O   1 
ATOM   389  N N   . PHE A 1 53 ? -11.926 -2.654  -9.941  1.00 5.93  ? 53  PHE A N   1 
ATOM   390  C CA  . PHE A 1 53 ? -12.943 -2.511  -8.918  1.00 8.48  ? 53  PHE A CA  1 
ATOM   391  C C   . PHE A 1 53 ? -13.571 -3.733  -8.254  1.00 10.79 ? 53  PHE A C   1 
ATOM   392  O O   . PHE A 1 53 ? -14.046 -4.648  -8.957  1.00 12.19 ? 53  PHE A O   1 
ATOM   393  C CB  . PHE A 1 53 ? -14.087 -1.663  -9.486  1.00 5.93  ? 53  PHE A CB  1 
ATOM   394  C CG  . PHE A 1 53 ? -13.732 -0.208  -9.640  1.00 8.17  ? 53  PHE A CG  1 
ATOM   395  C CD1 . PHE A 1 53 ? -13.654 0.622   -8.513  1.00 6.66  ? 53  PHE A CD1 1 
ATOM   396  C CD2 . PHE A 1 53 ? -13.493 0.333   -10.909 1.00 8.22  ? 53  PHE A CD2 1 
ATOM   397  C CE1 . PHE A 1 53 ? -13.348 1.964   -8.632  1.00 8.98  ? 53  PHE A CE1 1 
ATOM   398  C CE2 . PHE A 1 53 ? -13.184 1.687   -11.039 1.00 10.43 ? 53  PHE A CE2 1 
ATOM   399  C CZ  . PHE A 1 53 ? -13.109 2.502   -9.898  1.00 10.03 ? 53  PHE A CZ  1 
ATOM   400  N N   . ILE A 1 54 ? -13.603 -3.718  -6.911  1.00 8.59  ? 54  ILE A N   1 
ATOM   401  C CA  . ILE A 1 54 ? -14.221 -4.821  -6.162  1.00 5.37  ? 54  ILE A CA  1 
ATOM   402  C C   . ILE A 1 54 ? -15.359 -4.275  -5.299  1.00 3.39  ? 54  ILE A C   1 
ATOM   403  O O   . ILE A 1 54 ? -15.511 -3.066  -5.147  1.00 2.46  ? 54  ILE A O   1 
ATOM   404  C CB  . ILE A 1 54 ? -13.206 -5.624  -5.241  1.00 6.31  ? 54  ILE A CB  1 
ATOM   405  C CG1 . ILE A 1 54 ? -12.475 -4.745  -4.194  1.00 4.24  ? 54  ILE A CG1 1 
ATOM   406  C CG2 . ILE A 1 54 ? -12.274 -6.359  -6.255  1.00 5.22  ? 54  ILE A CG2 1 
ATOM   407  C CD1 . ILE A 1 54 ? -12.174 -5.390  -2.835  1.00 6.85  ? 54  ILE A CD1 1 
ATOM   408  N N   . ASN A 1 55 ? -16.182 -5.167  -4.773  1.00 2.68  ? 55  ASN A N   1 
ATOM   409  C CA  . ASN A 1 55 ? -17.329 -4.838  -3.934  1.00 3.63  ? 55  ASN A CA  1 
ATOM   410  C C   . ASN A 1 55 ? -16.913 -5.282  -2.564  1.00 2.00  ? 55  ASN A C   1 
ATOM   411  O O   . ASN A 1 55 ? -16.330 -6.354  -2.443  1.00 2.00  ? 55  ASN A O   1 
ATOM   412  C CB  . ASN A 1 55 ? -18.603 -5.648  -4.191  1.00 9.57  ? 55  ASN A CB  1 
ATOM   413  C CG  . ASN A 1 55 ? -19.095 -5.854  -5.609  1.00 11.41 ? 55  ASN A CG  1 
ATOM   414  O OD1 . ASN A 1 55 ? -18.720 -6.791  -6.326  1.00 15.10 ? 55  ASN A OD1 1 
ATOM   415  N ND2 . ASN A 1 55 ? -19.962 -4.963  -6.008  1.00 12.65 ? 55  ASN A ND2 1 
ATOM   416  N N   . THR A 1 56 ? -17.226 -4.531  -1.543  1.00 2.00  ? 56  THR A N   1 
ATOM   417  C CA  . THR A 1 56 ? -16.860 -4.898  -0.204  1.00 2.10  ? 56  THR A CA  1 
ATOM   418  C C   . THR A 1 56 ? -18.090 -4.738  0.669   1.00 3.54  ? 56  THR A C   1 
ATOM   419  O O   . THR A 1 56 ? -19.080 -4.075  0.300   1.00 5.23  ? 56  THR A O   1 
ATOM   420  C CB  . THR A 1 56 ? -15.745 -3.968  0.316   1.00 2.76  ? 56  THR A CB  1 
ATOM   421  O OG1 . THR A 1 56 ? -16.048 -2.607  -0.055  1.00 2.00  ? 56  THR A OG1 1 
ATOM   422  C CG2 . THR A 1 56 ? -14.415 -4.328  -0.266  1.00 2.18  ? 56  THR A CG2 1 
ATOM   423  N N   . LYS A 1 57 ? -17.973 -5.366  1.825   1.00 3.09  ? 57  LYS A N   1 
ATOM   424  C CA  . LYS A 1 57 ? -18.999 -5.339  2.859   1.00 6.77  ? 57  LYS A CA  1 
ATOM   425  C C   . LYS A 1 57 ? -18.341 -4.406  3.906   1.00 5.99  ? 57  LYS A C   1 
ATOM   426  O O   . LYS A 1 57 ? -17.208 -4.664  4.318   1.00 4.84  ? 57  LYS A O   1 
ATOM   427  C CB  . LYS A 1 57 ? -19.208 -6.743  3.426   1.00 5.56  ? 57  LYS A CB  1 
ATOM   428  C CG  . LYS A 1 57 ? -19.822 -7.700  2.410   1.00 9.32  ? 57  LYS A CG  1 
ATOM   429  C CD  . LYS A 1 57 ? -19.946 -9.152  2.895   1.00 10.78 ? 57  LYS A CD  1 
ATOM   430  C CE  . LYS A 1 57 ? -21.224 -9.878  2.537   1.00 10.49 ? 57  LYS A CE  1 
ATOM   431  N NZ  . LYS A 1 57 ? -21.541 -9.802  1.086   1.00 12.78 ? 57  LYS A NZ  1 
ATOM   432  N N   . GLU A 1 58 ? -18.948 -3.296  4.286   1.00 8.83  ? 58  GLU A N   1 
ATOM   433  C CA  . GLU A 1 58 ? -18.384 -2.377  5.270   1.00 10.83 ? 58  GLU A CA  1 
ATOM   434  C C   . GLU A 1 58 ? -19.128 -2.498  6.601   1.00 9.81  ? 58  GLU A C   1 
ATOM   435  O O   . GLU A 1 58 ? -20.360 -2.382  6.673   1.00 3.49  ? 58  GLU A O   1 
ATOM   436  C CB  . GLU A 1 58 ? -18.477 -0.937  4.759   1.00 14.04 ? 58  GLU A CB  1 
ATOM   437  C CG  . GLU A 1 58 ? -18.237 0.104   5.884   1.00 15.51 ? 58  GLU A CG  1 
ATOM   438  C CD  . GLU A 1 58 ? -18.181 1.507   5.328   1.00 17.12 ? 58  GLU A CD  1 
ATOM   439  O OE1 . GLU A 1 58 ? -17.209 1.804   4.617   1.00 18.43 ? 58  GLU A OE1 1 
ATOM   440  O OE2 . GLU A 1 58 ? -19.111 2.309   5.551   1.00 21.91 ? 58  GLU A OE2 1 
ATOM   441  N N   . TYR A 1 59 ? -18.302 -2.724  7.617   1.00 12.37 ? 59  TYR A N   1 
ATOM   442  C CA  . TYR A 1 59 ? -18.740 -2.886  9.007   1.00 10.30 ? 59  TYR A CA  1 
ATOM   443  C C   . TYR A 1 59 ? -18.040 -1.770  9.760   1.00 10.84 ? 59  TYR A C   1 
ATOM   444  O O   . TYR A 1 59 ? -16.823 -1.630  9.671   1.00 11.35 ? 59  TYR A O   1 
ATOM   445  C CB  . TYR A 1 59 ? -18.294 -4.215  9.543   1.00 8.10  ? 59  TYR A CB  1 
ATOM   446  C CG  . TYR A 1 59 ? -18.811 -5.418  8.776   1.00 5.86  ? 59  TYR A CG  1 
ATOM   447  C CD1 . TYR A 1 59 ? -20.030 -5.998  9.130   1.00 5.20  ? 59  TYR A CD1 1 
ATOM   448  C CD2 . TYR A 1 59 ? -18.108 -5.958  7.702   1.00 5.14  ? 59  TYR A CD2 1 
ATOM   449  C CE1 . TYR A 1 59 ? -20.512 -7.071  8.416   1.00 4.40  ? 59  TYR A CE1 1 
ATOM   450  C CE2 . TYR A 1 59 ? -18.581 -7.045  6.982   1.00 5.09  ? 59  TYR A CE2 1 
ATOM   451  C CZ  . TYR A 1 59 ? -19.793 -7.588  7.346   1.00 4.99  ? 59  TYR A CZ  1 
ATOM   452  O OH  . TYR A 1 59 ? -20.332 -8.619  6.616   1.00 5.53  ? 59  TYR A OH  1 
ATOM   453  N N   . LYS A 1 60 ? -18.852 -0.950  10.399  1.00 10.72 ? 60  LYS A N   1 
ATOM   454  C CA  . LYS A 1 60 ? -18.430 0.187   11.192  1.00 11.45 ? 60  LYS A CA  1 
ATOM   455  C C   . LYS A 1 60 ? -18.325 -0.218  12.677  1.00 12.79 ? 60  LYS A C   1 
ATOM   456  O O   . LYS A 1 60 ? -18.958 -1.179  13.120  1.00 9.26  ? 60  LYS A O   1 
ATOM   457  C CB  . LYS A 1 60 ? -19.456 1.287   10.986  1.00 13.52 ? 60  LYS A CB  1 
ATOM   458  C CG  . LYS A 1 60 ? -19.373 1.972   9.625   1.00 15.05 ? 60  LYS A CG  1 
ATOM   459  C CD  . LYS A 1 60 ? -20.606 2.815   9.434   1.00 16.43 ? 60  LYS A CD  1 
ATOM   460  C CE  . LYS A 1 60 ? -20.541 3.662   8.180   1.00 20.48 ? 60  LYS A CE  1 
ATOM   461  N NZ  . LYS A 1 60 ? -19.329 4.538   8.132   1.00 20.50 ? 60  LYS A NZ  1 
ATOM   462  N N   . ASN A 1 61 ? -17.498 0.442   13.487  1.00 14.95 ? 61  ASN A N   1 
ATOM   463  C CA  . ASN A 1 61 ? -17.359 0.114   14.905  1.00 15.77 ? 61  ASN A CA  1 
ATOM   464  C C   . ASN A 1 61 ? -16.896 -1.261  15.349  1.00 13.47 ? 61  ASN A C   1 
ATOM   465  O O   . ASN A 1 61 ? -17.288 -1.819  16.375  1.00 14.02 ? 61  ASN A O   1 
ATOM   466  C CB  . ASN A 1 61 ? -18.681 0.436   15.599  1.00 20.84 ? 61  ASN A CB  1 
ATOM   467  C CG  . ASN A 1 61 ? -18.639 1.852   16.099  1.00 28.74 ? 61  ASN A CG  1 
ATOM   468  O OD1 . ASN A 1 61 ? -18.656 2.081   17.314  1.00 36.99 ? 61  ASN A OD1 1 
ATOM   469  N ND2 . ASN A 1 61 ? -18.514 2.843   15.220  1.00 31.88 ? 61  ASN A ND2 1 
ATOM   470  N N   . VAL A 1 62 ? -16.022 -1.799  14.553  1.00 12.62 ? 62  VAL A N   1 
ATOM   471  C CA  . VAL A 1 62 ? -15.434 -3.092  14.806  1.00 14.69 ? 62  VAL A CA  1 
ATOM   472  C C   . VAL A 1 62 ? -14.360 -2.916  15.901  1.00 16.88 ? 62  VAL A C   1 
ATOM   473  O O   . VAL A 1 62 ? -13.508 -2.020  15.758  1.00 19.89 ? 62  VAL A O   1 
ATOM   474  C CB  . VAL A 1 62 ? -14.805 -3.622  13.479  1.00 12.54 ? 62  VAL A CB  1 
ATOM   475  C CG1 . VAL A 1 62 ? -13.907 -4.808  13.705  1.00 12.65 ? 62  VAL A CG1 1 
ATOM   476  C CG2 . VAL A 1 62 ? -15.906 -4.163  12.582  1.00 13.70 ? 62  VAL A CG2 1 
ATOM   477  N N   . LYS A 1 63 ? -14.380 -3.652  17.015  1.00 16.38 ? 63  LYS A N   1 
ATOM   478  C CA  . LYS A 1 63 ? -13.326 -3.485  18.023  1.00 16.84 ? 63  LYS A CA  1 
ATOM   479  C C   . LYS A 1 63 ? -12.134 -4.265  17.413  1.00 17.36 ? 63  LYS A C   1 
ATOM   480  O O   . LYS A 1 63 ? -12.306 -5.358  16.814  1.00 16.29 ? 63  LYS A O   1 
ATOM   481  C CB  . LYS A 1 63 ? -13.725 -4.074  19.421  1.00 16.31 ? 63  LYS A CB  1 
ATOM   482  C CG  . LYS A 1 63 ? -13.749 -5.583  19.687  1.00 21.31 ? 63  LYS A CG  1 
ATOM   483  C CD  . LYS A 1 63 ? -14.072 -6.004  21.133  1.00 19.23 ? 63  LYS A CD  1 
ATOM   484  C CE  . LYS A 1 63 ? -14.402 -7.497  21.205  1.00 18.46 ? 63  LYS A CE  1 
ATOM   485  N NZ  . LYS A 1 63 ? -13.222 -8.392  21.385  1.00 15.96 ? 63  LYS A NZ  1 
ATOM   486  N N   . ILE A 1 64 ? -10.941 -3.660  17.561  1.00 16.59 ? 64  ILE A N   1 
ATOM   487  C CA  . ILE A 1 64 ? -9.643  -4.156  17.066  1.00 13.44 ? 64  ILE A CA  1 
ATOM   488  C C   . ILE A 1 64 ? -8.539  -3.982  18.140  1.00 14.15 ? 64  ILE A C   1 
ATOM   489  O O   . ILE A 1 64 ? -8.540  -3.055  18.961  1.00 10.90 ? 64  ILE A O   1 
ATOM   490  C CB  . ILE A 1 64 ? -9.254  -3.356  15.777  1.00 11.09 ? 64  ILE A CB  1 
ATOM   491  C CG1 . ILE A 1 64 ? -10.209 -3.732  14.677  1.00 8.99  ? 64  ILE A CG1 1 
ATOM   492  C CG2 . ILE A 1 64 ? -7.827  -3.605  15.328  1.00 9.56  ? 64  ILE A CG2 1 
ATOM   493  C CD1 . ILE A 1 64 ? -10.274 -2.538  13.690  1.00 9.86  ? 64  ILE A CD1 1 
ATOM   494  N N   . GLU A 1 65 ? -7.578  -4.889  18.103  1.00 15.15 ? 65  GLU A N   1 
ATOM   495  C CA  . GLU A 1 65 ? -6.436  -4.892  19.006  1.00 15.65 ? 65  GLU A CA  1 
ATOM   496  C C   . GLU A 1 65 ? -5.285  -5.324  18.074  1.00 14.64 ? 65  GLU A C   1 
ATOM   497  O O   . GLU A 1 65 ? -5.321  -6.375  17.414  1.00 15.28 ? 65  GLU A O   1 
ATOM   498  C CB  . GLU A 1 65 ? -6.721  -5.877  20.183  1.00 17.88 ? 65  GLU A CB  1 
ATOM   499  C CG  . GLU A 1 65 ? -5.582  -6.674  20.822  1.00 21.64 ? 65  GLU A CG  1 
ATOM   500  C CD  . GLU A 1 65 ? -4.880  -5.981  21.974  1.00 27.70 ? 65  GLU A CD  1 
ATOM   501  O OE1 . GLU A 1 65 ? -5.499  -5.890  23.074  1.00 32.53 ? 65  GLU A OE1 1 
ATOM   502  O OE2 . GLU A 1 65 ? -3.709  -5.562  21.783  1.00 26.84 ? 65  GLU A OE2 1 
ATOM   503  N N   . VAL A 1 66 ? -4.344  -4.408  17.929  1.00 13.48 ? 66  VAL A N   1 
ATOM   504  C CA  . VAL A 1 66 ? -3.151  -4.571  17.110  1.00 10.85 ? 66  VAL A CA  1 
ATOM   505  C C   . VAL A 1 66 ? -2.097  -3.831  17.914  1.00 9.69  ? 66  VAL A C   1 
ATOM   506  O O   . VAL A 1 66 ? -2.300  -2.691  18.340  1.00 7.38  ? 66  VAL A O   1 
ATOM   507  C CB  . VAL A 1 66 ? -3.128  -3.863  15.768  1.00 9.29  ? 66  VAL A CB  1 
ATOM   508  C CG1 . VAL A 1 66 ? -2.628  -4.916  14.842  1.00 9.48  ? 66  VAL A CG1 1 
ATOM   509  C CG2 . VAL A 1 66 ? -4.408  -3.141  15.432  1.00 9.10  ? 66  VAL A CG2 1 
ATOM   510  N N   . LEU A 1 67 ? -0.935  -4.429  18.027  1.00 11.66 ? 67  LEU A N   1 
ATOM   511  C CA  . LEU A 1 67 ? 0.204   -3.878  18.799  1.00 15.41 ? 67  LEU A CA  1 
ATOM   512  C C   . LEU A 1 67 ? -0.358  -3.679  20.215  1.00 16.71 ? 67  LEU A C   1 
ATOM   513  O O   . LEU A 1 67 ? -1.104  -4.589  20.651  1.00 20.11 ? 67  LEU A O   1 
ATOM   514  C CB  . LEU A 1 67 ? 0.738   -2.560  18.118  1.00 11.29 ? 67  LEU A CB  1 
ATOM   515  C CG  . LEU A 1 67 ? 1.639   -2.697  16.835  1.00 6.46  ? 67  LEU A CG  1 
ATOM   516  C CD1 . LEU A 1 67 ? 1.763   -4.138  16.336  1.00 2.07  ? 67  LEU A CD1 1 
ATOM   517  C CD2 . LEU A 1 67 ? 1.012   -1.901  15.714  1.00 5.93  ? 67  LEU A CD2 1 
ATOM   518  N N   . GLY A 1 68 ? -0.190  -2.656  21.005  1.00 16.86 ? 68  GLY A N   1 
ATOM   519  C CA  . GLY A 1 68 ? -0.832  -2.769  22.332  1.00 16.89 ? 68  GLY A CA  1 
ATOM   520  C C   . GLY A 1 68 ? -2.150  -2.053  22.445  1.00 15.25 ? 68  GLY A C   1 
ATOM   521  O O   . GLY A 1 68 ? -2.558  -1.657  23.544  1.00 17.14 ? 68  GLY A O   1 
ATOM   522  N N   . LYS A 1 69 ? -2.825  -1.856  21.335  1.00 14.15 ? 69  LYS A N   1 
ATOM   523  C CA  . LYS A 1 69 ? -3.974  -0.978  21.397  1.00 14.43 ? 69  LYS A CA  1 
ATOM   524  C C   . LYS A 1 69 ? -5.257  -1.596  21.060  1.00 12.84 ? 69  LYS A C   1 
ATOM   525  O O   . LYS A 1 69 ? -5.324  -2.487  20.197  1.00 9.53  ? 69  LYS A O   1 
ATOM   526  C CB  . LYS A 1 69 ? -3.882  0.228   20.463  1.00 15.83 ? 69  LYS A CB  1 
ATOM   527  C CG  . LYS A 1 69 ? -2.795  1.242   20.806  1.00 20.41 ? 69  LYS A CG  1 
ATOM   528  C CD  . LYS A 1 69 ? -1.428  0.938   20.260  1.00 20.88 ? 69  LYS A CD  1 
ATOM   529  C CE  . LYS A 1 69 ? -0.460  2.070   20.702  1.00 27.59 ? 69  LYS A CE  1 
ATOM   530  N NZ  . LYS A 1 69 ? -0.711  3.421   20.098  1.00 27.29 ? 69  LYS A NZ  1 
ATOM   531  N N   . ARG A 1 70 ? -6.192  -1.058  21.823  1.00 13.06 ? 70  ARG A N   1 
ATOM   532  C CA  . ARG A 1 70 ? -7.573  -1.479  21.640  1.00 17.23 ? 70  ARG A CA  1 
ATOM   533  C C   . ARG A 1 70 ? -8.218  -0.267  20.971  1.00 17.71 ? 70  ARG A C   1 
ATOM   534  O O   . ARG A 1 70 ? -8.118  0.841   21.510  1.00 18.49 ? 70  ARG A O   1 
ATOM   535  C CB  . ARG A 1 70 ? -8.222  -1.814  22.974  1.00 20.17 ? 70  ARG A CB  1 
ATOM   536  C CG  . ARG A 1 70 ? -7.718  -3.227  23.207  1.00 27.51 ? 70  ARG A CG  1 
ATOM   537  C CD  . ARG A 1 70 ? -8.010  -3.903  24.510  1.00 33.09 ? 70  ARG A CD  1 
ATOM   538  N NE  . ARG A 1 70 ? -9.410  -4.070  24.871  1.00 41.46 ? 70  ARG A NE  1 
ATOM   539  C CZ  . ARG A 1 70 ? -9.801  -4.863  25.889  1.00 47.90 ? 70  ARG A CZ  1 
ATOM   540  N NH1 . ARG A 1 70 ? -8.887  -5.559  26.607  1.00 47.82 ? 70  ARG A NH1 1 
ATOM   541  N NH2 . ARG A 1 70 ? -11.105 -4.887  26.262  1.00 50.55 ? 70  ARG A NH2 1 
ATOM   542  N N   . ILE A 1 71 ? -8.721  -0.414  19.736  1.00 18.19 ? 71  ILE A N   1 
ATOM   543  C CA  . ILE A 1 71 ? -9.364  0.681   19.018  1.00 17.67 ? 71  ILE A CA  1 
ATOM   544  C C   . ILE A 1 71 ? -10.638 0.109   18.449  1.00 16.85 ? 71  ILE A C   1 
ATOM   545  O O   . ILE A 1 71 ? -10.938 -1.082  18.589  1.00 16.29 ? 71  ILE A O   1 
ATOM   546  C CB  . ILE A 1 71 ? -8.559  1.295   17.779  1.00 18.35 ? 71  ILE A CB  1 
ATOM   547  C CG1 . ILE A 1 71 ? -8.293  0.257   16.675  1.00 14.62 ? 71  ILE A CG1 1 
ATOM   548  C CG2 . ILE A 1 71 ? -7.259  1.919   18.327  1.00 19.49 ? 71  ILE A CG2 1 
ATOM   549  C CD1 . ILE A 1 71 ? -7.896  0.804   15.324  1.00 8.33  ? 71  ILE A CD1 1 
ATOM   550  N N   . LYS A 1 72 ? -11.382 1.027   17.847  1.00 18.59 ? 72  LYS A N   1 
ATOM   551  C CA  . LYS A 1 72 ? -12.660 0.720   17.185  1.00 19.02 ? 72  LYS A CA  1 
ATOM   552  C C   . LYS A 1 72 ? -12.527 1.397   15.811  1.00 15.08 ? 72  LYS A C   1 
ATOM   553  O O   . LYS A 1 72 ? -11.996 2.511   15.706  1.00 15.35 ? 72  LYS A O   1 
ATOM   554  C CB  . LYS A 1 72 ? -13.862 1.316   17.925  1.00 16.69 ? 72  LYS A CB  1 
ATOM   555  C CG  . LYS A 1 72 ? -15.032 0.395   17.928  1.00 15.50 ? 72  LYS A CG  1 
ATOM   556  C CD  . LYS A 1 72 ? -15.744 0.636   19.226  1.00 23.78 ? 72  LYS A CD  1 
ATOM   557  C CE  . LYS A 1 72 ? -16.912 -0.323  19.418  1.00 29.34 ? 72  LYS A CE  1 
ATOM   558  N NZ  . LYS A 1 72 ? -16.584 -1.474  20.318  1.00 33.62 ? 72  LYS A NZ  1 
ATOM   559  N N   . GLY A 1 73 ? -12.959 0.691   14.788  1.00 13.73 ? 73  GLY A N   1 
ATOM   560  C CA  . GLY A 1 73 ? -12.860 1.219   13.454  1.00 13.00 ? 73  GLY A CA  1 
ATOM   561  C C   . GLY A 1 73 ? -13.857 0.612   12.523  1.00 10.17 ? 73  GLY A C   1 
ATOM   562  O O   . GLY A 1 73 ? -14.762 -0.079  12.972  1.00 12.01 ? 73  GLY A O   1 
ATOM   563  N N   . THR A 1 74 ? -13.672 0.932   11.258  1.00 8.95  ? 74  THR A N   1 
ATOM   564  C CA  . THR A 1 74 ? -14.448 0.437   10.145  1.00 7.23  ? 74  THR A CA  1 
ATOM   565  C C   . THR A 1 74 ? -13.523 -0.558  9.474   1.00 5.94  ? 74  THR A C   1 
ATOM   566  O O   . THR A 1 74 ? -12.374 -0.175  9.214   1.00 4.20  ? 74  THR A O   1 
ATOM   567  C CB  . THR A 1 74 ? -14.809 1.620   9.191   1.00 6.54  ? 74  THR A CB  1 
ATOM   568  O OG1 . THR A 1 74 ? -15.630 2.548   9.922   1.00 8.93  ? 74  THR A OG1 1 
ATOM   569  C CG2 . THR A 1 74 ? -15.652 1.208   8.018   1.00 4.76  ? 74  THR A CG2 1 
ATOM   570  N N   . ILE A 1 75 ? -14.022 -1.778  9.242   1.00 5.54  ? 75  ILE A N   1 
ATOM   571  C CA  . ILE A 1 75 ? -13.299 -2.890  8.594   1.00 6.57  ? 75  ILE A CA  1 
ATOM   572  C C   . ILE A 1 75 ? -14.219 -3.288  7.440   1.00 6.73  ? 75  ILE A C   1 
ATOM   573  O O   . ILE A 1 75 ? -15.448 -3.180  7.550   1.00 5.27  ? 75  ILE A O   1 
ATOM   574  C CB  . ILE A 1 75 ? -13.084 -4.100  9.587   1.00 6.24  ? 75  ILE A CB  1 
ATOM   575  C CG1 . ILE A 1 75 ? -11.941 -3.735  10.529  1.00 4.75  ? 75  ILE A CG1 1 
ATOM   576  C CG2 . ILE A 1 75 ? -12.653 -5.393  8.913   1.00 4.40  ? 75  ILE A CG2 1 
ATOM   577  C CD1 . ILE A 1 75 ? -10.592 -3.702  9.821   1.00 10.65 ? 75  ILE A CD1 1 
ATOM   578  N N   . MET A 1 76 ? -13.583 -3.604  6.320   1.00 3.66  ? 76  MET A N   1 
ATOM   579  C CA  . MET A 1 76 ? -14.270 -4.005  5.132   1.00 2.00  ? 76  MET A CA  1 
ATOM   580  C C   . MET A 1 76 ? -13.879 -5.432  4.842   1.00 2.53  ? 76  MET A C   1 
ATOM   581  O O   . MET A 1 76 ? -12.777 -5.827  5.221   1.00 2.00  ? 76  MET A O   1 
ATOM   582  C CB  . MET A 1 76 ? -13.861 -3.114  3.992   1.00 2.00  ? 76  MET A CB  1 
ATOM   583  C CG  . MET A 1 76 ? -14.768 -1.909  3.715   1.00 7.90  ? 76  MET A CG  1 
ATOM   584  S SD  . MET A 1 76 ? -14.096 -0.904  2.366   1.00 11.70 ? 76  MET A SD  1 
ATOM   585  C CE  . MET A 1 76 ? -14.603 0.809   2.436   1.00 2.00  ? 76  MET A CE  1 
ATOM   586  N N   . THR A 1 77 ? -14.773 -6.253  4.317   1.00 2.07  ? 77  THR A N   1 
ATOM   587  C CA  . THR A 1 77 ? -14.397 -7.618  3.982   1.00 3.50  ? 77  THR A CA  1 
ATOM   588  C C   . THR A 1 77 ? -14.591 -7.655  2.459   1.00 3.64  ? 77  THR A C   1 
ATOM   589  O O   . THR A 1 77 ? -15.397 -6.902  1.891   1.00 4.30  ? 77  THR A O   1 
ATOM   590  C CB  . THR A 1 77 ? -15.254 -8.805  4.669   1.00 2.00  ? 77  THR A CB  1 
ATOM   591  O OG1 . THR A 1 77 ? -16.646 -8.588  4.662   1.00 4.19  ? 77  THR A OG1 1 
ATOM   592  C CG2 . THR A 1 77 ? -14.905 -8.932  6.130   1.00 2.00  ? 77  THR A CG2 1 
ATOM   593  N N   . GLY A 1 78 ? -13.793 -8.434  1.736   1.00 2.84  ? 78  GLY A N   1 
ATOM   594  C CA  . GLY A 1 78 ? -13.928 -8.503  0.301   1.00 2.20  ? 78  GLY A CA  1 
ATOM   595  C C   . GLY A 1 78 ? -12.832 -9.375  -0.238  1.00 6.01  ? 78  GLY A C   1 
ATOM   596  O O   . GLY A 1 78 ? -12.111 -10.025 0.502   1.00 4.46  ? 78  GLY A O   1 
ATOM   597  N N   . ASP A 1 79 ? -12.605 -9.339  -1.520  1.00 10.91 ? 79  ASP A N   1 
ATOM   598  C CA  . ASP A 1 79 ? -11.685 -10.247 -2.153  1.00 13.81 ? 79  ASP A CA  1 
ATOM   599  C C   . ASP A 1 79 ? -10.258 -9.723  -2.204  1.00 13.46 ? 79  ASP A C   1 
ATOM   600  O O   . ASP A 1 79 ? -9.778  -9.314  -3.250  1.00 17.29 ? 79  ASP A O   1 
ATOM   601  C CB  . ASP A 1 79 ? -12.371 -10.494 -3.507  1.00 21.87 ? 79  ASP A CB  1 
ATOM   602  C CG  . ASP A 1 79 ? -11.905 -11.591 -4.453  1.00 29.79 ? 79  ASP A CG  1 
ATOM   603  O OD1 . ASP A 1 79 ? -10.796 -12.151 -4.253  1.00 34.23 ? 79  ASP A OD1 1 
ATOM   604  O OD2 . ASP A 1 79 ? -12.671 -11.867 -5.417  1.00 31.49 ? 79  ASP A OD2 1 
ATOM   605  N N   . THR A 1 80 ? -9.525  -9.671  -1.120  1.00 13.19 ? 80  THR A N   1 
ATOM   606  C CA  . THR A 1 80 ? -8.173  -9.197  -1.192  1.00 9.22  ? 80  THR A CA  1 
ATOM   607  C C   . THR A 1 80 ? -7.174  -10.361 -1.208  1.00 7.93  ? 80  THR A C   1 
ATOM   608  O O   . THR A 1 80 ? -7.382  -11.308 -0.444  1.00 3.04  ? 80  THR A O   1 
ATOM   609  C CB  . THR A 1 80 ? -7.918  -8.267  -0.008  1.00 11.91 ? 80  THR A CB  1 
ATOM   610  O OG1 . THR A 1 80 ? -6.529  -7.866  -0.175  1.00 13.36 ? 80  THR A OG1 1 
ATOM   611  C CG2 . THR A 1 80 ? -8.214  -8.861  1.374   1.00 10.91 ? 80  THR A CG2 1 
ATOM   612  N N   . PRO A 1 81 ? -6.043  -10.308 -1.992  1.00 5.41  ? 81  PRO A N   1 
ATOM   613  C CA  . PRO A 1 81 ? -4.888  -11.225 -1.926  1.00 4.29  ? 81  PRO A CA  1 
ATOM   614  C C   . PRO A 1 81 ? -4.213  -11.204 -0.569  1.00 4.32  ? 81  PRO A C   1 
ATOM   615  O O   . PRO A 1 81 ? -3.562  -12.186 -0.245  1.00 2.71  ? 81  PRO A O   1 
ATOM   616  C CB  . PRO A 1 81 ? -3.901  -10.785 -2.998  1.00 2.46  ? 81  PRO A CB  1 
ATOM   617  C CG  . PRO A 1 81 ? -4.853  -10.146 -3.896  1.00 5.65  ? 81  PRO A CG  1 
ATOM   618  C CD  . PRO A 1 81 ? -5.638  -9.285  -2.956  1.00 4.34  ? 81  PRO A CD  1 
ATOM   619  N N   . ILE A 1 82 ? -4.323  -10.103 0.197   1.00 5.19  ? 82  ILE A N   1 
ATOM   620  C CA  . ILE A 1 82 ? -3.718  -9.954  1.532   1.00 3.05  ? 82  ILE A CA  1 
ATOM   621  C C   . ILE A 1 82 ? -4.565  -9.035  2.463   1.00 3.24  ? 82  ILE A C   1 
ATOM   622  O O   . ILE A 1 82 ? -5.249  -8.082  2.036   1.00 2.00  ? 82  ILE A O   1 
ATOM   623  C CB  . ILE A 1 82 ? -2.272  -9.480  1.190   1.00 4.25  ? 82  ILE A CB  1 
ATOM   624  C CG1 . ILE A 1 82 ? -1.432  -9.703  2.401   1.00 3.96  ? 82  ILE A CG1 1 
ATOM   625  C CG2 . ILE A 1 82 ? -2.255  -8.020  0.680   1.00 3.49  ? 82  ILE A CG2 1 
ATOM   626  C CD1 . ILE A 1 82 ? 0.046   -9.734  2.183   1.00 8.21  ? 82  ILE A CD1 1 
ATOM   627  N N   . ASN A 1 83 ? -4.628  -9.346  3.747   1.00 2.00  ? 83  ASN A N   1 
ATOM   628  C CA  . ASN A 1 83 ? -5.422  -8.502  4.643   1.00 4.81  ? 83  ASN A CA  1 
ATOM   629  C C   . ASN A 1 83 ? -4.668  -7.185  4.815   1.00 4.04  ? 83  ASN A C   1 
ATOM   630  O O   . ASN A 1 83 ? -3.443  -7.227  5.024   1.00 2.00  ? 83  ASN A O   1 
ATOM   631  C CB  . ASN A 1 83 ? -5.653  -9.184  6.015   1.00 3.92  ? 83  ASN A CB  1 
ATOM   632  C CG  . ASN A 1 83 ? -6.329  -10.565 5.916   1.00 11.11 ? 83  ASN A CG  1 
ATOM   633  O OD1 . ASN A 1 83 ? -6.958  -10.921 4.913   1.00 12.29 ? 83  ASN A OD1 1 
ATOM   634  N ND2 . ASN A 1 83 ? -6.205  -11.459 6.890   1.00 9.99  ? 83  ASN A ND2 1 
ATOM   635  N N   . ILE A 1 84 ? -5.338  -6.045  4.607   1.00 2.00  ? 84  ILE A N   1 
ATOM   636  C CA  . ILE A 1 84 ? -4.694  -4.749  4.745   1.00 5.63  ? 84  ILE A CA  1 
ATOM   637  C C   . ILE A 1 84 ? -5.378  -3.776  5.711   1.00 6.79  ? 84  ILE A C   1 
ATOM   638  O O   . ILE A 1 84 ? -6.617  -3.635  5.742   1.00 4.18  ? 84  ILE A O   1 
ATOM   639  C CB  . ILE A 1 84 ? -4.520  -3.993  3.324   1.00 6.13  ? 84  ILE A CB  1 
ATOM   640  C CG1 . ILE A 1 84 ? -5.849  -3.654  2.611   1.00 10.78 ? 84  ILE A CG1 1 
ATOM   641  C CG2 . ILE A 1 84 ? -3.757  -4.923  2.399   1.00 10.63 ? 84  ILE A CG2 1 
ATOM   642  C CD1 . ILE A 1 84 ? -5.873  -3.581  1.094   1.00 5.41  ? 84  ILE A CD1 1 
ATOM   643  N N   . PHE A 1 85 ? -4.514  -3.161  6.517   1.00 5.11  ? 85  PHE A N   1 
ATOM   644  C CA  . PHE A 1 85 ? -4.894  -2.159  7.514   1.00 4.22  ? 85  PHE A CA  1 
ATOM   645  C C   . PHE A 1 85 ? -4.346  -0.890  6.822   1.00 3.19  ? 85  PHE A C   1 
ATOM   646  O O   . PHE A 1 85 ? -3.147  -0.676  6.624   1.00 4.05  ? 85  PHE A O   1 
ATOM   647  C CB  . PHE A 1 85 ? -4.213  -2.417  8.924   1.00 4.67  ? 85  PHE A CB  1 
ATOM   648  C CG  . PHE A 1 85 ? -5.050  -3.165  9.923   1.00 3.65  ? 85  PHE A CG  1 
ATOM   649  C CD1 . PHE A 1 85 ? -6.106  -4.020  9.519   1.00 7.98  ? 85  PHE A CD1 1 
ATOM   650  C CD2 . PHE A 1 85 ? -4.823  -3.027  11.291  1.00 5.80  ? 85  PHE A CD2 1 
ATOM   651  C CE1 . PHE A 1 85 ? -6.913  -4.717  10.448  1.00 4.90  ? 85  PHE A CE1 1 
ATOM   652  C CE2 . PHE A 1 85 ? -5.622  -3.714  12.227  1.00 2.00  ? 85  PHE A CE2 1 
ATOM   653  C CZ  . PHE A 1 85 ? -6.657  -4.554  11.798  1.00 3.68  ? 85  PHE A CZ  1 
ATOM   654  N N   . GLY A 1 86 ? -5.311  -0.126  6.369   1.00 3.27  ? 86  GLY A N   1 
ATOM   655  C CA  . GLY A 1 86 ? -5.079  1.093   5.651   1.00 2.27  ? 86  GLY A CA  1 
ATOM   656  C C   . GLY A 1 86 ? -5.079  2.341   6.498   1.00 2.00  ? 86  GLY A C   1 
ATOM   657  O O   . GLY A 1 86 ? -5.288  2.298   7.715   1.00 3.08  ? 86  GLY A O   1 
ATOM   658  N N   . ARG A 1 87 ? -4.937  3.483   5.854   1.00 2.40  ? 87  ARG A N   1 
ATOM   659  C CA  . ARG A 1 87 ? -4.714  4.746   6.544   1.00 5.75  ? 87  ARG A CA  1 
ATOM   660  C C   . ARG A 1 87 ? -5.782  5.103   7.586   1.00 6.20  ? 87  ARG A C   1 
ATOM   661  O O   . ARG A 1 87 ? -5.496  5.921   8.460   1.00 13.81 ? 87  ARG A O   1 
ATOM   662  C CB  . ARG A 1 87 ? -4.600  5.878   5.530   1.00 4.25  ? 87  ARG A CB  1 
ATOM   663  C CG  . ARG A 1 87 ? -3.531  5.747   4.493   1.00 3.50  ? 87  ARG A CG  1 
ATOM   664  C CD  . ARG A 1 87 ? -3.506  7.065   3.711   1.00 3.22  ? 87  ARG A CD  1 
ATOM   665  N NE  . ARG A 1 87 ? -4.743  7.349   2.967   1.00 6.92  ? 87  ARG A NE  1 
ATOM   666  C CZ  . ARG A 1 87 ? -5.667  8.282   3.260   1.00 3.34  ? 87  ARG A CZ  1 
ATOM   667  N NH1 . ARG A 1 87 ? -5.545  9.064   4.314   1.00 4.39  ? 87  ARG A NH1 1 
ATOM   668  N NH2 . ARG A 1 87 ? -6.746  8.442   2.513   1.00 2.00  ? 87  ARG A NH2 1 
ATOM   669  N N   . ASN A 1 88 ? -6.976  4.544   7.585   1.00 3.78  ? 88  ASN A N   1 
ATOM   670  C CA  . ASN A 1 88 ? -8.030  4.834   8.574   1.00 3.11  ? 88  ASN A CA  1 
ATOM   671  C C   . ASN A 1 88 ? -7.755  4.184   9.941   1.00 3.27  ? 88  ASN A C   1 
ATOM   672  O O   . ASN A 1 88 ? -8.224  4.667   10.980  1.00 2.00  ? 88  ASN A O   1 
ATOM   673  C CB  . ASN A 1 88 ? -9.401  4.369   8.021   1.00 2.00  ? 88  ASN A CB  1 
ATOM   674  C CG  . ASN A 1 88 ? -9.757  2.924   8.133   1.00 2.00  ? 88  ASN A CG  1 
ATOM   675  O OD1 . ASN A 1 88 ? -10.661 2.524   8.872   1.00 2.00  ? 88  ASN A OD1 1 
ATOM   676  N ND2 . ASN A 1 88 ? -9.083  2.105   7.373   1.00 2.00  ? 88  ASN A ND2 1 
ATOM   677  N N   . LEU A 1 89 ? -7.028  3.060   9.975   1.00 3.90  ? 89  LEU A N   1 
ATOM   678  C CA  . LEU A 1 89 ? -6.716  2.414   11.256  1.00 2.95  ? 89  LEU A CA  1 
ATOM   679  C C   . LEU A 1 89 ? -5.324  2.894   11.595  1.00 5.43  ? 89  LEU A C   1 
ATOM   680  O O   . LEU A 1 89 ? -5.112  3.205   12.751  1.00 9.13  ? 89  LEU A O   1 
ATOM   681  C CB  . LEU A 1 89 ? -6.720  0.881   11.167  1.00 3.73  ? 89  LEU A CB  1 
ATOM   682  C CG  . LEU A 1 89 ? -8.123  0.307   10.847  1.00 2.00  ? 89  LEU A CG  1 
ATOM   683  C CD1 . LEU A 1 89 ? -8.085  -1.172  11.018  1.00 2.00  ? 89  LEU A CD1 1 
ATOM   684  C CD2 . LEU A 1 89 ? -9.167  0.863   11.795  1.00 2.00  ? 89  LEU A CD2 1 
ATOM   685  N N   . LEU A 1 90 ? -4.369  3.033   10.668  1.00 4.53  ? 90  LEU A N   1 
ATOM   686  C CA  . LEU A 1 90 ? -3.023  3.503   10.977  1.00 3.61  ? 90  LEU A CA  1 
ATOM   687  C C   . LEU A 1 90 ? -3.040  4.874   11.670  1.00 6.48  ? 90  LEU A C   1 
ATOM   688  O O   . LEU A 1 90 ? -2.269  5.155   12.598  1.00 4.87  ? 90  LEU A O   1 
ATOM   689  C CB  . LEU A 1 90 ? -2.226  3.550   9.672   1.00 3.14  ? 90  LEU A CB  1 
ATOM   690  C CG  . LEU A 1 90 ? -2.081  2.248   8.870   1.00 3.83  ? 90  LEU A CG  1 
ATOM   691  C CD1 . LEU A 1 90 ? -0.925  2.427   7.875   1.00 4.43  ? 90  LEU A CD1 1 
ATOM   692  C CD2 . LEU A 1 90 ? -1.777  1.057   9.779   1.00 2.00  ? 90  LEU A CD2 1 
ATOM   693  N N   . THR A 1 91 ? -3.937  5.757   11.249  1.00 8.90  ? 91  THR A N   1 
ATOM   694  C CA  . THR A 1 91 ? -4.029  7.075   11.873  1.00 9.13  ? 91  THR A CA  1 
ATOM   695  C C   . THR A 1 91 ? -4.657  6.829   13.243  1.00 9.41  ? 91  THR A C   1 
ATOM   696  O O   . THR A 1 91 ? -4.194  7.433   14.218  1.00 10.20 ? 91  THR A O   1 
ATOM   697  C CB  . THR A 1 91 ? -4.905  8.014   11.086  1.00 7.05  ? 91  THR A CB  1 
ATOM   698  O OG1 . THR A 1 91 ? -6.139  7.390   10.760  1.00 9.47  ? 91  THR A OG1 1 
ATOM   699  C CG2 . THR A 1 91 ? -4.180  8.403   9.831   1.00 7.62  ? 91  THR A CG2 1 
ATOM   700  N N   . ALA A 1 92 ? -5.626  5.907   13.346  1.00 7.19  ? 92  ALA A N   1 
ATOM   701  C CA  . ALA A 1 92 ? -6.248  5.619   14.655  1.00 10.32 ? 92  ALA A CA  1 
ATOM   702  C C   . ALA A 1 92 ? -5.168  5.121   15.625  1.00 9.24  ? 92  ALA A C   1 
ATOM   703  O O   . ALA A 1 92 ? -5.204  5.537   16.768  1.00 11.72 ? 92  ALA A O   1 
ATOM   704  C CB  . ALA A 1 92 ? -7.344  4.563   14.554  1.00 5.29  ? 92  ALA A CB  1 
ATOM   705  N N   . LEU A 1 93 ? -4.220  4.302   15.205  1.00 10.45 ? 93  LEU A N   1 
ATOM   706  C CA  . LEU A 1 93 ? -3.119  3.776   16.023  1.00 12.04 ? 93  LEU A CA  1 
ATOM   707  C C   . LEU A 1 93 ? -2.080  4.892   16.218  1.00 11.18 ? 93  LEU A C   1 
ATOM   708  O O   . LEU A 1 93 ? -1.194  4.749   17.056  1.00 14.07 ? 93  LEU A O   1 
ATOM   709  C CB  . LEU A 1 93 ? -2.332  2.620   15.357  1.00 11.24 ? 93  LEU A CB  1 
ATOM   710  C CG  . LEU A 1 93 ? -2.793  1.182   15.363  1.00 14.46 ? 93  LEU A CG  1 
ATOM   711  C CD1 . LEU A 1 93 ? -4.127  1.121   14.727  1.00 17.75 ? 93  LEU A CD1 1 
ATOM   712  C CD2 . LEU A 1 93 ? -1.890  0.298   14.522  1.00 13.17 ? 93  LEU A CD2 1 
ATOM   713  N N   . GLY A 1 94 ? -2.083  5.928   15.396  1.00 8.83  ? 94  GLY A N   1 
ATOM   714  C CA  . GLY A 1 94 ? -1.104  6.973   15.498  1.00 7.49  ? 94  GLY A CA  1 
ATOM   715  C C   . GLY A 1 94 ? 0.173   6.733   14.738  1.00 8.39  ? 94  GLY A C   1 
ATOM   716  O O   . GLY A 1 94 ? 1.055   7.543   14.967  1.00 7.58  ? 94  GLY A O   1 
ATOM   717  N N   . MET A 1 95 ? 0.306   5.769   13.803  1.00 10.80 ? 95  MET A N   1 
ATOM   718  C CA  . MET A 1 95 ? 1.539   5.499   13.027  1.00 10.11 ? 95  MET A CA  1 
ATOM   719  C C   . MET A 1 95 ? 1.848   6.591   11.992  1.00 10.72 ? 95  MET A C   1 
ATOM   720  O O   . MET A 1 95 ? 0.918   7.241   11.495  1.00 11.95 ? 95  MET A O   1 
ATOM   721  C CB  . MET A 1 95 ? 1.532   4.203   12.165  1.00 9.16  ? 95  MET A CB  1 
ATOM   722  C CG  . MET A 1 95 ? 1.195   2.839   12.744  1.00 11.73 ? 95  MET A CG  1 
ATOM   723  S SD  . MET A 1 95 ? 1.957   1.537   11.741  1.00 14.15 ? 95  MET A SD  1 
ATOM   724  C CE  . MET A 1 95 ? 2.785   0.584   12.993  1.00 10.06 ? 95  MET A CE  1 
ATOM   725  N N   . SER A 1 96 ? 3.115   6.696   11.587  1.00 6.59  ? 96  SER A N   1 
ATOM   726  C CA  . SER A 1 96 ? 3.579   7.659   10.615  1.00 3.72  ? 96  SER A CA  1 
ATOM   727  C C   . SER A 1 96 ? 4.559   6.917   9.704   1.00 5.23  ? 96  SER A C   1 
ATOM   728  O O   . SER A 1 96 ? 5.077   5.829   10.032  1.00 3.56  ? 96  SER A O   1 
ATOM   729  C CB  . SER A 1 96 ? 4.356   8.757   11.284  1.00 6.28  ? 96  SER A CB  1 
ATOM   730  O OG  . SER A 1 96 ? 5.558   8.261   11.938  1.00 6.75  ? 96  SER A OG  1 
ATOM   731  N N   . LEU A 1 97 ? 4.886   7.624   8.641   1.00 2.92  ? 97  LEU A N   1 
ATOM   732  C CA  . LEU A 1 97 ? 5.830   7.129   7.649   1.00 9.19  ? 97  LEU A CA  1 
ATOM   733  C C   . LEU A 1 97 ? 7.012   8.145   7.683   1.00 9.16  ? 97  LEU A C   1 
ATOM   734  O O   . LEU A 1 97 ? 6.794   9.364   7.496   1.00 7.53  ? 97  LEU A O   1 
ATOM   735  C CB  . LEU A 1 97 ? 5.120   7.060   6.263   1.00 5.80  ? 97  LEU A CB  1 
ATOM   736  C CG  . LEU A 1 97 ? 5.999   6.726   5.088   1.00 3.33  ? 97  LEU A CG  1 
ATOM   737  C CD1 . LEU A 1 97 ? 6.176   5.229   4.961   1.00 5.47  ? 97  LEU A CD1 1 
ATOM   738  C CD2 . LEU A 1 97 ? 5.302   7.098   3.818   1.00 6.34  ? 97  LEU A CD2 1 
ATOM   739  N N   . ASN A 1 98 ? 8.262   7.716   7.942   1.00 10.03 ? 98  ASN A N   1 
ATOM   740  C CA  . ASN A 1 98 ? 9.359   8.679   8.001   1.00 12.21 ? 98  ASN A CA  1 
ATOM   741  C C   . ASN A 1 98 ? 10.557  8.314   7.192   1.00 12.76 ? 98  ASN A C   1 
ATOM   742  O O   . ASN A 1 98 ? 10.828  7.141   7.029   1.00 12.69 ? 98  ASN A O   1 
ATOM   743  C CB  . ASN A 1 98 ? 9.943   8.894   9.393   1.00 12.99 ? 98  ASN A CB  1 
ATOM   744  C CG  . ASN A 1 98 ? 8.986   8.927   10.538  1.00 15.62 ? 98  ASN A CG  1 
ATOM   745  O OD1 . ASN A 1 98 ? 9.322   8.379   11.572  1.00 21.00 ? 98  ASN A OD1 1 
ATOM   746  N ND2 . ASN A 1 98 ? 7.796   9.495   10.483  1.00 19.43 ? 98  ASN A ND2 1 
ATOM   747  N N   . LEU A 1 99 ? 11.257  9.389   6.866   1.00 16.24 ? 99  LEU A N   1 
ATOM   748  C CA  . LEU A 1 99 ? 12.494  9.475   6.092   1.00 17.76 ? 99  LEU A CA  1 
ATOM   749  C C   . LEU A 1 99 ? 13.382  10.358  7.017   1.00 19.42 ? 99  LEU A C   1 
ATOM   750  O O   . LEU A 1 99 ? 14.215  9.765   7.724   1.00 21.03 ? 99  LEU A O   1 
ATOM   751  C CB  . LEU A 1 99 ? 12.126  10.152  4.787   1.00 17.97 ? 99  LEU A CB  1 
ATOM   752  C CG  . LEU A 1 99 ? 13.206  10.554  3.831   1.00 19.09 ? 99  LEU A CG  1 
ATOM   753  C CD1 . LEU A 1 99 ? 14.011  9.337   3.406   1.00 23.39 ? 99  LEU A CD1 1 
ATOM   754  C CD2 . LEU A 1 99 ? 12.553  11.153  2.613   1.00 18.85 ? 99  LEU A CD2 1 
ATOM   755  O OXT . LEU A 1 99 ? 13.179  11.609  7.130   1.00 18.77 ? 99  LEU A OXT 1 
ATOM   756  N N   . PRO B 1 1  ? 11.267  13.377  6.262   1.00 26.26 ? 1   PRO B N   1 
ATOM   757  C CA  . PRO B 1 1  ? 10.038  14.096  6.696   1.00 25.80 ? 1   PRO B CA  1 
ATOM   758  C C   . PRO B 1 1  ? 9.102   13.108  7.385   1.00 25.81 ? 1   PRO B C   1 
ATOM   759  O O   . PRO B 1 1  ? 9.467   11.935  7.491   1.00 26.56 ? 1   PRO B O   1 
ATOM   760  C CB  . PRO B 1 1  ? 9.406   14.705  5.431   1.00 26.10 ? 1   PRO B CB  1 
ATOM   761  C CG  . PRO B 1 1  ? 10.167  14.037  4.315   1.00 24.63 ? 1   PRO B CG  1 
ATOM   762  C CD  . PRO B 1 1  ? 11.546  13.862  4.892   1.00 27.15 ? 1   PRO B CD  1 
ATOM   763  N N   . GLN B 1 2  ? 7.930   13.533  7.831   1.00 24.19 ? 2   GLN B N   1 
ATOM   764  C CA  . GLN B 1 2  ? 7.013   12.640  8.486   1.00 22.52 ? 2   GLN B CA  1 
ATOM   765  C C   . GLN B 1 2  ? 5.693   12.737  7.714   1.00 21.88 ? 2   GLN B C   1 
ATOM   766  O O   . GLN B 1 2  ? 5.236   13.851  7.474   1.00 24.08 ? 2   GLN B O   1 
ATOM   767  C CB  . GLN B 1 2  ? 6.808   13.067  9.941   1.00 23.13 ? 2   GLN B CB  1 
ATOM   768  C CG  . GLN B 1 2  ? 5.878   12.032  10.561  1.00 30.01 ? 2   GLN B CG  1 
ATOM   769  C CD  . GLN B 1 2  ? 5.531   12.134  12.041  1.00 34.47 ? 2   GLN B CD  1 
ATOM   770  O OE1 . GLN B 1 2  ? 4.412   12.533  12.383  1.00 36.47 ? 2   GLN B OE1 1 
ATOM   771  N NE2 . GLN B 1 2  ? 6.419   11.696  12.937  1.00 34.30 ? 2   GLN B NE2 1 
ATOM   772  N N   . PHE B 1 3  ? 5.117   11.622  7.283   1.00 18.49 ? 3   PHE B N   1 
ATOM   773  C CA  . PHE B 1 3  ? 3.855   11.577  6.570   1.00 14.26 ? 3   PHE B CA  1 
ATOM   774  C C   . PHE B 1 3  ? 2.931   11.042  7.664   1.00 13.90 ? 3   PHE B C   1 
ATOM   775  O O   . PHE B 1 3  ? 3.109   9.919   8.152   1.00 12.91 ? 3   PHE B O   1 
ATOM   776  C CB  . PHE B 1 3  ? 3.994   10.629  5.416   1.00 13.92 ? 3   PHE B CB  1 
ATOM   777  C CG  . PHE B 1 3  ? 4.807   11.231  4.326   1.00 10.96 ? 3   PHE B CG  1 
ATOM   778  C CD1 . PHE B 1 3  ? 4.210   12.120  3.416   1.00 11.12 ? 3   PHE B CD1 1 
ATOM   779  C CD2 . PHE B 1 3  ? 6.165   10.930  4.217   1.00 8.68  ? 3   PHE B CD2 1 
ATOM   780  C CE1 . PHE B 1 3  ? 4.962   12.716  2.392   1.00 12.21 ? 3   PHE B CE1 1 
ATOM   781  C CE2 . PHE B 1 3  ? 6.922   11.519  3.204   1.00 12.84 ? 3   PHE B CE2 1 
ATOM   782  C CZ  . PHE B 1 3  ? 6.326   12.413  2.288   1.00 12.73 ? 3   PHE B CZ  1 
ATOM   783  N N   . SER B 1 4  ? 1.959   11.831  8.081   1.00 12.98 ? 4   SER B N   1 
ATOM   784  C CA  . SER B 1 4  ? 1.041   11.434  9.141   1.00 12.52 ? 4   SER B CA  1 
ATOM   785  C C   . SER B 1 4  ? -0.149  10.601  8.713   1.00 12.15 ? 4   SER B C   1 
ATOM   786  O O   . SER B 1 4  ? -1.002  10.252  9.514   1.00 12.35 ? 4   SER B O   1 
ATOM   787  C CB  . SER B 1 4  ? 0.598   12.713  9.841   1.00 14.87 ? 4   SER B CB  1 
ATOM   788  O OG  . SER B 1 4  ? -0.011  13.602  8.884   1.00 22.62 ? 4   SER B OG  1 
ATOM   789  N N   . LEU B 1 5  ? -0.327  10.384  7.441   1.00 11.18 ? 5   LEU B N   1 
ATOM   790  C CA  . LEU B 1 5  ? -1.398  9.561   6.898   1.00 10.03 ? 5   LEU B CA  1 
ATOM   791  C C   . LEU B 1 5  ? -2.857  9.928   6.953   1.00 10.81 ? 5   LEU B C   1 
ATOM   792  O O   . LEU B 1 5  ? -3.748  9.106   6.725   1.00 10.91 ? 5   LEU B O   1 
ATOM   793  C CB  . LEU B 1 5  ? -1.173  8.134   7.457   1.00 8.61  ? 5   LEU B CB  1 
ATOM   794  C CG  . LEU B 1 5  ? -0.094  7.211   6.808   1.00 8.77  ? 5   LEU B CG  1 
ATOM   795  C CD1 . LEU B 1 5  ? 1.116   7.937   6.279   1.00 5.33  ? 5   LEU B CD1 1 
ATOM   796  C CD2 . LEU B 1 5  ? 0.368   6.248   7.897   1.00 8.38  ? 5   LEU B CD2 1 
ATOM   797  N N   . TRP B 1 6  ? -3.073  11.203  7.173   1.00 10.83 ? 6   TRP B N   1 
ATOM   798  C CA  . TRP B 1 6  ? -4.429  11.711  7.194   1.00 11.36 ? 6   TRP B CA  1 
ATOM   799  C C   . TRP B 1 6  ? -4.751  12.043  5.719   1.00 10.80 ? 6   TRP B C   1 
ATOM   800  O O   . TRP B 1 6  ? -5.902  12.272  5.377   1.00 13.48 ? 6   TRP B O   1 
ATOM   801  C CB  . TRP B 1 6  ? -4.529  12.966  8.031   1.00 11.64 ? 6   TRP B CB  1 
ATOM   802  C CG  . TRP B 1 6  ? -4.323  12.716  9.486   1.00 10.71 ? 6   TRP B CG  1 
ATOM   803  C CD1 . TRP B 1 6  ? -3.193  13.056  10.133  1.00 11.28 ? 6   TRP B CD1 1 
ATOM   804  C CD2 . TRP B 1 6  ? -5.214  12.165  10.460  1.00 6.04  ? 6   TRP B CD2 1 
ATOM   805  N NE1 . TRP B 1 6  ? -3.318  12.767  11.452  1.00 13.36 ? 6   TRP B NE1 1 
ATOM   806  C CE2 . TRP B 1 6  ? -4.535  12.232  11.699  1.00 9.45  ? 6   TRP B CE2 1 
ATOM   807  C CE3 . TRP B 1 6  ? -6.509  11.628  10.479  1.00 5.72  ? 6   TRP B CE3 1 
ATOM   808  C CZ2 . TRP B 1 6  ? -5.070  11.810  12.938  1.00 7.59  ? 6   TRP B CZ2 1 
ATOM   809  C CZ3 . TRP B 1 6  ? -7.045  11.203  11.703  1.00 4.69  ? 6   TRP B CZ3 1 
ATOM   810  C CH2 . TRP B 1 6  ? -6.339  11.295  12.911  1.00 4.42  ? 6   TRP B CH2 1 
ATOM   811  N N   . ARG B 1 7  ? -3.772  12.259  4.852   1.00 9.62  ? 7   ARG B N   1 
ATOM   812  C CA  . ARG B 1 7  ? -3.973  12.544  3.435   1.00 8.07  ? 7   ARG B CA  1 
ATOM   813  C C   . ARG B 1 7  ? -3.144  11.402  2.837   1.00 5.92  ? 7   ARG B C   1 
ATOM   814  O O   . ARG B 1 7  ? -2.322  10.771  3.519   1.00 6.12  ? 7   ARG B O   1 
ATOM   815  C CB  . ARG B 1 7  ? -3.359  13.859  2.945   1.00 9.88  ? 7   ARG B CB  1 
ATOM   816  C CG  . ARG B 1 7  ? -3.064  14.958  3.923   1.00 18.62 ? 7   ARG B CG  1 
ATOM   817  C CD  . ARG B 1 7  ? -2.525  16.220  3.259   1.00 25.25 ? 7   ARG B CD  1 
ATOM   818  N NE  . ARG B 1 7  ? -3.614  17.065  2.751   1.00 33.08 ? 7   ARG B NE  1 
ATOM   819  C CZ  . ARG B 1 7  ? -3.501  18.310  2.238   1.00 35.91 ? 7   ARG B CZ  1 
ATOM   820  N NH1 . ARG B 1 7  ? -2.322  18.934  2.146   1.00 37.48 ? 7   ARG B NH1 1 
ATOM   821  N NH2 . ARG B 1 7  ? -4.588  18.928  1.772   1.00 34.38 ? 7   ARG B NH2 1 
ATOM   822  N N   . ARG B 1 8  ? -3.268  11.146  1.562   1.00 5.07  ? 8   ARG B N   1 
ATOM   823  C CA  . ARG B 1 8  ? -2.510  10.063  0.927   1.00 6.45  ? 8   ARG B CA  1 
ATOM   824  C C   . ARG B 1 8  ? -1.049  10.501  0.801   1.00 6.18  ? 8   ARG B C   1 
ATOM   825  O O   . ARG B 1 8  ? -0.868  11.610  0.283   1.00 6.22  ? 8   ARG B O   1 
ATOM   826  C CB  . ARG B 1 8  ? -3.005  9.776   -0.477  1.00 7.20  ? 8   ARG B CB  1 
ATOM   827  C CG  . ARG B 1 8  ? -4.496  9.790   -0.644  1.00 7.58  ? 8   ARG B CG  1 
ATOM   828  C CD  . ARG B 1 8  ? -4.779  8.904   -1.799  1.00 7.43  ? 8   ARG B CD  1 
ATOM   829  N NE  . ARG B 1 8  ? -6.157  8.495   -1.698  1.00 7.90  ? 8   ARG B NE  1 
ATOM   830  C CZ  . ARG B 1 8  ? -7.121  8.902   -2.506  1.00 8.89  ? 8   ARG B CZ  1 
ATOM   831  N NH1 . ARG B 1 8  ? -6.899  9.779   -3.477  1.00 4.85  ? 8   ARG B NH1 1 
ATOM   832  N NH2 . ARG B 1 8  ? -8.335  8.423   -2.307  1.00 7.52  ? 8   ARG B NH2 1 
ATOM   833  N N   . PRO B 1 9  ? 0.016   9.784   1.212   1.00 2.24  ? 9   PRO B N   1 
ATOM   834  C CA  . PRO B 1 9  ? 1.360   10.291  1.026   1.00 2.00  ? 9   PRO B CA  1 
ATOM   835  C C   . PRO B 1 9  ? 1.764   10.333  -0.449  1.00 2.00  ? 9   PRO B C   1 
ATOM   836  O O   . PRO B 1 9  ? 2.288   9.358   -0.955  1.00 4.53  ? 9   PRO B O   1 
ATOM   837  C CB  . PRO B 1 9  ? 2.204   9.372   1.988   1.00 3.23  ? 9   PRO B CB  1 
ATOM   838  C CG  . PRO B 1 9  ? 1.456   8.080   1.953   1.00 2.00  ? 9   PRO B CG  1 
ATOM   839  C CD  . PRO B 1 9  ? 0.007   8.512   1.964   1.00 2.00  ? 9   PRO B CD  1 
ATOM   840  N N   . VAL B 1 10 ? 1.379   11.368  -1.176  1.00 3.01  ? 10  VAL B N   1 
ATOM   841  C CA  . VAL B 1 10 ? 1.687   11.582  -2.584  1.00 6.38  ? 10  VAL B CA  1 
ATOM   842  C C   . VAL B 1 10 ? 2.848   12.545  -2.559  1.00 9.03  ? 10  VAL B C   1 
ATOM   843  O O   . VAL B 1 10 ? 2.769   13.632  -1.970  1.00 11.70 ? 10  VAL B O   1 
ATOM   844  C CB  . VAL B 1 10 ? 0.600   12.263  -3.363  1.00 6.97  ? 10  VAL B CB  1 
ATOM   845  C CG1 . VAL B 1 10 ? 1.093   12.818  -4.693  1.00 2.73  ? 10  VAL B CG1 1 
ATOM   846  C CG2 . VAL B 1 10 ? -0.424  11.180  -3.687  1.00 8.33  ? 10  VAL B CG2 1 
ATOM   847  N N   . VAL B 1 11 ? 3.869   12.164  -3.298  1.00 9.02  ? 11  VAL B N   1 
ATOM   848  C CA  . VAL B 1 11 ? 5.113   12.936  -3.394  1.00 10.32 ? 11  VAL B CA  1 
ATOM   849  C C   . VAL B 1 11 ? 5.505   13.122  -4.889  1.00 7.68  ? 11  VAL B C   1 
ATOM   850  O O   . VAL B 1 11 ? 5.077   12.273  -5.684  1.00 9.20  ? 11  VAL B O   1 
ATOM   851  C CB  . VAL B 1 11 ? 6.039   12.027  -2.462  1.00 11.78 ? 11  VAL B CB  1 
ATOM   852  C CG1 . VAL B 1 11 ? 7.353   11.738  -3.101  1.00 14.15 ? 11  VAL B CG1 1 
ATOM   853  C CG2 . VAL B 1 11 ? 6.235   12.694  -1.135  1.00 12.55 ? 11  VAL B CG2 1 
ATOM   854  N N   . THR B 1 12 ? 6.202   14.172  -5.353  1.00 4.67  ? 12  THR B N   1 
ATOM   855  C CA  . THR B 1 12 ? 6.600   14.322  -6.774  1.00 3.04  ? 12  THR B CA  1 
ATOM   856  C C   . THR B 1 12 ? 8.011   13.733  -6.877  1.00 2.00  ? 12  THR B C   1 
ATOM   857  O O   . THR B 1 12 ? 8.860   14.202  -6.128  1.00 4.20  ? 12  THR B O   1 
ATOM   858  C CB  . THR B 1 12 ? 6.761   15.789  -7.284  1.00 2.30  ? 12  THR B CB  1 
ATOM   859  O OG1 . THR B 1 12 ? 5.494   16.470  -7.199  1.00 2.00  ? 12  THR B OG1 1 
ATOM   860  C CG2 . THR B 1 12 ? 7.309   15.810  -8.730  1.00 2.00  ? 12  THR B CG2 1 
ATOM   861  N N   . ALA B 1 13 ? 8.312   12.820  -7.780  1.00 2.72  ? 13  ALA B N   1 
ATOM   862  C CA  . ALA B 1 13 ? 9.607   12.183  -7.980  1.00 3.40  ? 13  ALA B CA  1 
ATOM   863  C C   . ALA B 1 13 ? 10.075  12.432  -9.415  1.00 2.43  ? 13  ALA B C   1 
ATOM   864  O O   . ALA B 1 13 ? 9.219   12.828  -10.192 1.00 6.17  ? 13  ALA B O   1 
ATOM   865  C CB  . ALA B 1 13 ? 9.455   10.693  -7.752  1.00 2.00  ? 13  ALA B CB  1 
ATOM   866  N N   . HIS B 1 14 ? 11.338  12.289  -9.843  1.00 4.11  ? 14  HIS B N   1 
ATOM   867  C CA  . HIS B 1 14 ? 11.799  12.492  -11.230 1.00 2.00  ? 14  HIS B CA  1 
ATOM   868  C C   . HIS B 1 14 ? 12.442  11.160  -11.542 1.00 3.56  ? 14  HIS B C   1 
ATOM   869  O O   . HIS B 1 14 ? 13.336  10.681  -10.826 1.00 4.25  ? 14  HIS B O   1 
ATOM   870  C CB  . HIS B 1 14 ? 12.869  13.517  -11.409 1.00 2.00  ? 14  HIS B CB  1 
ATOM   871  C CG  . HIS B 1 14 ? 12.345  14.911  -11.418 1.00 3.98  ? 14  HIS B CG  1 
ATOM   872  N ND1 . HIS B 1 14 ? 11.895  15.538  -10.272 1.00 2.00  ? 14  HIS B ND1 1 
ATOM   873  C CD2 . HIS B 1 14 ? 12.110  15.760  -12.437 1.00 3.88  ? 14  HIS B CD2 1 
ATOM   874  C CE1 . HIS B 1 14 ? 11.380  16.701  -10.580 1.00 2.00  ? 14  HIS B CE1 1 
ATOM   875  N NE2 . HIS B 1 14 ? 11.500  16.859  -11.882 1.00 5.97  ? 14  HIS B NE2 1 
ATOM   876  N N   . ILE B 1 15 ? 11.898  10.557  -12.581 1.00 4.25  ? 15  ILE B N   1 
ATOM   877  C CA  . ILE B 1 15 ? 12.303  9.273   -13.096 1.00 5.45  ? 15  ILE B CA  1 
ATOM   878  C C   . ILE B 1 15 ? 12.920  9.653   -14.410 1.00 10.79 ? 15  ILE B C   1 
ATOM   879  O O   . ILE B 1 15 ? 12.202  10.142  -15.282 1.00 10.53 ? 15  ILE B O   1 
ATOM   880  C CB  . ILE B 1 15 ? 11.082  8.380   -13.301 1.00 4.04  ? 15  ILE B CB  1 
ATOM   881  C CG1 . ILE B 1 15 ? 10.483  8.042   -11.920 1.00 3.17  ? 15  ILE B CG1 1 
ATOM   882  C CG2 . ILE B 1 15 ? 11.480  7.121   -14.057 1.00 4.41  ? 15  ILE B CG2 1 
ATOM   883  C CD1 . ILE B 1 15 ? 9.085   7.452   -11.934 1.00 2.00  ? 15  ILE B CD1 1 
ATOM   884  N N   . GLU B 1 16 ? 14.243  9.423   -14.478 1.00 14.84 ? 16  GLU B N   1 
ATOM   885  C CA  . GLU B 1 16 ? 15.128  9.699   -15.620 1.00 17.41 ? 16  GLU B CA  1 
ATOM   886  C C   . GLU B 1 16 ? 14.689  11.054  -16.186 1.00 16.88 ? 16  GLU B C   1 
ATOM   887  O O   . GLU B 1 16 ? 14.192  11.177  -17.299 1.00 18.15 ? 16  GLU B O   1 
ATOM   888  C CB  . GLU B 1 16 ? 15.018  8.567   -16.699 1.00 18.40 ? 16  GLU B CB  1 
ATOM   889  C CG  . GLU B 1 16 ? 16.337  8.018   -17.296 1.00 23.71 ? 16  GLU B CG  1 
ATOM   890  C CD  . GLU B 1 16 ? 16.980  6.745   -16.716 1.00 28.88 ? 16  GLU B CD  1 
ATOM   891  O OE1 . GLU B 1 16 ? 16.347  5.666   -16.743 1.00 31.53 ? 16  GLU B OE1 1 
ATOM   892  O OE2 . GLU B 1 16 ? 18.157  6.784   -16.288 1.00 31.04 ? 16  GLU B OE2 1 
ATOM   893  N N   . GLY B 1 17 ? 14.795  12.052  -15.320 1.00 17.07 ? 17  GLY B N   1 
ATOM   894  C CA  . GLY B 1 17 ? 14.321  13.403  -15.634 1.00 16.89 ? 17  GLY B CA  1 
ATOM   895  C C   . GLY B 1 17 ? 12.801  13.647  -15.733 1.00 14.71 ? 17  GLY B C   1 
ATOM   896  O O   . GLY B 1 17 ? 12.394  14.760  -15.415 1.00 16.91 ? 17  GLY B O   1 
ATOM   897  N N   . GLN B 1 18 ? 11.899  12.759  -16.136 1.00 11.87 ? 18  GLN B N   1 
ATOM   898  C CA  . GLN B 1 18 ? 10.465  13.090  -16.204 1.00 11.73 ? 18  GLN B CA  1 
ATOM   899  C C   . GLN B 1 18 ? 9.946   13.425  -14.781 1.00 11.03 ? 18  GLN B C   1 
ATOM   900  O O   . GLN B 1 18 ? 10.270  12.672  -13.855 1.00 7.99  ? 18  GLN B O   1 
ATOM   901  C CB  . GLN B 1 18 ? 9.686   11.878  -16.774 1.00 16.06 ? 18  GLN B CB  1 
ATOM   902  C CG  . GLN B 1 18 ? 8.944   11.763  -18.128 1.00 19.74 ? 18  GLN B CG  1 
ATOM   903  C CD  . GLN B 1 18 ? 9.487   10.643  -19.024 1.00 24.15 ? 18  GLN B CD  1 
ATOM   904  O OE1 . GLN B 1 18 ? 8.798   10.203  -19.967 1.00 27.76 ? 18  GLN B OE1 1 
ATOM   905  N NE2 . GLN B 1 18 ? 10.721  10.148  -18.792 1.00 21.70 ? 18  GLN B NE2 1 
ATOM   906  N N   . PRO B 1 19 ? 9.191   14.512  -14.472 1.00 11.32 ? 19  PRO B N   1 
ATOM   907  C CA  . PRO B 1 19 ? 8.479   14.689  -13.188 1.00 10.27 ? 19  PRO B CA  1 
ATOM   908  C C   . PRO B 1 19 ? 7.131   13.942  -13.037 1.00 9.94  ? 19  PRO B C   1 
ATOM   909  O O   . PRO B 1 19 ? 6.232   14.232  -13.836 1.00 10.77 ? 19  PRO B O   1 
ATOM   910  C CB  . PRO B 1 19 ? 8.412   16.233  -13.094 1.00 7.60  ? 19  PRO B CB  1 
ATOM   911  C CG  . PRO B 1 19 ? 8.055   16.545  -14.483 1.00 6.72  ? 19  PRO B CG  1 
ATOM   912  C CD  . PRO B 1 19 ? 9.077   15.764  -15.240 1.00 9.87  ? 19  PRO B CD  1 
ATOM   913  N N   . VAL B 1 20 ? 6.941   13.055  -12.043 1.00 8.50  ? 20  VAL B N   1 
ATOM   914  C CA  . VAL B 1 20 ? 5.700   12.297  -11.815 1.00 10.89 ? 20  VAL B CA  1 
ATOM   915  C C   . VAL B 1 20 ? 5.343   12.247  -10.334 1.00 9.83  ? 20  VAL B C   1 
ATOM   916  O O   . VAL B 1 20 ? 6.258   12.242  -9.524  1.00 14.42 ? 20  VAL B O   1 
ATOM   917  C CB  . VAL B 1 20 ? 5.682   10.752  -12.212 1.00 11.53 ? 20  VAL B CB  1 
ATOM   918  C CG1 . VAL B 1 20 ? 4.727   10.681  -13.390 1.00 15.98 ? 20  VAL B CG1 1 
ATOM   919  C CG2 . VAL B 1 20 ? 7.009   10.140  -12.667 1.00 10.93 ? 20  VAL B CG2 1 
ATOM   920  N N   . GLU B 1 21 ? 4.071   12.202  -9.965  1.00 5.43  ? 21  GLU B N   1 
ATOM   921  C CA  . GLU B 1 21 ? 3.591   12.131  -8.584  1.00 6.35  ? 21  GLU B CA  1 
ATOM   922  C C   . GLU B 1 21 ? 3.388   10.631  -8.309  1.00 5.71  ? 21  GLU B C   1 
ATOM   923  O O   . GLU B 1 21 ? 2.751   9.911   -9.113  1.00 5.18  ? 21  GLU B O   1 
ATOM   924  C CB  . GLU B 1 21 ? 2.290   12.867  -8.471  1.00 6.60  ? 21  GLU B CB  1 
ATOM   925  C CG  . GLU B 1 21 ? 2.706   14.233  -8.890  1.00 12.89 ? 21  GLU B CG  1 
ATOM   926  C CD  . GLU B 1 21 ? 1.966   15.176  -8.049  1.00 18.74 ? 21  GLU B CD  1 
ATOM   927  O OE1 . GLU B 1 21 ? 2.294   15.237  -6.837  1.00 21.71 ? 21  GLU B OE1 1 
ATOM   928  O OE2 . GLU B 1 21 ? 1.055   15.826  -8.606  1.00 25.64 ? 21  GLU B OE2 1 
ATOM   929  N N   . VAL B 1 22 ? 3.804   10.161  -7.160  1.00 2.38  ? 22  VAL B N   1 
ATOM   930  C CA  . VAL B 1 22 ? 3.695   8.771   -6.862  1.00 2.85  ? 22  VAL B CA  1 
ATOM   931  C C   . VAL B 1 22 ? 3.247   8.666   -5.401  1.00 5.73  ? 22  VAL B C   1 
ATOM   932  O O   . VAL B 1 22 ? 3.451   9.613   -4.622  1.00 7.00  ? 22  VAL B O   1 
ATOM   933  C CB  . VAL B 1 22 ? 5.132   8.429   -7.345  1.00 2.00  ? 22  VAL B CB  1 
ATOM   934  C CG1 . VAL B 1 22 ? 6.081   8.458   -6.203  1.00 5.85  ? 22  VAL B CG1 1 
ATOM   935  C CG2 . VAL B 1 22 ? 5.146   7.147   -8.075  1.00 9.13  ? 22  VAL B CG2 1 
ATOM   936  N N   . LEU B 1 23 ? 2.546   7.574   -5.079  1.00 5.84  ? 23  LEU B N   1 
ATOM   937  C CA  . LEU B 1 23 ? 2.027   7.265   -3.758  1.00 4.15  ? 23  LEU B CA  1 
ATOM   938  C C   . LEU B 1 23 ? 3.063   6.344   -3.118  1.00 2.45  ? 23  LEU B C   1 
ATOM   939  O O   . LEU B 1 23 ? 3.555   5.393   -3.717  1.00 3.24  ? 23  LEU B O   1 
ATOM   940  C CB  . LEU B 1 23 ? 0.676   6.584   -3.972  1.00 6.77  ? 23  LEU B CB  1 
ATOM   941  C CG  . LEU B 1 23 ? -0.449  6.489   -2.925  1.00 5.49  ? 23  LEU B CG  1 
ATOM   942  C CD1 . LEU B 1 23 ? -1.540  5.535   -3.400  1.00 5.55  ? 23  LEU B CD1 1 
ATOM   943  C CD2 . LEU B 1 23 ? 0.054   5.853   -1.686  1.00 9.80  ? 23  LEU B CD2 1 
ATOM   944  N N   . LEU B 1 24 ? 3.392   6.653   -1.904  1.00 2.39  ? 24  LEU B N   1 
ATOM   945  C CA  . LEU B 1 24 ? 4.361   5.920   -1.087  1.00 5.07  ? 24  LEU B CA  1 
ATOM   946  C C   . LEU B 1 24 ? 3.519   4.852   -0.434  1.00 7.43  ? 24  LEU B C   1 
ATOM   947  O O   . LEU B 1 24 ? 2.755   5.051   0.524   1.00 5.47  ? 24  LEU B O   1 
ATOM   948  C CB  . LEU B 1 24 ? 4.979   6.865   -0.056  1.00 4.38  ? 24  LEU B CB  1 
ATOM   949  C CG  . LEU B 1 24 ? 6.140   7.796   -0.406  1.00 4.71  ? 24  LEU B CG  1 
ATOM   950  C CD1 . LEU B 1 24 ? 6.452   7.840   -1.894  1.00 2.00  ? 24  LEU B CD1 1 
ATOM   951  C CD2 . LEU B 1 24 ? 5.770   9.099   0.255   1.00 2.00  ? 24  LEU B CD2 1 
ATOM   952  N N   . ASP B 1 25 ? 3.722   3.717   -1.042  1.00 8.25  ? 25  ASP B N   1 
ATOM   953  C CA  . ASP B 1 25 ? 3.007   2.533   -0.648  1.00 6.68  ? 25  ASP B CA  1 
ATOM   954  C C   . ASP B 1 25 ? 3.725   1.463   0.166   1.00 6.38  ? 25  ASP B C   1 
ATOM   955  O O   . ASP B 1 25 ? 4.479   0.702   -0.448  1.00 8.26  ? 25  ASP B O   1 
ATOM   956  C CB  . ASP B 1 25 ? 2.488   2.037   -1.961  1.00 2.09  ? 25  ASP B CB  1 
ATOM   957  C CG  . ASP B 1 25 ? 1.323   1.119   -1.923  1.00 3.69  ? 25  ASP B CG  1 
ATOM   958  O OD1 . ASP B 1 25 ? 0.995   0.528   -0.875  1.00 3.81  ? 25  ASP B OD1 1 
ATOM   959  O OD2 . ASP B 1 25 ? 0.729   1.008   -2.999  1.00 2.00  ? 25  ASP B OD2 1 
ATOM   960  N N   . THR B 1 26 ? 3.498   1.276   1.469   1.00 4.88  ? 26  THR B N   1 
ATOM   961  C CA  . THR B 1 26 ? 4.222   0.213   2.182   1.00 2.97  ? 26  THR B CA  1 
ATOM   962  C C   . THR B 1 26 ? 3.590   -1.137  1.793   1.00 5.05  ? 26  THR B C   1 
ATOM   963  O O   . THR B 1 26 ? 4.175   -2.218  1.925   1.00 6.58  ? 26  THR B O   1 
ATOM   964  C CB  . THR B 1 26 ? 4.120   0.462   3.694   1.00 2.00  ? 26  THR B CB  1 
ATOM   965  O OG1 . THR B 1 26 ? 2.735   0.576   4.022   1.00 3.82  ? 26  THR B OG1 1 
ATOM   966  C CG2 . THR B 1 26 ? 4.742   1.772   4.119   1.00 4.03  ? 26  THR B CG2 1 
ATOM   967  N N   . GLY B 1 27 ? 2.404   -1.136  1.208   1.00 3.98  ? 27  GLY B N   1 
ATOM   968  C CA  . GLY B 1 27 ? 1.783   -2.408  0.893   1.00 3.71  ? 27  GLY B CA  1 
ATOM   969  C C   . GLY B 1 27 ? 2.092   -2.965  -0.468  1.00 3.08  ? 27  GLY B C   1 
ATOM   970  O O   . GLY B 1 27 ? 1.432   -3.943  -0.847  1.00 3.20  ? 27  GLY B O   1 
ATOM   971  N N   . ALA B 1 28 ? 3.017   -2.356  -1.199  1.00 2.30  ? 28  ALA B N   1 
ATOM   972  C CA  . ALA B 1 28 ? 3.397   -2.806  -2.529  1.00 2.00  ? 28  ALA B CA  1 
ATOM   973  C C   . ALA B 1 28 ? 4.843   -3.271  -2.553  1.00 2.38  ? 28  ALA B C   1 
ATOM   974  O O   . ALA B 1 28 ? 5.676   -2.639  -1.910  1.00 8.47  ? 28  ALA B O   1 
ATOM   975  C CB  . ALA B 1 28 ? 3.224   -1.667  -3.484  1.00 2.16  ? 28  ALA B CB  1 
ATOM   976  N N   . ASP B 1 29 ? 5.128   -4.396  -3.184  1.00 2.13  ? 29  ASP B N   1 
ATOM   977  C CA  . ASP B 1 29 ? 6.446   -4.992  -3.336  1.00 2.35  ? 29  ASP B CA  1 
ATOM   978  C C   . ASP B 1 29 ? 7.313   -4.255  -4.379  1.00 6.40  ? 29  ASP B C   1 
ATOM   979  O O   . ASP B 1 29 ? 8.559   -4.147  -4.253  1.00 9.47  ? 29  ASP B O   1 
ATOM   980  C CB  . ASP B 1 29 ? 6.348   -6.453  -3.826  1.00 5.09  ? 29  ASP B CB  1 
ATOM   981  C CG  . ASP B 1 29 ? 5.754   -7.539  -2.932  1.00 8.33  ? 29  ASP B CG  1 
ATOM   982  O OD1 . ASP B 1 29 ? 5.336   -7.251  -1.798  1.00 7.89  ? 29  ASP B OD1 1 
ATOM   983  O OD2 . ASP B 1 29 ? 5.708   -8.711  -3.369  1.00 10.02 ? 29  ASP B OD2 1 
ATOM   984  N N   . ASP B 1 30 ? 6.626   -3.734  -5.403  1.00 4.38  ? 30  ASP B N   1 
ATOM   985  C CA  . ASP B 1 30 ? 7.307   -3.055  -6.485  1.00 4.30  ? 30  ASP B CA  1 
ATOM   986  C C   . ASP B 1 30 ? 6.897   -1.615  -6.654  1.00 5.85  ? 30  ASP B C   1 
ATOM   987  O O   . ASP B 1 30 ? 6.010   -1.188  -5.928  1.00 8.09  ? 30  ASP B O   1 
ATOM   988  C CB  . ASP B 1 30 ? 6.996   -3.852  -7.739  1.00 6.59  ? 30  ASP B CB  1 
ATOM   989  C CG  . ASP B 1 30 ? 7.366   -5.320  -7.673  1.00 8.97  ? 30  ASP B CG  1 
ATOM   990  O OD1 . ASP B 1 30 ? 8.535   -5.666  -7.917  1.00 12.81 ? 30  ASP B OD1 1 
ATOM   991  O OD2 . ASP B 1 30 ? 6.500   -6.145  -7.352  1.00 13.40 ? 30  ASP B OD2 1 
ATOM   992  N N   . SER B 1 31 ? 7.448   -0.883  -7.611  1.00 6.53  ? 31  SER B N   1 
ATOM   993  C CA  . SER B 1 31 ? 7.076   0.505   -7.844  1.00 7.95  ? 31  SER B CA  1 
ATOM   994  C C   . SER B 1 31 ? 6.654   0.395   -9.303  1.00 5.29  ? 31  SER B C   1 
ATOM   995  O O   . SER B 1 31 ? 7.462   0.041   -10.146 1.00 7.44  ? 31  SER B O   1 
ATOM   996  C CB  . SER B 1 31 ? 8.301   1.415   -7.611  1.00 8.91  ? 31  SER B CB  1 
ATOM   997  O OG  . SER B 1 31 ? 8.662   1.282   -6.240  1.00 6.86  ? 31  SER B OG  1 
ATOM   998  N N   . ILE B 1 32 ? 5.386   0.631   -9.561  1.00 3.46  ? 32  ILE B N   1 
ATOM   999  C CA  . ILE B 1 32 ? 4.773   0.541   -10.859 1.00 2.54  ? 32  ILE B CA  1 
ATOM   1000 C C   . ILE B 1 32 ? 4.343   1.945   -11.252 1.00 4.96  ? 32  ILE B C   1 
ATOM   1001 O O   . ILE B 1 32 ? 3.560   2.515   -10.474 1.00 7.33  ? 32  ILE B O   1 
ATOM   1002 C CB  . ILE B 1 32 ? 3.449   -0.322  -10.849 1.00 2.63  ? 32  ILE B CB  1 
ATOM   1003 C CG1 . ILE B 1 32 ? 3.504   -1.489  -9.860  1.00 2.00  ? 32  ILE B CG1 1 
ATOM   1004 C CG2 . ILE B 1 32 ? 3.166   -0.763  -12.255 1.00 2.00  ? 32  ILE B CG2 1 
ATOM   1005 C CD1 . ILE B 1 32 ? 4.202   -2.712  -10.296 1.00 2.00  ? 32  ILE B CD1 1 
ATOM   1006 N N   . VAL B 1 33 ? 4.734   2.485   -12.403 1.00 2.13  ? 33  VAL B N   1 
ATOM   1007 C CA  . VAL B 1 33 ? 4.335   3.790   -12.821 1.00 5.29  ? 33  VAL B CA  1 
ATOM   1008 C C   . VAL B 1 33 ? 3.830   3.697   -14.276 1.00 9.34  ? 33  VAL B C   1 
ATOM   1009 O O   . VAL B 1 33 ? 4.000   2.671   -14.950 1.00 9.81  ? 33  VAL B O   1 
ATOM   1010 C CB  . VAL B 1 33 ? 5.586   4.723   -12.681 1.00 6.62  ? 33  VAL B CB  1 
ATOM   1011 C CG1 . VAL B 1 33 ? 5.273   6.069   -13.275 1.00 10.43 ? 33  VAL B CG1 1 
ATOM   1012 C CG2 . VAL B 1 33 ? 5.854   5.140   -11.203 1.00 2.04  ? 33  VAL B CG2 1 
ATOM   1013 N N   . THR B 1 34 ? 3.093   4.660   -14.784 1.00 11.33 ? 34  THR B N   1 
ATOM   1014 C CA  . THR B 1 34 ? 2.660   4.641   -16.175 1.00 15.09 ? 34  THR B CA  1 
ATOM   1015 C C   . THR B 1 34 ? 3.028   6.068   -16.596 1.00 17.40 ? 34  THR B C   1 
ATOM   1016 O O   . THR B 1 34 ? 3.391   6.928   -15.788 1.00 17.33 ? 34  THR B O   1 
ATOM   1017 C CB  . THR B 1 34 ? 1.129   4.436   -16.442 1.00 14.32 ? 34  THR B CB  1 
ATOM   1018 O OG1 . THR B 1 34 ? 0.844   4.662   -17.840 1.00 13.65 ? 34  THR B OG1 1 
ATOM   1019 C CG2 . THR B 1 34 ? 0.303   5.376   -15.627 1.00 19.65 ? 34  THR B CG2 1 
ATOM   1020 N N   . GLY B 1 35 ? 3.016   6.316   -17.889 1.00 20.92 ? 35  GLY B N   1 
ATOM   1021 C CA  . GLY B 1 35 ? 3.262   7.656   -18.354 1.00 23.35 ? 35  GLY B CA  1 
ATOM   1022 C C   . GLY B 1 35 ? 4.695   8.020   -18.585 1.00 24.44 ? 35  GLY B C   1 
ATOM   1023 O O   . GLY B 1 35 ? 4.895   9.178   -18.918 1.00 26.91 ? 35  GLY B O   1 
ATOM   1024 N N   . ILE B 1 36 ? 5.682   7.159   -18.426 1.00 25.67 ? 36  ILE B N   1 
ATOM   1025 C CA  . ILE B 1 36 ? 7.052   7.549   -18.774 1.00 26.73 ? 36  ILE B CA  1 
ATOM   1026 C C   . ILE B 1 36 ? 7.409   6.510   -19.830 1.00 27.45 ? 36  ILE B C   1 
ATOM   1027 O O   . ILE B 1 36 ? 6.884   5.390   -19.739 1.00 26.55 ? 36  ILE B O   1 
ATOM   1028 C CB  . ILE B 1 36 ? 8.116   7.475   -17.574 1.00 27.60 ? 36  ILE B CB  1 
ATOM   1029 C CG1 . ILE B 1 36 ? 8.373   6.069   -17.005 1.00 26.37 ? 36  ILE B CG1 1 
ATOM   1030 C CG2 . ILE B 1 36 ? 7.566   8.370   -16.463 1.00 28.99 ? 36  ILE B CG2 1 
ATOM   1031 C CD1 . ILE B 1 36 ? 7.204   5.375   -16.345 1.00 27.53 ? 36  ILE B CD1 1 
ATOM   1032 N N   . GLU B 1 37 ? 8.207   6.860   -20.839 1.00 27.42 ? 37  GLU B N   1 
ATOM   1033 C CA  . GLU B 1 37 ? 8.606   5.931   -21.894 1.00 27.19 ? 37  GLU B CA  1 
ATOM   1034 C C   . GLU B 1 37 ? 10.050  5.629   -21.554 1.00 24.91 ? 37  GLU B C   1 
ATOM   1035 O O   . GLU B 1 37 ? 10.875  6.530   -21.613 1.00 26.56 ? 37  GLU B O   1 
ATOM   1036 C CB  . GLU B 1 37 ? 8.466   6.580   -23.308 1.00 29.69 ? 37  GLU B CB  1 
ATOM   1037 C CG  . GLU B 1 37 ? 8.943   8.027   -23.554 1.00 37.77 ? 37  GLU B CG  1 
ATOM   1038 C CD  . GLU B 1 37 ? 7.857   9.043   -23.953 1.00 42.71 ? 37  GLU B CD  1 
ATOM   1039 O OE1 . GLU B 1 37 ? 6.635   8.715   -23.932 1.00 42.88 ? 37  GLU B OE1 1 
ATOM   1040 O OE2 . GLU B 1 37 ? 8.242   10.194  -24.296 1.00 45.08 ? 37  GLU B OE2 1 
ATOM   1041 N N   . LEU B 1 38 ? 10.374  4.401   -21.185 1.00 22.08 ? 38  LEU B N   1 
ATOM   1042 C CA  . LEU B 1 38 ? 11.751  4.097   -20.833 1.00 21.52 ? 38  LEU B CA  1 
ATOM   1043 C C   . LEU B 1 38 ? 12.587  3.237   -21.812 1.00 20.41 ? 38  LEU B C   1 
ATOM   1044 O O   . LEU B 1 38 ? 13.748  2.901   -21.563 1.00 20.32 ? 38  LEU B O   1 
ATOM   1045 C CB  . LEU B 1 38 ? 11.619  3.510   -19.427 1.00 18.41 ? 38  LEU B CB  1 
ATOM   1046 C CG  . LEU B 1 38 ? 12.178  4.059   -18.107 1.00 17.92 ? 38  LEU B CG  1 
ATOM   1047 C CD1 . LEU B 1 38 ? 12.249  5.575   -17.870 1.00 11.22 ? 38  LEU B CD1 1 
ATOM   1048 C CD2 . LEU B 1 38 ? 11.198  3.403   -17.175 1.00 12.73 ? 38  LEU B CD2 1 
ATOM   1049 N N   . GLY B 1 39 ? 12.017  2.847   -22.929 1.00 20.19 ? 39  GLY B N   1 
ATOM   1050 C CA  . GLY B 1 39 ? 12.805  2.202   -23.956 1.00 19.78 ? 39  GLY B CA  1 
ATOM   1051 C C   . GLY B 1 39 ? 12.429  0.754   -24.164 1.00 20.62 ? 39  GLY B C   1 
ATOM   1052 O O   . GLY B 1 39 ? 11.611  0.195   -23.434 1.00 20.21 ? 39  GLY B O   1 
ATOM   1053 N N   . PRO B 1 40 ? 13.030  0.112   -25.180 1.00 20.65 ? 40  PRO B N   1 
ATOM   1054 C CA  . PRO B 1 40 ? 12.802  -1.311  -25.519 1.00 17.79 ? 40  PRO B CA  1 
ATOM   1055 C C   . PRO B 1 40 ? 13.629  -2.284  -24.675 1.00 18.02 ? 40  PRO B C   1 
ATOM   1056 O O   . PRO B 1 40 ? 13.893  -3.357  -25.183 1.00 18.87 ? 40  PRO B O   1 
ATOM   1057 C CB  . PRO B 1 40 ? 13.168  -1.304  -26.982 1.00 17.38 ? 40  PRO B CB  1 
ATOM   1058 C CG  . PRO B 1 40 ? 14.443  -0.457  -26.955 1.00 17.01 ? 40  PRO B CG  1 
ATOM   1059 C CD  . PRO B 1 40 ? 13.996  0.722   -26.142 1.00 16.16 ? 40  PRO B CD  1 
ATOM   1060 N N   . HIS B 1 41 ? 14.108  -2.094  -23.460 1.00 18.53 ? 41  HIS B N   1 
ATOM   1061 C CA  . HIS B 1 41 ? 14.923  -3.137  -22.805 1.00 20.51 ? 41  HIS B CA  1 
ATOM   1062 C C   . HIS B 1 41 ? 14.376  -3.454  -21.440 1.00 20.31 ? 41  HIS B C   1 
ATOM   1063 O O   . HIS B 1 41 ? 14.942  -3.059  -20.414 1.00 21.47 ? 41  HIS B O   1 
ATOM   1064 C CB  . HIS B 1 41 ? 16.404  -2.666  -22.661 1.00 18.69 ? 41  HIS B CB  1 
ATOM   1065 C CG  . HIS B 1 41 ? 17.112  -2.432  -23.958 1.00 20.12 ? 41  HIS B CG  1 
ATOM   1066 N ND1 . HIS B 1 41 ? 17.055  -3.330  -25.018 1.00 19.39 ? 41  HIS B ND1 1 
ATOM   1067 C CD2 . HIS B 1 41 ? 17.906  -1.407  -24.376 1.00 17.16 ? 41  HIS B CD2 1 
ATOM   1068 C CE1 . HIS B 1 41 ? 17.786  -2.881  -26.025 1.00 19.95 ? 41  HIS B CE1 1 
ATOM   1069 N NE2 . HIS B 1 41 ? 18.300  -1.718  -25.653 1.00 18.32 ? 41  HIS B NE2 1 
ATOM   1070 N N   . TYR B 1 42 ? 13.317  -4.229  -21.500 1.00 17.06 ? 42  TYR B N   1 
ATOM   1071 C CA  . TYR B 1 42 ? 12.613  -4.631  -20.294 1.00 14.52 ? 42  TYR B CA  1 
ATOM   1072 C C   . TYR B 1 42 ? 12.449  -6.135  -20.261 1.00 15.35 ? 42  TYR B C   1 
ATOM   1073 O O   . TYR B 1 42 ? 12.586  -6.809  -21.294 1.00 16.04 ? 42  TYR B O   1 
ATOM   1074 C CB  . TYR B 1 42 ? 11.188  -4.011  -20.260 1.00 12.65 ? 42  TYR B CB  1 
ATOM   1075 C CG  . TYR B 1 42 ? 10.354  -4.335  -21.487 1.00 7.29  ? 42  TYR B CG  1 
ATOM   1076 C CD1 . TYR B 1 42 ? 10.479  -3.548  -22.638 1.00 8.79  ? 42  TYR B CD1 1 
ATOM   1077 C CD2 . TYR B 1 42 ? 9.455   -5.406  -21.530 1.00 9.25  ? 42  TYR B CD2 1 
ATOM   1078 C CE1 . TYR B 1 42 ? 9.744   -3.818  -23.784 1.00 7.74  ? 42  TYR B CE1 1 
ATOM   1079 C CE2 . TYR B 1 42 ? 8.711   -5.698  -22.672 1.00 6.87  ? 42  TYR B CE2 1 
ATOM   1080 C CZ  . TYR B 1 42 ? 8.872   -4.894  -23.789 1.00 10.53 ? 42  TYR B CZ  1 
ATOM   1081 O OH  . TYR B 1 42 ? 8.189   -5.175  -24.943 1.00 17.90 ? 42  TYR B OH  1 
ATOM   1082 N N   . THR B 1 43 ? 12.016  -6.545  -19.073 1.00 12.77 ? 43  THR B N   1 
ATOM   1083 C CA  . THR B 1 43 ? 11.735  -7.932  -18.813 1.00 9.42  ? 43  THR B CA  1 
ATOM   1084 C C   . THR B 1 43 ? 10.232  -7.848  -18.567 1.00 8.22  ? 43  THR B C   1 
ATOM   1085 O O   . THR B 1 43 ? 9.751   -6.967  -17.855 1.00 6.05  ? 43  THR B O   1 
ATOM   1086 C CB  . THR B 1 43 ? 12.509  -8.408  -17.610 1.00 4.40  ? 43  THR B CB  1 
ATOM   1087 O OG1 . THR B 1 43 ? 13.879  -8.329  -17.987 1.00 7.89  ? 43  THR B OG1 1 
ATOM   1088 C CG2 . THR B 1 43 ? 12.202  -9.829  -17.224 1.00 7.19  ? 43  THR B CG2 1 
ATOM   1089 N N   . PRO B 1 44 ? 9.424   -8.643  -19.258 1.00 7.68  ? 44  PRO B N   1 
ATOM   1090 C CA  . PRO B 1 44 ? 7.972   -8.650  -19.054 1.00 7.47  ? 44  PRO B CA  1 
ATOM   1091 C C   . PRO B 1 44 ? 7.624   -9.359  -17.779 1.00 9.09  ? 44  PRO B C   1 
ATOM   1092 O O   . PRO B 1 44 ? 8.301   -10.350 -17.463 1.00 13.99 ? 44  PRO B O   1 
ATOM   1093 C CB  . PRO B 1 44 ? 7.435   -9.311  -20.310 1.00 6.84  ? 44  PRO B CB  1 
ATOM   1094 C CG  . PRO B 1 44 ? 8.537   -10.217 -20.750 1.00 8.03  ? 44  PRO B CG  1 
ATOM   1095 C CD  . PRO B 1 44 ? 9.834   -9.560  -20.335 1.00 8.14  ? 44  PRO B CD  1 
ATOM   1096 N N   . LYS B 1 45 ? 6.654   -8.835  -17.034 1.00 8.91  ? 45  LYS B N   1 
ATOM   1097 C CA  . LYS B 1 45 ? 6.224   -9.462  -15.773 1.00 7.97  ? 45  LYS B CA  1 
ATOM   1098 C C   . LYS B 1 45 ? 4.731   -9.335  -15.629 1.00 6.60  ? 45  LYS B C   1 
ATOM   1099 O O   . LYS B 1 45 ? 4.084   -8.729  -16.483 1.00 7.89  ? 45  LYS B O   1 
ATOM   1100 C CB  . LYS B 1 45 ? 6.745   -8.829  -14.463 1.00 9.09  ? 45  LYS B CB  1 
ATOM   1101 C CG  . LYS B 1 45 ? 8.148   -8.259  -14.318 1.00 7.89  ? 45  LYS B CG  1 
ATOM   1102 C CD  . LYS B 1 45 ? 9.265   -9.199  -14.660 1.00 11.90 ? 45  LYS B CD  1 
ATOM   1103 C CE  . LYS B 1 45 ? 9.442   -10.301 -13.654 1.00 10.58 ? 45  LYS B CE  1 
ATOM   1104 N NZ  . LYS B 1 45 ? 10.701  -10.933 -14.083 1.00 15.14 ? 45  LYS B NZ  1 
ATOM   1105 N N   . ILE B 1 46 ? 4.176   -9.947  -14.582 1.00 8.92  ? 46  ILE B N   1 
ATOM   1106 C CA  . ILE B 1 46 ? 2.757   -9.911  -14.257 1.00 11.14 ? 46  ILE B CA  1 
ATOM   1107 C C   . ILE B 1 46 ? 2.693   -9.859  -12.693 1.00 12.76 ? 46  ILE B C   1 
ATOM   1108 O O   . ILE B 1 46 ? 3.368   -10.627 -11.983 1.00 9.33  ? 46  ILE B O   1 
ATOM   1109 C CB  . ILE B 1 46 ? 1.973   -11.156 -14.890 1.00 8.08  ? 46  ILE B CB  1 
ATOM   1110 C CG1 . ILE B 1 46 ? 0.511   -11.003 -14.454 1.00 10.73 ? 46  ILE B CG1 1 
ATOM   1111 C CG2 . ILE B 1 46 ? 2.452   -12.513 -14.453 1.00 8.60  ? 46  ILE B CG2 1 
ATOM   1112 C CD1 . ILE B 1 46 ? -0.460  -11.413 -15.529 1.00 12.67 ? 46  ILE B CD1 1 
ATOM   1113 N N   . VAL B 1 47 ? 1.976   -8.832  -12.157 1.00 13.18 ? 47  VAL B N   1 
ATOM   1114 C CA  . VAL B 1 47 ? 1.828   -8.658  -10.708 1.00 9.32  ? 47  VAL B CA  1 
ATOM   1115 C C   . VAL B 1 47 ? 0.334   -8.547  -10.356 1.00 10.67 ? 47  VAL B C   1 
ATOM   1116 O O   . VAL B 1 47 ? -0.511  -8.325  -11.242 1.00 6.73  ? 47  VAL B O   1 
ATOM   1117 C CB  . VAL B 1 47 ? 2.664   -7.408  -10.238 1.00 8.29  ? 47  VAL B CB  1 
ATOM   1118 C CG1 . VAL B 1 47 ? 4.185   -7.645  -10.508 1.00 3.70  ? 47  VAL B CG1 1 
ATOM   1119 C CG2 . VAL B 1 47 ? 2.182   -6.196  -10.933 1.00 4.45  ? 47  VAL B CG2 1 
ATOM   1120 N N   . GLY B 1 48 ? 0.026   -8.823  -9.085  1.00 8.39  ? 48  GLY B N   1 
ATOM   1121 C CA  . GLY B 1 48 ? -1.362  -8.937  -8.664  1.00 8.61  ? 48  GLY B CA  1 
ATOM   1122 C C   . GLY B 1 48 ? -1.744  -7.925  -7.636  1.00 6.58  ? 48  GLY B C   1 
ATOM   1123 O O   . GLY B 1 48 ? -0.834  -7.270  -7.133  1.00 7.50  ? 48  GLY B O   1 
ATOM   1124 N N   . GLY B 1 49 ? -3.023  -7.784  -7.350  1.00 4.16  ? 49  GLY B N   1 
ATOM   1125 C CA  . GLY B 1 49 ? -3.449  -6.889  -6.319  1.00 6.20  ? 49  GLY B CA  1 
ATOM   1126 C C   . GLY B 1 49 ? -4.936  -7.002  -6.073  1.00 7.96  ? 49  GLY B C   1 
ATOM   1127 O O   . GLY B 1 49 ? -5.434  -8.084  -6.367  1.00 9.45  ? 49  GLY B O   1 
ATOM   1128 N N   . ILE B 1 50 ? -5.621  -6.001  -5.484  1.00 6.83  ? 50  ILE B N   1 
ATOM   1129 C CA  . ILE B 1 50 ? -7.087  -5.971  -5.411  1.00 8.80  ? 50  ILE B CA  1 
ATOM   1130 C C   . ILE B 1 50 ? -7.540  -5.712  -6.861  1.00 10.01 ? 50  ILE B C   1 
ATOM   1131 O O   . ILE B 1 50 ? -7.063  -4.764  -7.516  1.00 12.77 ? 50  ILE B O   1 
ATOM   1132 C CB  . ILE B 1 50 ? -7.596  -4.821  -4.450  1.00 8.78  ? 50  ILE B CB  1 
ATOM   1133 C CG1 . ILE B 1 50 ? -7.418  -5.439  -3.036  1.00 8.10  ? 50  ILE B CG1 1 
ATOM   1134 C CG2 . ILE B 1 50 ? -9.026  -4.301  -4.722  1.00 2.00  ? 50  ILE B CG2 1 
ATOM   1135 C CD1 . ILE B 1 50 ? -7.596  -4.529  -1.831  1.00 6.12  ? 50  ILE B CD1 1 
ATOM   1136 N N   . GLY B 1 51 ? -8.309  -6.684  -7.349  1.00 10.02 ? 51  GLY B N   1 
ATOM   1137 C CA  . GLY B 1 51 ? -8.918  -6.653  -8.668  1.00 9.29  ? 51  GLY B CA  1 
ATOM   1138 C C   . GLY B 1 51 ? -8.317  -7.578  -9.717  1.00 8.11  ? 51  GLY B C   1 
ATOM   1139 O O   . GLY B 1 51 ? -8.882  -7.762  -10.799 1.00 6.89  ? 51  GLY B O   1 
ATOM   1140 N N   . GLY B 1 52 ? -7.143  -8.098  -9.488  1.00 6.09  ? 52  GLY B N   1 
ATOM   1141 C CA  . GLY B 1 52 ? -6.582  -9.002  -10.446 1.00 6.56  ? 52  GLY B CA  1 
ATOM   1142 C C   . GLY B 1 52 ? -5.186  -8.567  -10.784 1.00 9.41  ? 52  GLY B C   1 
ATOM   1143 O O   . GLY B 1 52 ? -4.639  -7.602  -10.205 1.00 9.56  ? 52  GLY B O   1 
ATOM   1144 N N   . PHE B 1 53 ? -4.696  -9.363  -11.724 1.00 4.58  ? 53  PHE B N   1 
ATOM   1145 C CA  . PHE B 1 53 ? -3.330  -9.251  -12.194 1.00 9.48  ? 53  PHE B CA  1 
ATOM   1146 C C   . PHE B 1 53 ? -3.140  -8.221  -13.299 1.00 8.25  ? 53  PHE B C   1 
ATOM   1147 O O   . PHE B 1 53 ? -4.093  -7.928  -14.024 1.00 12.68 ? 53  PHE B O   1 
ATOM   1148 C CB  . PHE B 1 53 ? -2.880  -10.646 -12.635 1.00 9.75  ? 53  PHE B CB  1 
ATOM   1149 C CG  . PHE B 1 53 ? -2.916  -11.640 -11.505 1.00 8.72  ? 53  PHE B CG  1 
ATOM   1150 C CD1 . PHE B 1 53 ? -4.060  -12.421 -11.271 1.00 13.29 ? 53  PHE B CD1 1 
ATOM   1151 C CD2 . PHE B 1 53 ? -1.781  -11.852 -10.735 1.00 10.49 ? 53  PHE B CD2 1 
ATOM   1152 C CE1 . PHE B 1 53 ? -4.061  -13.404 -10.298 1.00 12.85 ? 53  PHE B CE1 1 
ATOM   1153 C CE2 . PHE B 1 53 ? -1.767  -12.839 -9.753  1.00 12.85 ? 53  PHE B CE2 1 
ATOM   1154 C CZ  . PHE B 1 53 ? -2.907  -13.610 -9.540  1.00 13.48 ? 53  PHE B CZ  1 
ATOM   1155 N N   . ILE B 1 54 ? -1.918  -7.745  -13.480 1.00 8.50  ? 54  ILE B N   1 
ATOM   1156 C CA  . ILE B 1 54 ? -1.587  -6.750  -14.483 1.00 6.41  ? 54  ILE B CA  1 
ATOM   1157 C C   . ILE B 1 54 ? -0.190  -7.078  -15.033 1.00 5.08  ? 54  ILE B C   1 
ATOM   1158 O O   . ILE B 1 54 ? 0.698   -7.594  -14.344 1.00 8.50  ? 54  ILE B O   1 
ATOM   1159 C CB  . ILE B 1 54 ? -1.788  -5.409  -13.669 1.00 8.41  ? 54  ILE B CB  1 
ATOM   1160 C CG1 . ILE B 1 54 ? -2.623  -4.477  -14.537 1.00 12.86 ? 54  ILE B CG1 1 
ATOM   1161 C CG2 . ILE B 1 54 ? -0.501  -4.695  -13.285 1.00 14.68 ? 54  ILE B CG2 1 
ATOM   1162 C CD1 . ILE B 1 54 ? -4.004  -4.205  -13.949 1.00 11.96 ? 54  ILE B CD1 1 
ATOM   1163 N N   . ASN B 1 55 ? -0.011  -6.876  -16.311 1.00 5.19  ? 55  ASN B N   1 
ATOM   1164 C CA  . ASN B 1 55 ? 1.240   -7.118  -17.006 1.00 5.91  ? 55  ASN B CA  1 
ATOM   1165 C C   . ASN B 1 55 ? 2.035   -5.844  -16.892 1.00 6.31  ? 55  ASN B C   1 
ATOM   1166 O O   . ASN B 1 55 ? 1.536   -4.755  -17.134 1.00 4.96  ? 55  ASN B O   1 
ATOM   1167 C CB  . ASN B 1 55 ? 1.033   -7.391  -18.442 1.00 10.19 ? 55  ASN B CB  1 
ATOM   1168 C CG  . ASN B 1 55 ? 0.799   -8.859  -18.628 1.00 18.87 ? 55  ASN B CG  1 
ATOM   1169 O OD1 . ASN B 1 55 ? -0.305  -9.200  -19.046 1.00 26.81 ? 55  ASN B OD1 1 
ATOM   1170 N ND2 . ASN B 1 55 ? 1.739   -9.750  -18.318 1.00 21.39 ? 55  ASN B ND2 1 
ATOM   1171 N N   . THR B 1 56 ? 3.276   -6.065  -16.582 1.00 6.85  ? 56  THR B N   1 
ATOM   1172 C CA  . THR B 1 56 ? 4.234   -5.033  -16.379 1.00 5.99  ? 56  THR B CA  1 
ATOM   1173 C C   . THR B 1 56 ? 5.460   -5.204  -17.277 1.00 5.57  ? 56  THR B C   1 
ATOM   1174 O O   . THR B 1 56 ? 5.750   -6.278  -17.817 1.00 4.27  ? 56  THR B O   1 
ATOM   1175 C CB  . THR B 1 56 ? 4.343   -5.245  -14.854 1.00 7.99  ? 56  THR B CB  1 
ATOM   1176 O OG1 . THR B 1 56 ? 3.735   -4.119  -14.204 1.00 16.15 ? 56  THR B OG1 1 
ATOM   1177 C CG2 . THR B 1 56 ? 5.739   -5.521  -14.421 1.00 5.88  ? 56  THR B CG2 1 
ATOM   1178 N N   . LYS B 1 57 ? 6.201   -4.117  -17.367 1.00 7.57  ? 57  LYS B N   1 
ATOM   1179 C CA  . LYS B 1 57 ? 7.454   -4.032  -18.118 1.00 7.62  ? 57  LYS B CA  1 
ATOM   1180 C C   . LYS B 1 57 ? 8.466   -3.560  -17.050 1.00 6.62  ? 57  LYS B C   1 
ATOM   1181 O O   . LYS B 1 57 ? 8.370   -2.451  -16.523 1.00 9.12  ? 57  LYS B O   1 
ATOM   1182 C CB  . LYS B 1 57 ? 7.401   -3.009  -19.213 1.00 8.89  ? 57  LYS B CB  1 
ATOM   1183 C CG  . LYS B 1 57 ? 6.533   -3.396  -20.366 1.00 11.20 ? 57  LYS B CG  1 
ATOM   1184 C CD  . LYS B 1 57 ? 6.922   -2.438  -21.491 1.00 14.81 ? 57  LYS B CD  1 
ATOM   1185 C CE  . LYS B 1 57 ? 5.979   -2.569  -22.669 1.00 15.92 ? 57  LYS B CE  1 
ATOM   1186 N NZ  . LYS B 1 57 ? 6.357   -1.618  -23.742 1.00 17.89 ? 57  LYS B NZ  1 
ATOM   1187 N N   . GLU B 1 58 ? 9.364   -4.420  -16.642 1.00 2.00  ? 58  GLU B N   1 
ATOM   1188 C CA  . GLU B 1 58 ? 10.369  -4.120  -15.665 1.00 2.78  ? 58  GLU B CA  1 
ATOM   1189 C C   . GLU B 1 58 ? 11.666  -3.541  -16.283 1.00 4.44  ? 58  GLU B C   1 
ATOM   1190 O O   . GLU B 1 58 ? 12.131  -4.041  -17.308 1.00 8.06  ? 58  GLU B O   1 
ATOM   1191 C CB  . GLU B 1 58 ? 10.625  -5.390  -14.954 1.00 2.71  ? 58  GLU B CB  1 
ATOM   1192 C CG  . GLU B 1 58 ? 11.290  -5.226  -13.630 1.00 10.94 ? 58  GLU B CG  1 
ATOM   1193 C CD  . GLU B 1 58 ? 11.834  -6.522  -13.078 1.00 13.23 ? 58  GLU B CD  1 
ATOM   1194 O OE1 . GLU B 1 58 ? 12.637  -7.206  -13.751 1.00 16.27 ? 58  GLU B OE1 1 
ATOM   1195 O OE2 . GLU B 1 58 ? 11.448  -6.847  -11.946 1.00 19.77 ? 58  GLU B OE2 1 
ATOM   1196 N N   . TYR B 1 59 ? 12.235  -2.495  -15.690 1.00 5.32  ? 59  TYR B N   1 
ATOM   1197 C CA  . TYR B 1 59 ? 13.456  -1.786  -16.052 1.00 5.41  ? 59  TYR B CA  1 
ATOM   1198 C C   . TYR B 1 59 ? 14.306  -1.659  -14.767 1.00 5.87  ? 59  TYR B C   1 
ATOM   1199 O O   . TYR B 1 59 ? 13.842  -1.094  -13.781 1.00 5.83  ? 59  TYR B O   1 
ATOM   1200 C CB  . TYR B 1 59 ? 13.170  -0.360  -16.564 1.00 4.01  ? 59  TYR B CB  1 
ATOM   1201 C CG  . TYR B 1 59 ? 12.306  -0.277  -17.781 1.00 5.27  ? 59  TYR B CG  1 
ATOM   1202 C CD1 . TYR B 1 59 ? 10.898  -0.274  -17.681 1.00 5.44  ? 59  TYR B CD1 1 
ATOM   1203 C CD2 . TYR B 1 59 ? 12.899  -0.201  -19.061 1.00 6.75  ? 59  TYR B CD2 1 
ATOM   1204 C CE1 . TYR B 1 59 ? 10.114  -0.203  -18.833 1.00 3.72  ? 59  TYR B CE1 1 
ATOM   1205 C CE2 . TYR B 1 59 ? 12.119  -0.118  -20.209 1.00 2.00  ? 59  TYR B CE2 1 
ATOM   1206 C CZ  . TYR B 1 59 ? 10.734  -0.118  -20.089 1.00 4.20  ? 59  TYR B CZ  1 
ATOM   1207 O OH  . TYR B 1 59 ? 9.955   -0.039  -21.238 1.00 5.60  ? 59  TYR B OH  1 
ATOM   1208 N N   . LYS B 1 60 ? 15.548  -2.135  -14.777 1.00 9.25  ? 60  LYS B N   1 
ATOM   1209 C CA  . LYS B 1 60 ? 16.549  -2.139  -13.693 1.00 8.94  ? 60  LYS B CA  1 
ATOM   1210 C C   . LYS B 1 60 ? 17.452  -0.944  -13.907 1.00 10.83 ? 60  LYS B C   1 
ATOM   1211 O O   . LYS B 1 60 ? 17.442  -0.404  -15.013 1.00 12.91 ? 60  LYS B O   1 
ATOM   1212 C CB  . LYS B 1 60 ? 17.474  -3.353  -13.752 1.00 10.55 ? 60  LYS B CB  1 
ATOM   1213 C CG  . LYS B 1 60 ? 16.904  -4.780  -13.810 1.00 12.94 ? 60  LYS B CG  1 
ATOM   1214 C CD  . LYS B 1 60 ? 16.379  -5.232  -12.460 1.00 15.61 ? 60  LYS B CD  1 
ATOM   1215 C CE  . LYS B 1 60 ? 16.924  -6.570  -11.987 1.00 17.15 ? 60  LYS B CE  1 
ATOM   1216 N NZ  . LYS B 1 60 ? 16.338  -7.767  -12.660 1.00 19.49 ? 60  LYS B NZ  1 
ATOM   1217 N N   . ASN B 1 61 ? 18.236  -0.574  -12.885 1.00 16.13 ? 61  ASN B N   1 
ATOM   1218 C CA  . ASN B 1 61 ? 19.209  0.552   -12.889 1.00 19.21 ? 61  ASN B CA  1 
ATOM   1219 C C   . ASN B 1 61 ? 18.712  1.878   -13.494 1.00 16.91 ? 61  ASN B C   1 
ATOM   1220 O O   . ASN B 1 61 ? 19.309  2.450   -14.421 1.00 19.05 ? 61  ASN B O   1 
ATOM   1221 C CB  . ASN B 1 61 ? 20.522  0.084   -13.633 1.00 24.92 ? 61  ASN B CB  1 
ATOM   1222 C CG  . ASN B 1 61 ? 21.307  -1.020  -12.910 1.00 32.64 ? 61  ASN B CG  1 
ATOM   1223 O OD1 . ASN B 1 61 ? 20.865  -2.173  -12.806 1.00 32.94 ? 61  ASN B OD1 1 
ATOM   1224 N ND2 . ASN B 1 61 ? 22.484  -0.729  -12.338 1.00 35.54 ? 61  ASN B ND2 1 
ATOM   1225 N N   . VAL B 1 62 ? 17.618  2.354   -12.922 1.00 13.39 ? 62  VAL B N   1 
ATOM   1226 C CA  . VAL B 1 62 ? 16.938  3.575   -13.316 1.00 11.45 ? 62  VAL B CA  1 
ATOM   1227 C C   . VAL B 1 62 ? 17.241  4.706   -12.304 1.00 15.34 ? 62  VAL B C   1 
ATOM   1228 O O   . VAL B 1 62 ? 17.189  4.554   -11.071 1.00 14.42 ? 62  VAL B O   1 
ATOM   1229 C CB  . VAL B 1 62 ? 15.390  3.319   -13.395 1.00 12.31 ? 62  VAL B CB  1 
ATOM   1230 C CG1 . VAL B 1 62 ? 14.706  4.578   -13.887 1.00 9.71  ? 62  VAL B CG1 1 
ATOM   1231 C CG2 . VAL B 1 62 ? 15.071  2.134   -14.303 1.00 8.38  ? 62  VAL B CG2 1 
ATOM   1232 N N   . LYS B 1 63 ? 17.593  5.847   -12.883 1.00 15.19 ? 63  LYS B N   1 
ATOM   1233 C CA  . LYS B 1 63 ? 17.921  7.044   -12.148 1.00 15.47 ? 63  LYS B CA  1 
ATOM   1234 C C   . LYS B 1 63 ? 16.593  7.604   -11.618 1.00 13.43 ? 63  LYS B C   1 
ATOM   1235 O O   . LYS B 1 63 ? 15.707  7.869   -12.457 1.00 13.99 ? 63  LYS B O   1 
ATOM   1236 C CB  . LYS B 1 63 ? 18.634  7.932   -13.153 1.00 17.79 ? 63  LYS B CB  1 
ATOM   1237 C CG  . LYS B 1 63 ? 19.412  9.062   -12.573 1.00 24.27 ? 63  LYS B CG  1 
ATOM   1238 C CD  . LYS B 1 63 ? 20.005  9.839   -13.744 1.00 33.30 ? 63  LYS B CD  1 
ATOM   1239 C CE  . LYS B 1 63 ? 19.456  11.271  -13.884 1.00 34.62 ? 63  LYS B CE  1 
ATOM   1240 N NZ  . LYS B 1 63 ? 20.056  12.252  -12.933 1.00 37.24 ? 63  LYS B NZ  1 
ATOM   1241 N N   . ILE B 1 64 ? 16.475  7.720   -10.287 1.00 9.54  ? 64  ILE B N   1 
ATOM   1242 C CA  . ILE B 1 64 ? 15.297  8.225   -9.580  1.00 7.58  ? 64  ILE B CA  1 
ATOM   1243 C C   . ILE B 1 64 ? 15.725  9.319   -8.586  1.00 7.41  ? 64  ILE B C   1 
ATOM   1244 O O   . ILE B 1 64 ? 16.691  9.192   -7.858  1.00 8.41  ? 64  ILE B O   1 
ATOM   1245 C CB  . ILE B 1 64 ? 14.569  7.066   -8.803  1.00 6.90  ? 64  ILE B CB  1 
ATOM   1246 C CG1 . ILE B 1 64 ? 13.888  6.131   -9.792  1.00 3.19  ? 64  ILE B CG1 1 
ATOM   1247 C CG2 . ILE B 1 64 ? 13.422  7.587   -7.929  1.00 4.09  ? 64  ILE B CG2 1 
ATOM   1248 C CD1 . ILE B 1 64 ? 13.944  4.750   -9.264  1.00 3.54  ? 64  ILE B CD1 1 
ATOM   1249 N N   . GLU B 1 65 ? 15.026  10.424  -8.530  1.00 10.32 ? 65  GLU B N   1 
ATOM   1250 C CA  . GLU B 1 65 ? 15.293  11.555  -7.657  1.00 11.37 ? 65  GLU B CA  1 
ATOM   1251 C C   . GLU B 1 65 ? 13.961  11.725  -6.895  1.00 11.19 ? 65  GLU B C   1 
ATOM   1252 O O   . GLU B 1 65 ? 12.959  11.944  -7.583  1.00 15.83 ? 65  GLU B O   1 
ATOM   1253 C CB  . GLU B 1 65 ? 15.628  12.819  -8.527  1.00 12.44 ? 65  GLU B CB  1 
ATOM   1254 C CG  . GLU B 1 65 ? 16.726  12.698  -9.637  1.00 20.14 ? 65  GLU B CG  1 
ATOM   1255 C CD  . GLU B 1 65 ? 16.432  13.383  -10.988 1.00 25.72 ? 65  GLU B CD  1 
ATOM   1256 O OE1 . GLU B 1 65 ? 16.368  14.645  -10.983 1.00 27.06 ? 65  GLU B OE1 1 
ATOM   1257 O OE2 . GLU B 1 65 ? 16.257  12.675  -12.035 1.00 21.97 ? 65  GLU B OE2 1 
ATOM   1258 N N   . VAL B 1 66 ? 13.793  11.567  -5.581  1.00 9.88  ? 66  VAL B N   1 
ATOM   1259 C CA  . VAL B 1 66 ? 12.524  11.753  -4.864  1.00 8.25  ? 66  VAL B CA  1 
ATOM   1260 C C   . VAL B 1 66 ? 12.966  12.189  -3.455  1.00 8.54  ? 66  VAL B C   1 
ATOM   1261 O O   . VAL B 1 66 ? 13.974  11.693  -2.939  1.00 6.52  ? 66  VAL B O   1 
ATOM   1262 C CB  . VAL B 1 66 ? 11.666  10.409  -4.837  1.00 7.36  ? 66  VAL B CB  1 
ATOM   1263 C CG1 . VAL B 1 66 ? 12.291  9.294   -4.023  1.00 6.77  ? 66  VAL B CG1 1 
ATOM   1264 C CG2 . VAL B 1 66 ? 10.319  10.735  -4.224  1.00 2.00  ? 66  VAL B CG2 1 
ATOM   1265 N N   . LEU B 1 67 ? 12.262  13.170  -2.888  1.00 8.55  ? 67  LEU B N   1 
ATOM   1266 C CA  . LEU B 1 67 ? 12.496  13.751  -1.566  1.00 10.22 ? 67  LEU B CA  1 
ATOM   1267 C C   . LEU B 1 67 ? 13.922  14.206  -1.189  1.00 12.37 ? 67  LEU B C   1 
ATOM   1268 O O   . LEU B 1 67 ? 14.357  14.064  -0.054  1.00 15.22 ? 67  LEU B O   1 
ATOM   1269 C CB  . LEU B 1 67 ? 11.970  12.764  -0.503  1.00 10.25 ? 67  LEU B CB  1 
ATOM   1270 C CG  . LEU B 1 67 ? 10.494  12.367  -0.429  1.00 12.48 ? 67  LEU B CG  1 
ATOM   1271 C CD1 . LEU B 1 67 ? 10.503  10.858  -0.386  1.00 12.66 ? 67  LEU B CD1 1 
ATOM   1272 C CD2 . LEU B 1 67 ? 9.773   12.894  0.791   1.00 10.49 ? 67  LEU B CD2 1 
ATOM   1273 N N   . GLY B 1 68 ? 14.672  14.856  -2.063  1.00 14.72 ? 68  GLY B N   1 
ATOM   1274 C CA  . GLY B 1 68 ? 16.038  15.233  -1.741  1.00 17.15 ? 68  GLY B CA  1 
ATOM   1275 C C   . GLY B 1 68 ? 17.067  14.107  -1.896  1.00 21.41 ? 68  GLY B C   1 
ATOM   1276 O O   . GLY B 1 68 ? 18.265  14.344  -1.672  1.00 26.61 ? 68  GLY B O   1 
ATOM   1277 N N   . LYS B 1 69 ? 16.682  12.901  -2.270  1.00 20.59 ? 69  LYS B N   1 
ATOM   1278 C CA  . LYS B 1 69 ? 17.584  11.787  -2.430  1.00 19.05 ? 69  LYS B CA  1 
ATOM   1279 C C   . LYS B 1 69 ? 17.607  11.520  -3.904  1.00 19.17 ? 69  LYS B C   1 
ATOM   1280 O O   . LYS B 1 69 ? 16.757  11.972  -4.653  1.00 19.72 ? 69  LYS B O   1 
ATOM   1281 C CB  . LYS B 1 69 ? 17.050  10.537  -1.738  1.00 23.56 ? 69  LYS B CB  1 
ATOM   1282 C CG  . LYS B 1 69 ? 17.103  10.446  -0.217  1.00 27.31 ? 69  LYS B CG  1 
ATOM   1283 C CD  . LYS B 1 69 ? 18.482  10.114  0.359   1.00 27.52 ? 69  LYS B CD  1 
ATOM   1284 C CE  . LYS B 1 69 ? 18.965  8.695   0.061   1.00 32.12 ? 69  LYS B CE  1 
ATOM   1285 N NZ  . LYS B 1 69 ? 20.334  8.413   0.606   1.00 30.70 ? 69  LYS B NZ  1 
ATOM   1286 N N   . ARG B 1 70 ? 18.541  10.708  -4.291  1.00 20.98 ? 70  ARG B N   1 
ATOM   1287 C CA  . ARG B 1 70 ? 18.746  10.289  -5.655  1.00 22.40 ? 70  ARG B CA  1 
ATOM   1288 C C   . ARG B 1 70 ? 19.151  8.857   -5.376  1.00 21.97 ? 70  ARG B C   1 
ATOM   1289 O O   . ARG B 1 70 ? 19.978  8.600   -4.480  1.00 22.29 ? 70  ARG B O   1 
ATOM   1290 C CB  . ARG B 1 70 ? 19.871  11.082  -6.261  1.00 25.70 ? 70  ARG B CB  1 
ATOM   1291 C CG  . ARG B 1 70 ? 20.626  10.408  -7.385  1.00 30.97 ? 70  ARG B CG  1 
ATOM   1292 C CD  . ARG B 1 70 ? 20.036  10.516  -8.776  1.00 36.20 ? 70  ARG B CD  1 
ATOM   1293 N NE  . ARG B 1 70 ? 20.890  9.762   -9.683  1.00 39.50 ? 70  ARG B NE  1 
ATOM   1294 C CZ  . ARG B 1 70 ? 22.163  10.051  -9.952  1.00 43.27 ? 70  ARG B CZ  1 
ATOM   1295 N NH1 . ARG B 1 70 ? 22.788  11.091  -9.399  1.00 43.09 ? 70  ARG B NH1 1 
ATOM   1296 N NH2 . ARG B 1 70 ? 22.837  9.274   -10.796 1.00 46.50 ? 70  ARG B NH2 1 
ATOM   1297 N N   . ILE B 1 71 ? 18.459  7.971   -6.069  1.00 21.58 ? 71  ILE B N   1 
ATOM   1298 C CA  . ILE B 1 71 ? 18.650  6.523   -5.990  1.00 20.13 ? 71  ILE B CA  1 
ATOM   1299 C C   . ILE B 1 71 ? 18.534  5.994   -7.409  1.00 18.10 ? 71  ILE B C   1 
ATOM   1300 O O   . ILE B 1 71 ? 18.162  6.707   -8.350  1.00 16.63 ? 71  ILE B O   1 
ATOM   1301 C CB  . ILE B 1 71 ? 17.576  5.754   -5.098  1.00 20.50 ? 71  ILE B CB  1 
ATOM   1302 C CG1 . ILE B 1 71 ? 16.172  6.385   -5.223  1.00 20.79 ? 71  ILE B CG1 1 
ATOM   1303 C CG2 . ILE B 1 71 ? 18.056  5.753   -3.652  1.00 17.36 ? 71  ILE B CG2 1 
ATOM   1304 C CD1 . ILE B 1 71 ? 15.030  5.519   -4.724  1.00 15.26 ? 71  ILE B CD1 1 
ATOM   1305 N N   . LYS B 1 72 ? 18.931  4.741   -7.495  1.00 17.78 ? 72  LYS B N   1 
ATOM   1306 C CA  . LYS B 1 72 ? 18.944  3.949   -8.712  1.00 18.11 ? 72  LYS B CA  1 
ATOM   1307 C C   . LYS B 1 72 ? 18.118  2.725   -8.317  1.00 18.56 ? 72  LYS B C   1 
ATOM   1308 O O   . LYS B 1 72 ? 18.328  2.212   -7.201  1.00 19.91 ? 72  LYS B O   1 
ATOM   1309 C CB  . LYS B 1 72 ? 20.344  3.541   -9.016  1.00 16.72 ? 72  LYS B CB  1 
ATOM   1310 C CG  . LYS B 1 72 ? 20.602  3.491   -10.474 1.00 22.21 ? 72  LYS B CG  1 
ATOM   1311 C CD  . LYS B 1 72 ? 21.770  4.418   -10.690 1.00 27.91 ? 72  LYS B CD  1 
ATOM   1312 C CE  . LYS B 1 72 ? 21.329  5.813   -11.146 1.00 28.52 ? 72  LYS B CE  1 
ATOM   1313 N NZ  . LYS B 1 72 ? 20.819  5.761   -12.552 1.00 30.66 ? 72  LYS B NZ  1 
ATOM   1314 N N   . GLY B 1 73 ? 17.196  2.249   -9.141  1.00 16.15 ? 73  GLY B N   1 
ATOM   1315 C CA  . GLY B 1 73 ? 16.392  1.133   -8.706  1.00 15.45 ? 73  GLY B CA  1 
ATOM   1316 C C   . GLY B 1 73 ? 15.526  0.640   -9.816  1.00 15.54 ? 73  GLY B C   1 
ATOM   1317 O O   . GLY B 1 73 ? 15.591  1.197   -10.910 1.00 15.66 ? 73  GLY B O   1 
ATOM   1318 N N   . THR B 1 74 ? 14.728  -0.389  -9.533  1.00 14.32 ? 74  THR B N   1 
ATOM   1319 C CA  . THR B 1 74 ? 13.887  -1.013  -10.536 1.00 11.48 ? 74  THR B CA  1 
ATOM   1320 C C   . THR B 1 74 ? 12.490  -0.429  -10.644 1.00 11.35 ? 74  THR B C   1 
ATOM   1321 O O   . THR B 1 74 ? 11.822  -0.332  -9.592  1.00 10.01 ? 74  THR B O   1 
ATOM   1322 C CB  . THR B 1 74 ? 13.811  -2.532  -10.213 1.00 12.96 ? 74  THR B CB  1 
ATOM   1323 O OG1 . THR B 1 74 ? 15.155  -3.049  -10.246 1.00 17.09 ? 74  THR B OG1 1 
ATOM   1324 C CG2 . THR B 1 74 ? 13.039  -3.332  -11.242 1.00 13.28 ? 74  THR B CG2 1 
ATOM   1325 N N   . ILE B 1 75 ? 12.072  0.065   -11.813 1.00 8.04  ? 75  ILE B N   1 
ATOM   1326 C CA  . ILE B 1 75 ? 10.717  0.547   -11.858 1.00 6.00  ? 75  ILE B CA  1 
ATOM   1327 C C   . ILE B 1 75 ? 10.024  -0.270  -12.938 1.00 5.76  ? 75  ILE B C   1 
ATOM   1328 O O   . ILE B 1 75 ? 10.647  -0.810  -13.863 1.00 5.66  ? 75  ILE B O   1 
ATOM   1329 C CB  . ILE B 1 75 ? 10.500  2.065   -12.191 1.00 5.96  ? 75  ILE B CB  1 
ATOM   1330 C CG1 . ILE B 1 75 ? 11.010  2.483   -13.514 1.00 7.41  ? 75  ILE B CG1 1 
ATOM   1331 C CG2 . ILE B 1 75 ? 11.192  2.865   -11.118 1.00 3.62  ? 75  ILE B CG2 1 
ATOM   1332 C CD1 . ILE B 1 75 ? 10.242  3.752   -13.745 1.00 12.09 ? 75  ILE B CD1 1 
ATOM   1333 N N   . MET B 1 76 ? 8.740   -0.493  -12.742 1.00 6.14  ? 76  MET B N   1 
ATOM   1334 C CA  . MET B 1 76 ? 7.930   -1.239  -13.696 1.00 5.72  ? 76  MET B CA  1 
ATOM   1335 C C   . MET B 1 76 ? 6.946   -0.238  -14.291 1.00 5.89  ? 76  MET B C   1 
ATOM   1336 O O   . MET B 1 76 ? 6.435   0.620   -13.551 1.00 5.03  ? 76  MET B O   1 
ATOM   1337 C CB  . MET B 1 76 ? 7.093   -2.287  -13.040 1.00 5.03  ? 76  MET B CB  1 
ATOM   1338 C CG  . MET B 1 76 ? 7.773   -3.504  -12.506 1.00 9.32  ? 76  MET B CG  1 
ATOM   1339 S SD  . MET B 1 76 ? 6.549   -4.509  -11.639 1.00 9.26  ? 76  MET B SD  1 
ATOM   1340 C CE  . MET B 1 76 ? 7.560   -5.964  -11.269 1.00 5.55  ? 76  MET B CE  1 
ATOM   1341 N N   . THR B 1 77 ? 6.700   -0.282  -15.579 1.00 6.09  ? 77  THR B N   1 
ATOM   1342 C CA  . THR B 1 77 ? 5.742   0.645   -16.154 1.00 11.48 ? 77  THR B CA  1 
ATOM   1343 C C   . THR B 1 77 ? 4.540   -0.247  -16.610 1.00 13.70 ? 77  THR B C   1 
ATOM   1344 O O   . THR B 1 77 ? 4.752   -1.430  -16.943 1.00 14.99 ? 77  THR B O   1 
ATOM   1345 C CB  . THR B 1 77 ? 6.426   1.423   -17.328 1.00 10.54 ? 77  THR B CB  1 
ATOM   1346 O OG1 . THR B 1 77 ? 6.575   0.515   -18.440 1.00 12.60 ? 77  THR B OG1 1 
ATOM   1347 C CG2 . THR B 1 77 ? 7.780   2.010   -16.899 1.00 2.31  ? 77  THR B CG2 1 
ATOM   1348 N N   . GLY B 1 78 ? 3.284   0.193   -16.571 1.00 12.12 ? 78  GLY B N   1 
ATOM   1349 C CA  . GLY B 1 78 ? 2.163   -0.640  -16.977 1.00 13.25 ? 78  GLY B CA  1 
ATOM   1350 C C   . GLY B 1 78 ? 0.852   0.099   -16.837 1.00 13.62 ? 78  GLY B C   1 
ATOM   1351 O O   . GLY B 1 78 ? 0.884   1.279   -16.495 1.00 14.68 ? 78  GLY B O   1 
ATOM   1352 N N   . ASP B 1 79 ? -0.317  -0.474  -17.046 1.00 11.24 ? 79  ASP B N   1 
ATOM   1353 C CA  . ASP B 1 79 ? -1.528  0.271   -16.889 1.00 12.38 ? 79  ASP B CA  1 
ATOM   1354 C C   . ASP B 1 79 ? -2.017  0.172   -15.464 1.00 11.93 ? 79  ASP B C   1 
ATOM   1355 O O   . ASP B 1 79 ? -2.919  -0.563  -15.112 1.00 12.83 ? 79  ASP B O   1 
ATOM   1356 C CB  . ASP B 1 79 ? -2.522  -0.269  -17.897 1.00 21.21 ? 79  ASP B CB  1 
ATOM   1357 C CG  . ASP B 1 79 ? -2.153  0.224   -19.276 1.00 27.42 ? 79  ASP B CG  1 
ATOM   1358 O OD1 . ASP B 1 79 ? -1.120  -0.222  -19.834 1.00 34.40 ? 79  ASP B OD1 1 
ATOM   1359 O OD2 . ASP B 1 79 ? -2.879  1.106   -19.792 1.00 33.83 ? 79  ASP B OD2 1 
ATOM   1360 N N   . THR B 1 80 ? -1.351  0.921   -14.630 1.00 13.30 ? 80  THR B N   1 
ATOM   1361 C CA  . THR B 1 80 ? -1.671  0.977   -13.226 1.00 11.09 ? 80  THR B CA  1 
ATOM   1362 C C   . THR B 1 80 ? -2.484  2.282   -13.139 1.00 9.67  ? 80  THR B C   1 
ATOM   1363 O O   . THR B 1 80 ? -2.148  3.323   -13.736 1.00 6.00  ? 80  THR B O   1 
ATOM   1364 C CB  . THR B 1 80 ? -0.353  1.016   -12.383 1.00 11.89 ? 80  THR B CB  1 
ATOM   1365 O OG1 . THR B 1 80 ? -0.786  1.036   -11.024 1.00 15.66 ? 80  THR B OG1 1 
ATOM   1366 C CG2 . THR B 1 80 ? 0.573   2.199   -12.642 1.00 9.70  ? 80  THR B CG2 1 
ATOM   1367 N N   . PRO B 1 81 ? -3.629  2.221   -12.450 1.00 9.86  ? 81  PRO B N   1 
ATOM   1368 C CA  . PRO B 1 81 ? -4.517  3.363   -12.245 1.00 10.19 ? 81  PRO B CA  1 
ATOM   1369 C C   . PRO B 1 81 ? -3.878  4.366   -11.298 1.00 10.67 ? 81  PRO B C   1 
ATOM   1370 O O   . PRO B 1 81 ? -4.323  5.521   -11.331 1.00 11.61 ? 81  PRO B O   1 
ATOM   1371 C CB  . PRO B 1 81 ? -5.803  2.744   -11.697 1.00 10.13 ? 81  PRO B CB  1 
ATOM   1372 C CG  . PRO B 1 81 ? -5.225  1.667   -10.829 1.00 10.70 ? 81  PRO B CG  1 
ATOM   1373 C CD  . PRO B 1 81 ? -4.225  1.044   -11.787 1.00 9.08  ? 81  PRO B CD  1 
ATOM   1374 N N   . ILE B 1 82 ? -2.922  3.942   -10.439 1.00 8.73  ? 82  ILE B N   1 
ATOM   1375 C CA  . ILE B 1 82 ? -2.269  4.853   -9.487  1.00 8.73  ? 82  ILE B CA  1 
ATOM   1376 C C   . ILE B 1 82 ? -0.791  4.578   -9.609  1.00 6.15  ? 82  ILE B C   1 
ATOM   1377 O O   . ILE B 1 82 ? -0.446  3.401   -9.712  1.00 5.41  ? 82  ILE B O   1 
ATOM   1378 C CB  . ILE B 1 82 ? -2.620  4.623   -7.969  1.00 12.01 ? 82  ILE B CB  1 
ATOM   1379 C CG1 . ILE B 1 82 ? -4.042  4.126   -7.719  1.00 15.61 ? 82  ILE B CG1 1 
ATOM   1380 C CG2 . ILE B 1 82 ? -2.513  5.988   -7.293  1.00 14.49 ? 82  ILE B CG2 1 
ATOM   1381 C CD1 . ILE B 1 82 ? -4.134  2.774   -6.996  1.00 20.11 ? 82  ILE B CD1 1 
ATOM   1382 N N   . ASN B 1 83 ? 0.039   5.628   -9.621  1.00 5.69  ? 83  ASN B N   1 
ATOM   1383 C CA  . ASN B 1 83 ? 1.507   5.515   -9.724  1.00 4.27  ? 83  ASN B CA  1 
ATOM   1384 C C   . ASN B 1 83 ? 1.902   5.215   -8.289  1.00 3.15  ? 83  ASN B C   1 
ATOM   1385 O O   . ASN B 1 83 ? 1.498   5.905   -7.352  1.00 2.91  ? 83  ASN B O   1 
ATOM   1386 C CB  . ASN B 1 83 ? 2.162   6.783   -10.168 1.00 2.00  ? 83  ASN B CB  1 
ATOM   1387 C CG  . ASN B 1 83 ? 1.910   7.118   -11.613 1.00 3.64  ? 83  ASN B CG  1 
ATOM   1388 O OD1 . ASN B 1 83 ? 1.713   6.261   -12.486 1.00 6.82  ? 83  ASN B OD1 1 
ATOM   1389 N ND2 . ASN B 1 83 ? 1.925   8.411   -11.882 1.00 2.45  ? 83  ASN B ND2 1 
ATOM   1390 N N   . ILE B 1 84 ? 2.740   4.218   -8.153  1.00 2.00  ? 84  ILE B N   1 
ATOM   1391 C CA  . ILE B 1 84 ? 3.150   3.757   -6.875  1.00 4.68  ? 84  ILE B CA  1 
ATOM   1392 C C   . ILE B 1 84 ? 4.587   3.492   -6.608  1.00 2.00  ? 84  ILE B C   1 
ATOM   1393 O O   . ILE B 1 84 ? 5.173   2.938   -7.515  1.00 6.37  ? 84  ILE B O   1 
ATOM   1394 C CB  . ILE B 1 84 ? 2.189   2.512   -6.733  1.00 5.92  ? 84  ILE B CB  1 
ATOM   1395 C CG1 . ILE B 1 84 ? 1.070   2.920   -5.791  1.00 9.05  ? 84  ILE B CG1 1 
ATOM   1396 C CG2 . ILE B 1 84 ? 2.881   1.244   -6.289  1.00 7.70  ? 84  ILE B CG2 1 
ATOM   1397 C CD1 . ILE B 1 84 ? -0.018  1.897   -5.964  1.00 8.64  ? 84  ILE B CD1 1 
ATOM   1398 N N   . PHE B 1 85 ? 5.124   3.792   -5.427  1.00 2.00  ? 85  PHE B N   1 
ATOM   1399 C CA  . PHE B 1 85 ? 6.527   3.507   -5.100  1.00 2.39  ? 85  PHE B CA  1 
ATOM   1400 C C   . PHE B 1 85 ? 6.354   2.561   -3.935  1.00 2.00  ? 85  PHE B C   1 
ATOM   1401 O O   . PHE B 1 85 ? 5.735   2.937   -2.944  1.00 2.89  ? 85  PHE B O   1 
ATOM   1402 C CB  . PHE B 1 85 ? 7.314   4.737   -4.640  1.00 5.15  ? 85  PHE B CB  1 
ATOM   1403 C CG  . PHE B 1 85 ? 8.186   5.478   -5.651  1.00 4.10  ? 85  PHE B CG  1 
ATOM   1404 C CD1 . PHE B 1 85 ? 8.009   5.377   -7.040  1.00 4.28  ? 85  PHE B CD1 1 
ATOM   1405 C CD2 . PHE B 1 85 ? 9.219   6.324   -5.179  1.00 8.55  ? 85  PHE B CD2 1 
ATOM   1406 C CE1 . PHE B 1 85 ? 8.838   6.099   -7.940  1.00 8.99  ? 85  PHE B CE1 1 
ATOM   1407 C CE2 . PHE B 1 85 ? 10.049  7.046   -6.065  1.00 8.24  ? 85  PHE B CE2 1 
ATOM   1408 C CZ  . PHE B 1 85 ? 9.860   6.934   -7.461  1.00 5.52  ? 85  PHE B CZ  1 
ATOM   1409 N N   . GLY B 1 86 ? 6.777   1.328   -4.126  1.00 2.00  ? 86  GLY B N   1 
ATOM   1410 C CA  . GLY B 1 86 ? 6.626   0.242   -3.182  1.00 2.00  ? 86  GLY B CA  1 
ATOM   1411 C C   . GLY B 1 86 ? 7.875   0.086   -2.375  1.00 2.11  ? 86  GLY B C   1 
ATOM   1412 O O   . GLY B 1 86 ? 8.814   0.880   -2.487  1.00 2.00  ? 86  GLY B O   1 
ATOM   1413 N N   . ARG B 1 87 ? 7.916   -0.961  -1.563  1.00 4.24  ? 87  ARG B N   1 
ATOM   1414 C CA  . ARG B 1 87 ? 9.009   -1.175  -0.605  1.00 5.76  ? 87  ARG B CA  1 
ATOM   1415 C C   . ARG B 1 87 ? 10.359  -1.258  -1.278  1.00 5.15  ? 87  ARG B C   1 
ATOM   1416 O O   . ARG B 1 87 ? 11.313  -0.826  -0.638  1.00 8.05  ? 87  ARG B O   1 
ATOM   1417 C CB  . ARG B 1 87 ? 8.794   -2.443  0.237   1.00 5.83  ? 87  ARG B CB  1 
ATOM   1418 C CG  . ARG B 1 87 ? 7.644   -2.388  1.256   1.00 5.79  ? 87  ARG B CG  1 
ATOM   1419 C CD  . ARG B 1 87 ? 7.528   -3.659  2.013   1.00 2.00  ? 87  ARG B CD  1 
ATOM   1420 N NE  . ARG B 1 87 ? 7.310   -4.792  1.124   1.00 2.00  ? 87  ARG B NE  1 
ATOM   1421 C CZ  . ARG B 1 87 ? 8.169   -5.766  0.861   1.00 3.61  ? 87  ARG B CZ  1 
ATOM   1422 N NH1 . ARG B 1 87 ? 9.411   -5.767  1.333   1.00 2.00  ? 87  ARG B NH1 1 
ATOM   1423 N NH2 . ARG B 1 87 ? 7.796   -6.731  0.048   1.00 2.00  ? 87  ARG B NH2 1 
ATOM   1424 N N   . ASN B 1 88 ? 10.510  -1.743  -2.503  1.00 6.27  ? 88  ASN B N   1 
ATOM   1425 C CA  . ASN B 1 88 ? 11.831  -1.778  -3.150  1.00 6.30  ? 88  ASN B CA  1 
ATOM   1426 C C   . ASN B 1 88 ? 12.451  -0.361  -3.235  1.00 4.57  ? 88  ASN B C   1 
ATOM   1427 O O   . ASN B 1 88 ? 13.637  -0.221  -3.009  1.00 4.47  ? 88  ASN B O   1 
ATOM   1428 C CB  . ASN B 1 88 ? 11.729  -2.376  -4.570  1.00 6.23  ? 88  ASN B CB  1 
ATOM   1429 C CG  . ASN B 1 88 ? 11.072  -1.475  -5.590  1.00 9.45  ? 88  ASN B CG  1 
ATOM   1430 O OD1 . ASN B 1 88 ? 9.969   -0.949  -5.396  1.00 10.66 ? 88  ASN B OD1 1 
ATOM   1431 N ND2 . ASN B 1 88 ? 11.799  -1.218  -6.663  1.00 12.14 ? 88  ASN B ND2 1 
ATOM   1432 N N   . LEU B 1 89 ? 11.715  0.712   -3.531  1.00 7.28  ? 89  LEU B N   1 
ATOM   1433 C CA  . LEU B 1 89 ? 12.234  2.071   -3.615  1.00 4.93  ? 89  LEU B CA  1 
ATOM   1434 C C   . LEU B 1 89 ? 12.118  2.689   -2.256  1.00 3.72  ? 89  LEU B C   1 
ATOM   1435 O O   . LEU B 1 89 ? 13.029  3.447   -1.951  1.00 13.54 ? 89  LEU B O   1 
ATOM   1436 C CB  . LEU B 1 89 ? 11.475  2.915   -4.648  1.00 6.26  ? 89  LEU B CB  1 
ATOM   1437 C CG  . LEU B 1 89 ? 11.804  2.616   -6.150  1.00 7.76  ? 89  LEU B CG  1 
ATOM   1438 C CD1 . LEU B 1 89 ? 11.180  3.655   -7.006  1.00 3.26  ? 89  LEU B CD1 1 
ATOM   1439 C CD2 . LEU B 1 89 ? 13.306  2.705   -6.457  1.00 7.23  ? 89  LEU B CD2 1 
ATOM   1440 N N   . LEU B 1 90 ? 11.156  2.431   -1.379  1.00 4.51  ? 90  LEU B N   1 
ATOM   1441 C CA  . LEU B 1 90 ? 11.110  3.054   -0.048  1.00 3.49  ? 90  LEU B CA  1 
ATOM   1442 C C   . LEU B 1 90 ? 12.284  2.544   0.844   1.00 6.21  ? 90  LEU B C   1 
ATOM   1443 O O   . LEU B 1 90 ? 12.828  3.326   1.665   1.00 4.11  ? 90  LEU B O   1 
ATOM   1444 C CB  . LEU B 1 90 ? 9.751   2.769   0.641   1.00 3.16  ? 90  LEU B CB  1 
ATOM   1445 C CG  . LEU B 1 90 ? 8.467   3.337   0.053   1.00 3.78  ? 90  LEU B CG  1 
ATOM   1446 C CD1 . LEU B 1 90 ? 7.253   2.781   0.780   1.00 5.14  ? 90  LEU B CD1 1 
ATOM   1447 C CD2 . LEU B 1 90 ? 8.412   4.794   0.268   1.00 5.77  ? 90  LEU B CD2 1 
ATOM   1448 N N   . THR B 1 91 ? 12.726  1.270   0.712   1.00 5.32  ? 91  THR B N   1 
ATOM   1449 C CA  . THR B 1 91 ? 13.839  0.797   1.530   1.00 7.83  ? 91  THR B CA  1 
ATOM   1450 C C   . THR B 1 91 ? 15.118  1.487   1.087   1.00 9.38  ? 91  THR B C   1 
ATOM   1451 O O   . THR B 1 91 ? 15.938  1.746   1.949   1.00 14.13 ? 91  THR B O   1 
ATOM   1452 C CB  . THR B 1 91 ? 14.104  -0.659  1.393   1.00 6.51  ? 91  THR B CB  1 
ATOM   1453 O OG1 . THR B 1 91 ? 14.019  -1.047  0.016   1.00 10.53 ? 91  THR B OG1 1 
ATOM   1454 C CG2 . THR B 1 91 ? 13.113  -1.395  2.217   1.00 8.23  ? 91  THR B CG2 1 
ATOM   1455 N N   . ALA B 1 92 ? 15.289  1.792   -0.214  1.00 11.42 ? 92  ALA B N   1 
ATOM   1456 C CA  . ALA B 1 92 ? 16.471  2.457   -0.769  1.00 9.67  ? 92  ALA B CA  1 
ATOM   1457 C C   . ALA B 1 92 ? 16.605  3.845   -0.134  1.00 9.95  ? 92  ALA B C   1 
ATOM   1458 O O   . ALA B 1 92 ? 17.698  4.316   0.118   1.00 12.24 ? 92  ALA B O   1 
ATOM   1459 C CB  . ALA B 1 92 ? 16.297  2.524   -2.249  1.00 7.25  ? 92  ALA B CB  1 
ATOM   1460 N N   . LEU B 1 93 ? 15.524  4.536   0.151   1.00 10.80 ? 93  LEU B N   1 
ATOM   1461 C CA  . LEU B 1 93 ? 15.524  5.844   0.787   1.00 7.37  ? 93  LEU B CA  1 
ATOM   1462 C C   . LEU B 1 93 ? 15.586  5.661   2.336   1.00 8.28  ? 93  LEU B C   1 
ATOM   1463 O O   . LEU B 1 93 ? 15.506  6.635   3.060   1.00 7.83  ? 93  LEU B O   1 
ATOM   1464 C CB  . LEU B 1 93 ? 14.244  6.542   0.468   1.00 8.54  ? 93  LEU B CB  1 
ATOM   1465 C CG  . LEU B 1 93 ? 13.787  6.496   -0.951  1.00 12.54 ? 93  LEU B CG  1 
ATOM   1466 C CD1 . LEU B 1 93 ? 12.351  6.975   -1.049  1.00 12.23 ? 93  LEU B CD1 1 
ATOM   1467 C CD2 . LEU B 1 93 ? 14.747  7.341   -1.771  1.00 16.33 ? 93  LEU B CD2 1 
ATOM   1468 N N   . GLY B 1 94 ? 15.556  4.481   2.922   1.00 5.71  ? 94  GLY B N   1 
ATOM   1469 C CA  . GLY B 1 94 ? 15.620  4.304   4.340   1.00 5.49  ? 94  GLY B CA  1 
ATOM   1470 C C   . GLY B 1 94 ? 14.394  4.791   5.067   1.00 8.59  ? 94  GLY B C   1 
ATOM   1471 O O   . GLY B 1 94 ? 14.528  5.237   6.227   1.00 12.53 ? 94  GLY B O   1 
ATOM   1472 N N   . MET B 1 95 ? 13.213  4.759   4.442   1.00 7.72  ? 95  MET B N   1 
ATOM   1473 C CA  . MET B 1 95 ? 11.972  5.210   5.120   1.00 4.41  ? 95  MET B CA  1 
ATOM   1474 C C   . MET B 1 95 ? 11.465  4.105   6.024   1.00 3.56  ? 95  MET B C   1 
ATOM   1475 O O   . MET B 1 95 ? 11.885  2.943   5.858   1.00 5.23  ? 95  MET B O   1 
ATOM   1476 C CB  . MET B 1 95 ? 10.806  5.535   4.166   1.00 5.22  ? 95  MET B CB  1 
ATOM   1477 C CG  . MET B 1 95 ? 11.091  6.458   3.007   1.00 7.38  ? 95  MET B CG  1 
ATOM   1478 S SD  . MET B 1 95 ? 9.564   7.143   2.341   1.00 14.17 ? 95  MET B SD  1 
ATOM   1479 C CE  . MET B 1 95 ? 9.120   8.180   3.731   1.00 4.56  ? 95  MET B CE  1 
ATOM   1480 N N   . SER B 1 96 ? 10.593  4.383   6.955   1.00 2.00  ? 96  SER B N   1 
ATOM   1481 C CA  . SER B 1 96 ? 10.133  3.296   7.781   1.00 8.66  ? 96  SER B CA  1 
ATOM   1482 C C   . SER B 1 96 ? 8.787   3.696   8.333   1.00 9.34  ? 96  SER B C   1 
ATOM   1483 O O   . SER B 1 96 ? 8.413   4.879   8.200   1.00 16.52 ? 96  SER B O   1 
ATOM   1484 C CB  . SER B 1 96 ? 11.152  3.024   8.939   1.00 12.73 ? 96  SER B CB  1 
ATOM   1485 O OG  . SER B 1 96 ? 11.267  4.092   9.893   1.00 16.71 ? 96  SER B OG  1 
ATOM   1486 N N   . LEU B 1 97 ? 8.061   2.753   8.888   1.00 9.64  ? 97  LEU B N   1 
ATOM   1487 C CA  . LEU B 1 97 ? 6.752   3.018   9.486   1.00 8.84  ? 97  LEU B CA  1 
ATOM   1488 C C   . LEU B 1 97 ? 7.073   3.076   10.967  1.00 7.83  ? 97  LEU B C   1 
ATOM   1489 O O   . LEU B 1 97 ? 7.747   2.173   11.466  1.00 3.87  ? 97  LEU B O   1 
ATOM   1490 C CB  . LEU B 1 97 ? 5.811   1.873   9.262   1.00 7.59  ? 97  LEU B CB  1 
ATOM   1491 C CG  . LEU B 1 97 ? 4.826   2.020   8.164   1.00 7.47  ? 97  LEU B CG  1 
ATOM   1492 C CD1 . LEU B 1 97 ? 4.233   0.662   7.987   1.00 2.95  ? 97  LEU B CD1 1 
ATOM   1493 C CD2 . LEU B 1 97 ? 3.768   3.102   8.478   1.00 7.92  ? 97  LEU B CD2 1 
ATOM   1494 N N   . ASN B 1 98 ? 6.538   4.064   11.646  1.00 8.66  ? 98  ASN B N   1 
ATOM   1495 C CA  . ASN B 1 98 ? 6.765   4.265   13.054  1.00 10.39 ? 98  ASN B CA  1 
ATOM   1496 C C   . ASN B 1 98 ? 5.488   4.431   13.874  1.00 13.51 ? 98  ASN B C   1 
ATOM   1497 O O   . ASN B 1 98 ? 4.542   5.102   13.437  1.00 14.80 ? 98  ASN B O   1 
ATOM   1498 C CB  . ASN B 1 98 ? 7.639   5.513   13.242  1.00 13.63 ? 98  ASN B CB  1 
ATOM   1499 C CG  . ASN B 1 98 ? 9.078   5.222   12.921  1.00 18.95 ? 98  ASN B CG  1 
ATOM   1500 O OD1 . ASN B 1 98 ? 9.768   4.646   13.765  1.00 23.07 ? 98  ASN B OD1 1 
ATOM   1501 N ND2 . ASN B 1 98 ? 9.569   5.578   11.742  1.00 19.64 ? 98  ASN B ND2 1 
ATOM   1502 N N   . LEU B 1 99 ? 5.533   3.850   15.075  1.00 15.30 ? 99  LEU B N   1 
ATOM   1503 C CA  . LEU B 1 99 ? 4.471   3.856   16.070  1.00 13.45 ? 99  LEU B CA  1 
ATOM   1504 C C   . LEU B 1 99 ? 5.166   4.344   17.353  1.00 13.42 ? 99  LEU B C   1 
ATOM   1505 O O   . LEU B 1 99 ? 6.268   3.879   17.732  1.00 14.18 ? 99  LEU B O   1 
ATOM   1506 C CB  . LEU B 1 99 ? 3.892   2.443   16.280  1.00 13.02 ? 99  LEU B CB  1 
ATOM   1507 C CG  . LEU B 1 99 ? 2.391   2.288   16.463  1.00 7.04  ? 99  LEU B CG  1 
ATOM   1508 C CD1 . LEU B 1 99 ? 2.147   1.501   17.694  1.00 10.48 ? 99  LEU B CD1 1 
ATOM   1509 C CD2 . LEU B 1 99 ? 1.707   3.624   16.583  1.00 7.85  ? 99  LEU B CD2 1 
ATOM   1510 O OXT . LEU B 1 99 ? 4.633   5.264   17.963  1.00 15.47 ? 99  LEU B OXT 1 
HETATM 1511 C C1  . IM1 C 2 .  ? -13.944 5.711   1.266   1.00 44.14 ? 400 IM1 A C1  1 
HETATM 1512 C C2  . IM1 C 2 .  ? -14.680 5.488   2.592   1.00 44.98 ? 400 IM1 A C2  1 
HETATM 1513 C C3  . IM1 C 2 .  ? -14.905 6.456   0.342   1.00 45.90 ? 400 IM1 A C3  1 
HETATM 1514 C C4  . IM1 C 2 .  ? -12.715 6.609   1.501   1.00 44.74 ? 400 IM1 A C4  1 
HETATM 1515 O O5  . IM1 C 2 .  ? -13.601 4.431   0.780   1.00 40.20 ? 400 IM1 A O5  1 
HETATM 1516 C C6  . IM1 C 2 .  ? -13.482 4.094   -0.574  1.00 35.41 ? 400 IM1 A C6  1 
HETATM 1517 O O7  . IM1 C 2 .  ? -14.256 3.205   -0.956  1.00 34.91 ? 400 IM1 A O7  1 
HETATM 1518 N N8  . IM1 C 2 .  ? -12.555 4.731   -1.332  1.00 28.09 ? 400 IM1 A N8  1 
HETATM 1519 C C9  . IM1 C 2 .  ? -12.331 4.473   -2.743  1.00 21.34 ? 400 IM1 A C9  1 
HETATM 1520 C C10 . IM1 C 2 .  ? -12.271 5.773   -3.577  1.00 28.64 ? 400 IM1 A C10 1 
HETATM 1521 C C11 . IM1 C 2 .  ? -13.024 5.623   -4.897  1.00 36.97 ? 400 IM1 A C11 1 
HETATM 1522 C C12 . IM1 C 2 .  ? -14.356 5.150   -4.907  1.00 41.34 ? 400 IM1 A C12 1 
HETATM 1523 C C13 . IM1 C 2 .  ? -15.039 4.969   -6.122  1.00 40.18 ? 400 IM1 A C13 1 
HETATM 1524 C C14 . IM1 C 2 .  ? -14.400 5.262   -7.326  1.00 39.66 ? 400 IM1 A C14 1 
HETATM 1525 C C15 . IM1 C 2 .  ? -13.085 5.733   -7.319  1.00 36.88 ? 400 IM1 A C15 1 
HETATM 1526 C C16 . IM1 C 2 .  ? -12.397 5.915   -6.113  1.00 37.71 ? 400 IM1 A C16 1 
HETATM 1527 C C17 . IM1 C 2 .  ? -11.048 3.706   -2.957  1.00 15.68 ? 400 IM1 A C17 1 
HETATM 1528 O O18 . IM1 C 2 .  ? -11.254 2.933   -4.132  1.00 15.48 ? 400 IM1 A O18 1 
HETATM 1529 C C19 . IM1 C 2 .  ? -9.702  4.397   -3.061  1.00 13.06 ? 400 IM1 A C19 1 
HETATM 1530 C C20 . IM1 C 2 .  ? -8.775  3.242   -3.379  1.00 15.53 ? 400 IM1 A C20 1 
HETATM 1531 C C21 . IM1 C 2 .  ? -7.796  3.536   -4.463  1.00 22.20 ? 400 IM1 A C21 1 
HETATM 1532 C C22 . IM1 C 2 .  ? -6.986  4.761   -4.453  1.00 26.12 ? 400 IM1 A C22 1 
HETATM 1533 C C23 . IM1 C 2 .  ? -7.427  5.847   -5.212  1.00 28.46 ? 400 IM1 A C23 1 
HETATM 1534 C C24 . IM1 C 2 .  ? -6.611  6.964   -5.315  1.00 31.08 ? 400 IM1 A C24 1 
HETATM 1535 C C25 . IM1 C 2 .  ? -5.377  6.974   -4.654  1.00 34.99 ? 400 IM1 A C25 1 
HETATM 1536 C C26 . IM1 C 2 .  ? -4.967  5.872   -3.892  1.00 33.09 ? 400 IM1 A C26 1 
HETATM 1537 C C27 . IM1 C 2 .  ? -5.779  4.745   -3.785  1.00 27.89 ? 400 IM1 A C27 1 
HETATM 1538 C C28 . IM1 C 2 .  ? -7.967  2.611   -2.292  1.00 14.94 ? 400 IM1 A C28 1 
HETATM 1539 O O29 . IM1 C 2 .  ? -7.355  3.161   -1.366  1.00 2.12  ? 400 IM1 A O29 1 
HETATM 1540 N N30 . IM1 C 2 .  ? -8.062  1.302   -2.464  1.00 16.40 ? 400 IM1 A N30 1 
HETATM 1541 C C31 . IM1 C 2 .  ? -7.395  0.465   -1.502  1.00 17.86 ? 400 IM1 A C31 1 
HETATM 1542 C C32 . IM1 C 2 .  ? -8.521  -0.224  -0.667  1.00 14.23 ? 400 IM1 A C32 1 
HETATM 1543 C C33 . IM1 C 2 .  ? -7.910  -0.792  0.570   1.00 16.30 ? 400 IM1 A C33 1 
HETATM 1544 C C34 . IM1 C 2 .  ? -9.524  0.774   -0.088  1.00 7.94  ? 400 IM1 A C34 1 
HETATM 1545 C C35 . IM1 C 2 .  ? -6.444  -0.462  -2.217  1.00 17.19 ? 400 IM1 A C35 1 
HETATM 1546 N N36 . IM1 C 2 .  ? -5.162  -0.150  -2.030  1.00 21.95 ? 400 IM1 A N36 1 
HETATM 1547 C C37 . IM1 C 2 .  ? -4.459  -1.045  -2.796  1.00 20.73 ? 400 IM1 A C37 1 
HETATM 1548 C C38 . IM1 C 2 .  ? -5.430  -1.848  -3.410  1.00 19.73 ? 400 IM1 A C38 1 
HETATM 1549 N N39 . IM1 C 2 .  ? -6.702  -1.452  -3.024  1.00 19.97 ? 400 IM1 A N39 1 
HETATM 1550 C C1  . IM1 D 2 .  ? 8.227   -10.352 -5.697  1.00 39.66 ? 600 IM1 B C1  1 
HETATM 1551 C C2  . IM1 D 2 .  ? 9.178   -9.301  -5.106  1.00 40.54 ? 600 IM1 B C2  1 
HETATM 1552 C C3  . IM1 D 2 .  ? 9.041   -11.304 -6.584  1.00 42.17 ? 600 IM1 B C3  1 
HETATM 1553 C C4  . IM1 D 2 .  ? 7.692   -11.089 -4.446  1.00 36.19 ? 600 IM1 B C4  1 
HETATM 1554 O O5  . IM1 D 2 .  ? 7.379   -9.710  -6.648  1.00 36.53 ? 600 IM1 B O5  1 
HETATM 1555 C C6  . IM1 D 2 .  ? 6.042   -9.934  -7.033  1.00 29.91 ? 600 IM1 B C6  1 
HETATM 1556 O O7  . IM1 D 2 .  ? 5.620   -9.547  -8.124  1.00 31.37 ? 600 IM1 B O7  1 
HETATM 1557 N N8  . IM1 D 2 .  ? 5.224   -10.552 -6.202  1.00 26.76 ? 600 IM1 B N8  1 
HETATM 1558 C C9  . IM1 D 2 .  ? 3.845   -10.841 -6.437  1.00 15.38 ? 600 IM1 B C9  1 
HETATM 1559 C C10 . IM1 D 2 .  ? 3.522   -11.841 -5.368  1.00 12.98 ? 600 IM1 B C10 1 
HETATM 1560 C C11 . IM1 D 2 .  ? 3.159   -13.120 -6.046  1.00 18.40 ? 600 IM1 B C11 1 
HETATM 1561 C C12 . IM1 D 2 .  ? 4.074   -14.167 -6.031  1.00 18.76 ? 600 IM1 B C12 1 
HETATM 1562 C C13 . IM1 D 2 .  ? 3.745   -15.349 -6.687  1.00 27.80 ? 600 IM1 B C13 1 
HETATM 1563 C C14 . IM1 D 2 .  ? 2.494   -15.463 -7.351  1.00 29.10 ? 600 IM1 B C14 1 
HETATM 1564 C C15 . IM1 D 2 .  ? 1.586   -14.397 -7.346  1.00 23.02 ? 600 IM1 B C15 1 
HETATM 1565 C C16 . IM1 D 2 .  ? 1.918   -13.221 -6.691  1.00 18.59 ? 600 IM1 B C16 1 
HETATM 1566 C C17 . IM1 D 2 .  ? 3.021   -9.558  -6.402  1.00 12.93 ? 600 IM1 B C17 1 
HETATM 1567 O O18 . IM1 D 2 .  ? 1.819   -9.982  -7.043  1.00 13.95 ? 600 IM1 B O18 1 
HETATM 1568 C C19 . IM1 D 2 .  ? 2.884   -9.070  -4.960  1.00 8.92  ? 600 IM1 B C19 1 
HETATM 1569 C C20 . IM1 D 2 .  ? 1.691   -8.273  -4.573  1.00 14.60 ? 600 IM1 B C20 1 
HETATM 1570 C C21 . IM1 D 2 .  ? 1.029   -8.675  -3.226  1.00 19.27 ? 600 IM1 B C21 1 
HETATM 1571 C C22 . IM1 D 2 .  ? 0.514   -10.085 -3.290  1.00 22.95 ? 600 IM1 B C22 1 
HETATM 1572 C C23 . IM1 D 2 .  ? -0.238  -10.514 -4.393  1.00 24.72 ? 600 IM1 B C23 1 
HETATM 1573 C C24 . IM1 D 2 .  ? -0.670  -11.840 -4.452  1.00 29.77 ? 600 IM1 B C24 1 
HETATM 1574 C C25 . IM1 D 2 .  ? -0.352  -12.727 -3.412  1.00 32.69 ? 600 IM1 B C25 1 
HETATM 1575 C C26 . IM1 D 2 .  ? 0.406   -12.273 -2.309  1.00 30.22 ? 600 IM1 B C26 1 
HETATM 1576 C C27 . IM1 D 2 .  ? 0.839   -10.950 -2.249  1.00 23.45 ? 600 IM1 B C27 1 
HETATM 1577 C C28 . IM1 D 2 .  ? 1.963   -6.806  -4.421  1.00 12.35 ? 600 IM1 B C28 1 
HETATM 1578 O O29 . IM1 D 2 .  ? 2.754   -6.237  -3.674  1.00 8.82  ? 600 IM1 B O29 1 
HETATM 1579 N N30 . IM1 D 2 .  ? 1.192   -6.187  -5.242  1.00 12.71 ? 600 IM1 B N30 1 
HETATM 1580 C C31 . IM1 D 2 .  ? 1.295   -4.785  -5.251  1.00 17.41 ? 600 IM1 B C31 1 
HETATM 1581 C C32 . IM1 D 2 .  ? 2.000   -4.520  -6.602  1.00 15.27 ? 600 IM1 B C32 1 
HETATM 1582 C C33 . IM1 D 2 .  ? 1.322   -3.598  -7.538  1.00 19.84 ? 600 IM1 B C33 1 
HETATM 1583 C C34 . IM1 D 2 .  ? 3.355   -3.968  -6.168  1.00 14.27 ? 600 IM1 B C34 1 
HETATM 1584 C C35 . IM1 D 2 .  ? -0.121  -4.376  -5.020  1.00 15.39 ? 600 IM1 B C35 1 
HETATM 1585 N N36 . IM1 D 2 .  ? -1.046  -4.014  -5.835  1.00 18.67 ? 600 IM1 B N36 1 
HETATM 1586 C C37 . IM1 D 2 .  ? -1.976  -3.473  -4.994  1.00 20.60 ? 600 IM1 B C37 1 
HETATM 1587 C C38 . IM1 D 2 .  ? -1.526  -3.563  -3.692  1.00 20.53 ? 600 IM1 B C38 1 
HETATM 1588 N N39 . IM1 D 2 .  ? -0.306  -4.164  -3.748  1.00 18.40 ? 600 IM1 B N39 1 
HETATM 1589 O O   . HOH E 3 .  ? 13.798  0.954   5.209   1.00 9.50  ? 501 HOH A O   1 
HETATM 1590 O O   . HOH E 3 .  ? 8.093   -10.157 3.279   1.00 17.19 ? 502 HOH A O   1 
HETATM 1591 O O   . HOH E 3 .  ? -10.748 -7.759  19.322  1.00 27.56 ? 503 HOH A O   1 
HETATM 1592 O O   . HOH E 3 .  ? -3.290  6.209   0.740   1.00 4.76  ? 504 HOH A O   1 
HETATM 1593 O O   . HOH E 3 .  ? -4.812  5.294   -1.141  1.00 8.10  ? 505 HOH A O   1 
HETATM 1594 O O   . HOH E 3 .  ? -21.987 0.122   7.808   1.00 23.57 ? 506 HOH A O   1 
HETATM 1595 O O   . HOH E 3 .  ? -4.577  -3.434  -5.636  1.00 7.41  ? 507 HOH A O   1 
HETATM 1596 O O   . HOH E 3 .  ? -12.609 -2.426  -13.150 1.00 7.97  ? 508 HOH A O   1 
HETATM 1597 O O   . HOH E 3 .  ? -1.354  -1.720  -1.513  1.00 2.24  ? 515 HOH A O   1 
HETATM 1598 O O   . HOH E 3 .  ? 2.644   -12.055 13.946  1.00 24.76 ? 516 HOH A O   1 
HETATM 1599 O O   . HOH E 3 .  ? -16.593 2.978   12.937  1.00 16.50 ? 517 HOH A O   1 
HETATM 1600 O O   . HOH E 3 .  ? -12.163 3.870   10.663  1.00 4.16  ? 518 HOH A O   1 
HETATM 1601 O O   . HOH E 3 .  ? -25.195 -11.752 5.197   1.00 17.87 ? 519 HOH A O   1 
HETATM 1602 O O   . HOH E 3 .  ? 0.035   -6.925  17.369  1.00 7.23  ? 524 HOH A O   1 
HETATM 1603 O O   . HOH E 3 .  ? -18.521 -10.515 6.044   1.00 16.72 ? 527 HOH A O   1 
HETATM 1604 O O   . HOH E 3 .  ? -8.942  -9.339  -5.786  1.00 19.02 ? 528 HOH A O   1 
HETATM 1605 O O   . HOH E 3 .  ? -16.119 -11.797 15.697  1.00 19.79 ? 529 HOH A O   1 
HETATM 1606 O O   . HOH E 3 .  ? -22.530 -10.882 5.549   1.00 20.44 ? 530 HOH A O   1 
HETATM 1607 O O   . HOH E 3 .  ? -12.536 0.856   6.131   1.00 22.43 ? 531 HOH A O   1 
HETATM 1608 O O   . HOH F 3 .  ? -1.084  9.097   11.681  1.00 6.96  ? 509 HOH B O   1 
HETATM 1609 O O   . HOH F 3 .  ? 13.459  6.268   9.175   1.00 23.45 ? 510 HOH B O   1 
HETATM 1610 O O   . HOH F 3 .  ? 0.236   11.376  4.940   1.00 2.74  ? 511 HOH B O   1 
HETATM 1611 O O   . HOH F 3 .  ? 11.717  15.133  -7.540  1.00 13.23 ? 512 HOH B O   1 
HETATM 1612 O O   . HOH F 3 .  ? 9.691   -2.203  -9.374  1.00 5.65  ? 513 HOH B O   1 
HETATM 1613 O O   . HOH F 3 .  ? 16.503  3.037   -17.999 1.00 11.44 ? 514 HOH B O   1 
HETATM 1614 O O   . HOH F 3 .  ? 14.941  -5.363  -16.688 1.00 10.97 ? 520 HOH B O   1 
HETATM 1615 O O   . HOH F 3 .  ? 17.574  -1.921  -9.989  1.00 14.45 ? 521 HOH B O   1 
HETATM 1616 O O   . HOH F 3 .  ? 2.979   -6.339  -0.645  1.00 2.12  ? 522 HOH B O   1 
HETATM 1617 O O   . HOH F 3 .  ? 16.163  -1.368  -2.073  1.00 23.55 ? 523 HOH B O   1 
HETATM 1618 O O   . HOH F 3 .  ? -1.416  13.534  6.678   1.00 19.19 ? 525 HOH B O   1 
HETATM 1619 O O   . HOH F 3 .  ? 4.581   -4.736  1.131   1.00 12.41 ? 526 HOH B O   1 
HETATM 1620 O O   . HOH F 3 .  ? 16.468  0.343   -18.656 1.00 15.72 ? 532 HOH B O   1 
HETATM 1621 O O   . HOH F 3 .  ? 16.524  -3.469  -18.148 1.00 18.75 ? 533 HOH B O   1 
HETATM 1622 O O   . HOH F 3 .  ? -0.669  -3.120  -17.470 1.00 17.12 ? 534 HOH B O   1 
HETATM 1623 O O   . HOH F 3 .  ? -1.853  -4.635  -1.186  1.00 8.83  ? 535 HOH B O   1 
# 
